data_2FVE
#
_entry.id   2FVE
#
_entity_poly.entity_id   1
_entity_poly.type   'polypeptide(L)'
_entity_poly.pdbx_seq_one_letter_code
;AKKETIDKVSDIVKEKLALGADVVVTADSEFSKLGADSLDTVEIVMNLEEEFGINVDEDKAQDISTIQQAADVIEGLLEK
KA
;
_entity_poly.pdbx_strand_id   A
#
# COMPACT_ATOMS: atom_id res chain seq x y z
N ALA A 1 10.72 -5.85 -2.91
CA ALA A 1 10.62 -4.64 -2.10
C ALA A 1 11.57 -4.71 -0.91
N LYS A 2 11.71 -3.58 -0.21
CA LYS A 2 12.59 -3.50 0.95
C LYS A 2 11.79 -3.27 2.23
N LYS A 3 12.42 -3.49 3.37
CA LYS A 3 11.76 -3.30 4.66
C LYS A 3 11.42 -1.83 4.89
N GLU A 4 12.19 -0.95 4.25
CA GLU A 4 11.96 0.49 4.39
C GLU A 4 10.69 0.91 3.66
N THR A 5 10.50 0.38 2.45
CA THR A 5 9.32 0.71 1.65
C THR A 5 8.05 0.23 2.33
N ILE A 6 8.08 -1.00 2.83
CA ILE A 6 6.92 -1.57 3.51
C ILE A 6 6.44 -0.67 4.65
N ASP A 7 7.39 -0.07 5.36
CA ASP A 7 7.07 0.82 6.46
C ASP A 7 6.34 2.07 5.96
N LYS A 8 6.80 2.60 4.83
CA LYS A 8 6.20 3.79 4.25
C LYS A 8 4.75 3.53 3.85
N VAL A 9 4.53 2.47 3.08
CA VAL A 9 3.20 2.11 2.63
C VAL A 9 2.28 1.81 3.81
N SER A 10 2.73 0.93 4.70
CA SER A 10 1.96 0.57 5.88
C SER A 10 1.55 1.80 6.66
N ASP A 11 2.44 2.78 6.75
CA ASP A 11 2.18 4.01 7.46
C ASP A 11 0.97 4.73 6.88
N ILE A 12 0.90 4.78 5.55
CA ILE A 12 -0.20 5.44 4.86
C ILE A 12 -1.48 4.60 4.94
N VAL A 13 -1.35 3.30 4.70
CA VAL A 13 -2.49 2.40 4.74
C VAL A 13 -3.12 2.38 6.13
N LYS A 14 -2.31 2.04 7.13
CA LYS A 14 -2.79 1.99 8.51
C LYS A 14 -3.45 3.31 8.91
N GLU A 15 -2.96 4.41 8.35
CA GLU A 15 -3.49 5.73 8.65
C GLU A 15 -4.90 5.87 8.09
N LYS A 16 -5.17 5.19 6.99
CA LYS A 16 -6.48 5.24 6.34
C LYS A 16 -7.46 4.29 7.03
N LEU A 17 -6.93 3.26 7.67
CA LEU A 17 -7.76 2.28 8.36
C LEU A 17 -7.88 2.63 9.85
N ALA A 18 -7.05 3.57 10.30
CA ALA A 18 -7.08 4.00 11.69
C ALA A 18 -6.07 5.11 11.94
N LEU A 19 -5.95 5.52 13.20
CA LEU A 19 -5.02 6.58 13.57
C LEU A 19 -3.57 6.09 13.48
N GLY A 20 -3.40 4.77 13.54
CA GLY A 20 -2.06 4.20 13.46
C GLY A 20 -1.54 3.74 14.80
N ALA A 21 -2.15 4.25 15.87
CA ALA A 21 -1.73 3.90 17.22
C ALA A 21 -2.61 2.78 17.78
N ASP A 22 -3.83 2.68 17.26
CA ASP A 22 -4.77 1.66 17.71
C ASP A 22 -4.91 0.56 16.67
N VAL A 23 -4.01 0.55 15.69
CA VAL A 23 -4.03 -0.44 14.63
C VAL A 23 -2.65 -1.07 14.43
N VAL A 24 -2.64 -2.32 13.97
CA VAL A 24 -1.39 -3.04 13.74
C VAL A 24 -1.34 -3.61 12.32
N VAL A 25 -0.50 -3.01 11.49
CA VAL A 25 -0.34 -3.46 10.10
C VAL A 25 1.05 -4.03 9.86
N THR A 26 1.11 -5.07 9.03
CA THR A 26 2.39 -5.70 8.72
C THR A 26 2.39 -6.24 7.28
N ALA A 27 3.54 -6.77 6.86
CA ALA A 27 3.68 -7.31 5.51
C ALA A 27 2.79 -8.53 5.32
N ASP A 28 2.49 -9.22 6.43
CA ASP A 28 1.65 -10.41 6.39
C ASP A 28 0.17 -10.04 6.47
N SER A 29 -0.10 -8.84 6.98
CA SER A 29 -1.47 -8.37 7.11
C SER A 29 -2.10 -8.11 5.75
N GLU A 30 -3.36 -8.51 5.60
CA GLU A 30 -4.08 -8.32 4.34
C GLU A 30 -5.00 -7.11 4.42
N PHE A 31 -5.02 -6.30 3.36
CA PHE A 31 -5.85 -5.12 3.31
C PHE A 31 -7.30 -5.47 3.63
N SER A 32 -7.72 -6.66 3.24
CA SER A 32 -9.09 -7.11 3.48
C SER A 32 -9.28 -7.50 4.94
N LYS A 33 -8.23 -8.05 5.55
CA LYS A 33 -8.28 -8.47 6.94
C LYS A 33 -8.19 -7.27 7.87
N LEU A 34 -7.43 -6.26 7.46
CA LEU A 34 -7.26 -5.04 8.26
C LEU A 34 -8.57 -4.27 8.35
N GLY A 35 -9.46 -4.52 7.39
CA GLY A 35 -10.74 -3.84 7.38
C GLY A 35 -10.86 -2.86 6.23
N ALA A 36 -10.04 -3.05 5.20
CA ALA A 36 -10.06 -2.18 4.04
C ALA A 36 -10.90 -2.78 2.92
N ASP A 37 -12.05 -2.17 2.65
CA ASP A 37 -12.95 -2.64 1.60
C ASP A 37 -12.49 -2.15 0.24
N SER A 38 -13.24 -2.51 -0.80
CA SER A 38 -12.91 -2.11 -2.16
C SER A 38 -12.78 -0.59 -2.27
N LEU A 39 -13.54 0.12 -1.45
CA LEU A 39 -13.52 1.58 -1.44
C LEU A 39 -12.27 2.09 -0.72
N ASP A 40 -11.75 1.28 0.19
CA ASP A 40 -10.56 1.66 0.95
C ASP A 40 -9.29 1.38 0.14
N THR A 41 -9.16 0.16 -0.34
CA THR A 41 -8.00 -0.23 -1.14
C THR A 41 -7.69 0.80 -2.22
N VAL A 42 -8.71 1.13 -3.01
CA VAL A 42 -8.55 2.11 -4.08
C VAL A 42 -7.92 3.40 -3.56
N GLU A 43 -8.27 3.76 -2.34
CA GLU A 43 -7.73 4.97 -1.72
C GLU A 43 -6.28 4.79 -1.31
N ILE A 44 -5.94 3.56 -0.94
CA ILE A 44 -4.58 3.23 -0.53
C ILE A 44 -3.58 3.53 -1.64
N VAL A 45 -3.84 2.99 -2.82
CA VAL A 45 -2.96 3.21 -3.97
C VAL A 45 -2.91 4.68 -4.37
N MET A 46 -4.02 5.38 -4.17
CA MET A 46 -4.11 6.80 -4.49
C MET A 46 -3.17 7.61 -3.61
N ASN A 47 -3.24 7.38 -2.30
CA ASN A 47 -2.41 8.09 -1.34
C ASN A 47 -0.93 7.74 -1.54
N LEU A 48 -0.67 6.51 -1.98
CA LEU A 48 0.68 6.04 -2.21
C LEU A 48 1.26 6.65 -3.48
N GLU A 49 0.47 6.65 -4.55
CA GLU A 49 0.89 7.20 -5.83
C GLU A 49 1.35 8.64 -5.66
N GLU A 50 0.65 9.39 -4.83
CA GLU A 50 0.98 10.80 -4.58
C GLU A 50 2.21 10.91 -3.69
N GLU A 51 2.42 9.91 -2.84
CA GLU A 51 3.56 9.89 -1.94
C GLU A 51 4.85 9.62 -2.69
N PHE A 52 4.87 8.54 -3.47
CA PHE A 52 6.04 8.17 -4.25
C PHE A 52 5.99 8.78 -5.64
N GLY A 53 5.06 9.71 -5.85
CA GLY A 53 4.92 10.35 -7.14
C GLY A 53 4.82 9.35 -8.28
N ILE A 54 4.30 8.17 -7.98
CA ILE A 54 4.15 7.13 -8.98
C ILE A 54 2.70 7.03 -9.46
N ASN A 55 2.44 6.12 -10.40
CA ASN A 55 1.11 5.93 -10.94
C ASN A 55 0.90 4.48 -11.36
N VAL A 56 -0.25 3.92 -10.96
CA VAL A 56 -0.57 2.53 -11.29
C VAL A 56 -2.07 2.34 -11.45
N ASP A 57 -2.46 1.49 -12.37
CA ASP A 57 -3.88 1.22 -12.63
C ASP A 57 -4.43 0.23 -11.59
N GLU A 58 -5.71 0.37 -11.27
CA GLU A 58 -6.36 -0.50 -10.30
C GLU A 58 -6.38 -1.94 -10.80
N ASP A 59 -6.72 -2.12 -12.07
CA ASP A 59 -6.78 -3.45 -12.67
C ASP A 59 -5.44 -4.16 -12.53
N LYS A 60 -4.37 -3.39 -12.45
CA LYS A 60 -3.03 -3.96 -12.32
C LYS A 60 -2.73 -4.30 -10.87
N ALA A 61 -3.38 -3.59 -9.94
CA ALA A 61 -3.19 -3.83 -8.52
C ALA A 61 -4.24 -4.78 -7.96
N GLN A 62 -4.78 -5.62 -8.83
CA GLN A 62 -5.81 -6.58 -8.42
C GLN A 62 -5.22 -7.65 -7.52
N ASP A 63 -4.12 -8.25 -7.96
CA ASP A 63 -3.46 -9.30 -7.19
C ASP A 63 -3.08 -8.79 -5.79
N ILE A 64 -2.90 -7.48 -5.68
CA ILE A 64 -2.53 -6.87 -4.41
C ILE A 64 -3.49 -7.30 -3.30
N SER A 65 -2.94 -7.87 -2.23
CA SER A 65 -3.76 -8.32 -1.11
C SER A 65 -3.15 -7.86 0.22
N THR A 66 -1.83 -7.98 0.34
CA THR A 66 -1.13 -7.57 1.55
C THR A 66 -0.26 -6.35 1.30
N ILE A 67 0.31 -5.80 2.37
CA ILE A 67 1.17 -4.63 2.26
C ILE A 67 2.33 -4.88 1.31
N GLN A 68 2.99 -6.02 1.49
CA GLN A 68 4.13 -6.38 0.63
C GLN A 68 3.75 -6.31 -0.84
N GLN A 69 2.59 -6.90 -1.17
CA GLN A 69 2.12 -6.91 -2.56
C GLN A 69 2.08 -5.50 -3.13
N ALA A 70 1.52 -4.57 -2.36
CA ALA A 70 1.43 -3.18 -2.79
C ALA A 70 2.80 -2.51 -2.80
N ALA A 71 3.71 -3.02 -1.99
CA ALA A 71 5.06 -2.48 -1.90
C ALA A 71 5.88 -2.86 -3.13
N ASP A 72 5.65 -4.06 -3.65
CA ASP A 72 6.36 -4.54 -4.83
C ASP A 72 6.01 -3.71 -6.06
N VAL A 73 4.73 -3.40 -6.21
CA VAL A 73 4.26 -2.60 -7.34
C VAL A 73 4.84 -1.20 -7.31
N ILE A 74 4.91 -0.63 -6.11
CA ILE A 74 5.44 0.72 -5.94
C ILE A 74 6.96 0.73 -6.12
N GLU A 75 7.66 -0.04 -5.30
CA GLU A 75 9.11 -0.12 -5.38
C GLU A 75 9.56 -0.49 -6.80
N GLY A 76 8.73 -1.24 -7.50
CA GLY A 76 9.06 -1.65 -8.85
C GLY A 76 8.96 -0.51 -9.85
N LEU A 77 8.13 0.47 -9.52
CA LEU A 77 7.94 1.64 -10.39
C LEU A 77 9.08 2.64 -10.23
N LEU A 78 9.42 2.93 -8.98
CA LEU A 78 10.49 3.88 -8.68
C LEU A 78 11.79 3.45 -9.37
N GLU A 79 11.98 2.14 -9.52
CA GLU A 79 13.17 1.61 -10.16
C GLU A 79 13.19 1.96 -11.65
N LYS A 80 12.01 2.00 -12.25
CA LYS A 80 11.89 2.33 -13.67
C LYS A 80 12.54 3.67 -13.99
N LYS A 81 12.60 4.54 -12.98
CA LYS A 81 13.20 5.86 -13.14
C LYS A 81 14.67 5.74 -13.53
N ALA A 82 15.29 6.87 -13.86
CA ALA A 82 16.70 6.89 -14.24
C ALA A 82 16.93 6.09 -15.52
N ALA A 1 9.91 -5.85 -2.29
CA ALA A 1 10.15 -4.53 -1.75
C ALA A 1 11.14 -4.58 -0.59
N LYS A 2 11.48 -3.41 -0.06
CA LYS A 2 12.43 -3.31 1.04
C LYS A 2 11.72 -2.90 2.33
N LYS A 3 12.35 -3.19 3.47
CA LYS A 3 11.78 -2.84 4.76
C LYS A 3 11.45 -1.35 4.83
N GLU A 4 12.23 -0.54 4.11
CA GLU A 4 12.02 0.89 4.10
C GLU A 4 10.71 1.25 3.39
N THR A 5 10.57 0.75 2.16
CA THR A 5 9.37 1.02 1.38
C THR A 5 8.12 0.48 2.07
N ILE A 6 8.18 -0.78 2.49
CA ILE A 6 7.05 -1.41 3.17
C ILE A 6 6.60 -0.59 4.37
N ASP A 7 7.56 0.03 5.04
CA ASP A 7 7.27 0.86 6.20
C ASP A 7 6.45 2.09 5.81
N LYS A 8 6.83 2.70 4.69
CA LYS A 8 6.14 3.90 4.20
C LYS A 8 4.68 3.58 3.86
N VAL A 9 4.49 2.56 3.02
CA VAL A 9 3.14 2.17 2.62
C VAL A 9 2.27 1.86 3.84
N SER A 10 2.74 0.96 4.69
CA SER A 10 2.00 0.59 5.90
C SER A 10 1.64 1.82 6.71
N ASP A 11 2.53 2.81 6.71
CA ASP A 11 2.29 4.05 7.45
C ASP A 11 1.03 4.74 6.96
N ILE A 12 0.91 4.89 5.65
CA ILE A 12 -0.25 5.54 5.06
C ILE A 12 -1.48 4.65 5.12
N VAL A 13 -1.29 3.36 4.85
CA VAL A 13 -2.37 2.39 4.88
C VAL A 13 -3.01 2.33 6.26
N LYS A 14 -2.22 1.99 7.27
CA LYS A 14 -2.71 1.90 8.64
C LYS A 14 -3.36 3.21 9.07
N GLU A 15 -2.86 4.32 8.53
CA GLU A 15 -3.40 5.63 8.86
C GLU A 15 -4.79 5.82 8.27
N LYS A 16 -5.00 5.26 7.09
CA LYS A 16 -6.28 5.36 6.40
C LYS A 16 -7.26 4.32 6.93
N LEU A 17 -6.72 3.24 7.50
CA LEU A 17 -7.55 2.17 8.05
C LEU A 17 -7.78 2.37 9.54
N ALA A 18 -7.03 3.29 10.13
CA ALA A 18 -7.16 3.59 11.56
C ALA A 18 -6.20 4.70 11.98
N LEU A 19 -6.23 5.03 13.26
CA LEU A 19 -5.37 6.09 13.79
C LEU A 19 -3.92 5.62 13.84
N GLY A 20 -3.71 4.30 13.85
CA GLY A 20 -2.38 3.75 13.90
C GLY A 20 -1.84 3.62 15.31
N ALA A 21 -2.73 3.82 16.29
CA ALA A 21 -2.34 3.72 17.69
C ALA A 21 -2.66 2.33 18.25
N ASP A 22 -3.91 1.91 18.10
CA ASP A 22 -4.34 0.61 18.58
C ASP A 22 -4.40 -0.41 17.43
N VAL A 23 -3.81 -0.04 16.30
CA VAL A 23 -3.80 -0.91 15.12
C VAL A 23 -2.38 -1.19 14.67
N VAL A 24 -2.10 -2.45 14.36
CA VAL A 24 -0.77 -2.86 13.91
C VAL A 24 -0.83 -3.43 12.49
N VAL A 25 0.02 -2.90 11.62
CA VAL A 25 0.07 -3.36 10.23
C VAL A 25 1.41 -4.01 9.92
N THR A 26 1.38 -5.03 9.07
CA THR A 26 2.59 -5.75 8.68
C THR A 26 2.49 -6.29 7.26
N ALA A 27 3.62 -6.70 6.71
CA ALA A 27 3.66 -7.24 5.35
C ALA A 27 2.74 -8.46 5.22
N ASP A 28 2.49 -9.13 6.34
CA ASP A 28 1.64 -10.30 6.35
C ASP A 28 0.18 -9.91 6.53
N SER A 29 -0.05 -8.71 7.05
CA SER A 29 -1.41 -8.21 7.27
C SER A 29 -2.10 -7.89 5.94
N GLU A 30 -3.24 -8.52 5.71
CA GLU A 30 -4.00 -8.30 4.49
C GLU A 30 -4.90 -7.08 4.61
N PHE A 31 -4.96 -6.29 3.55
CA PHE A 31 -5.78 -5.08 3.53
C PHE A 31 -7.21 -5.39 3.95
N SER A 32 -7.75 -6.49 3.43
CA SER A 32 -9.12 -6.90 3.74
C SER A 32 -9.24 -7.28 5.22
N LYS A 33 -8.15 -7.78 5.79
CA LYS A 33 -8.14 -8.17 7.19
C LYS A 33 -8.05 -6.96 8.10
N LEU A 34 -7.24 -5.98 7.68
CA LEU A 34 -7.06 -4.75 8.46
C LEU A 34 -8.35 -3.94 8.50
N GLY A 35 -9.24 -4.19 7.54
CA GLY A 35 -10.50 -3.47 7.49
C GLY A 35 -10.61 -2.57 6.28
N ALA A 36 -9.87 -2.91 5.22
CA ALA A 36 -9.89 -2.13 4.00
C ALA A 36 -10.76 -2.77 2.94
N ASP A 37 -11.90 -2.16 2.64
CA ASP A 37 -12.82 -2.68 1.65
C ASP A 37 -12.32 -2.38 0.23
N SER A 38 -12.98 -2.96 -0.76
CA SER A 38 -12.60 -2.76 -2.16
C SER A 38 -12.52 -1.27 -2.48
N LEU A 39 -13.49 -0.51 -1.98
CA LEU A 39 -13.53 0.93 -2.21
C LEU A 39 -12.44 1.65 -1.42
N ASP A 40 -12.03 1.04 -0.32
CA ASP A 40 -10.98 1.61 0.53
C ASP A 40 -9.60 1.41 -0.10
N THR A 41 -9.33 0.19 -0.55
CA THR A 41 -8.05 -0.13 -1.17
C THR A 41 -7.70 0.88 -2.27
N VAL A 42 -8.73 1.37 -2.95
CA VAL A 42 -8.53 2.34 -4.03
C VAL A 42 -7.78 3.56 -3.53
N GLU A 43 -8.20 4.08 -2.38
CA GLU A 43 -7.56 5.26 -1.79
C GLU A 43 -6.13 4.94 -1.36
N ILE A 44 -5.92 3.71 -0.91
CA ILE A 44 -4.59 3.28 -0.48
C ILE A 44 -3.57 3.39 -1.61
N VAL A 45 -3.94 2.88 -2.78
CA VAL A 45 -3.06 2.93 -3.94
C VAL A 45 -2.98 4.33 -4.52
N MET A 46 -4.10 5.06 -4.43
CA MET A 46 -4.16 6.42 -4.95
C MET A 46 -3.25 7.35 -4.15
N ASN A 47 -3.38 7.33 -2.83
CA ASN A 47 -2.58 8.16 -1.95
C ASN A 47 -1.09 7.84 -2.11
N LEU A 48 -0.78 6.55 -2.15
CA LEU A 48 0.60 6.10 -2.29
C LEU A 48 1.23 6.66 -3.56
N GLU A 49 0.51 6.51 -4.68
CA GLU A 49 1.00 6.99 -5.96
C GLU A 49 1.35 8.49 -5.89
N GLU A 50 0.62 9.21 -5.04
CA GLU A 50 0.84 10.64 -4.88
C GLU A 50 2.11 10.90 -4.05
N GLU A 51 2.40 9.99 -3.13
CA GLU A 51 3.58 10.12 -2.28
C GLU A 51 4.84 9.77 -3.04
N PHE A 52 4.81 8.63 -3.75
CA PHE A 52 5.95 8.18 -4.53
C PHE A 52 5.94 8.80 -5.92
N GLY A 53 5.00 9.72 -6.16
CA GLY A 53 4.90 10.36 -7.45
C GLY A 53 4.86 9.38 -8.60
N ILE A 54 4.29 8.21 -8.35
CA ILE A 54 4.18 7.17 -9.37
C ILE A 54 2.76 7.05 -9.89
N ASN A 55 2.56 6.13 -10.84
CA ASN A 55 1.23 5.92 -11.41
C ASN A 55 0.97 4.43 -11.60
N VAL A 56 -0.19 3.98 -11.12
CA VAL A 56 -0.58 2.58 -11.25
C VAL A 56 -2.05 2.44 -11.61
N ASP A 57 -2.36 1.43 -12.41
CA ASP A 57 -3.73 1.18 -12.84
C ASP A 57 -4.46 0.31 -11.83
N GLU A 58 -5.77 0.48 -11.74
CA GLU A 58 -6.59 -0.29 -10.82
C GLU A 58 -6.50 -1.78 -11.12
N ASP A 59 -6.70 -2.13 -12.40
CA ASP A 59 -6.64 -3.52 -12.82
C ASP A 59 -5.31 -4.15 -12.44
N LYS A 60 -4.28 -3.32 -12.31
CA LYS A 60 -2.94 -3.79 -11.96
C LYS A 60 -2.82 -3.98 -10.45
N ALA A 61 -3.63 -3.24 -9.70
CA ALA A 61 -3.62 -3.33 -8.25
C ALA A 61 -4.68 -4.30 -7.74
N GLN A 62 -5.02 -5.28 -8.57
CA GLN A 62 -6.02 -6.27 -8.20
C GLN A 62 -5.42 -7.35 -7.30
N ASP A 63 -4.33 -7.96 -7.75
CA ASP A 63 -3.66 -9.01 -6.98
C ASP A 63 -3.26 -8.49 -5.61
N ILE A 64 -3.09 -7.17 -5.49
CA ILE A 64 -2.70 -6.56 -4.23
C ILE A 64 -3.62 -7.00 -3.09
N SER A 65 -3.06 -7.80 -2.18
CA SER A 65 -3.84 -8.30 -1.05
C SER A 65 -3.18 -7.90 0.27
N THR A 66 -1.85 -7.94 0.30
CA THR A 66 -1.09 -7.59 1.50
C THR A 66 -0.25 -6.34 1.27
N ILE A 67 0.21 -5.75 2.36
CA ILE A 67 1.04 -4.54 2.27
C ILE A 67 2.21 -4.74 1.32
N GLN A 68 2.85 -5.89 1.41
CA GLN A 68 3.99 -6.21 0.55
C GLN A 68 3.59 -6.15 -0.92
N GLN A 69 2.46 -6.78 -1.24
CA GLN A 69 1.97 -6.80 -2.62
C GLN A 69 1.86 -5.39 -3.18
N ALA A 70 1.32 -4.48 -2.39
CA ALA A 70 1.16 -3.09 -2.81
C ALA A 70 2.52 -2.41 -2.94
N ALA A 71 3.49 -2.86 -2.16
CA ALA A 71 4.82 -2.29 -2.20
C ALA A 71 5.58 -2.73 -3.46
N ASP A 72 5.46 -4.00 -3.78
CA ASP A 72 6.13 -4.55 -4.96
C ASP A 72 5.77 -3.74 -6.21
N VAL A 73 4.51 -3.33 -6.29
CA VAL A 73 4.04 -2.55 -7.43
C VAL A 73 4.65 -1.15 -7.43
N ILE A 74 4.88 -0.61 -6.24
CA ILE A 74 5.45 0.72 -6.11
C ILE A 74 6.94 0.72 -6.46
N GLU A 75 7.71 -0.09 -5.75
CA GLU A 75 9.15 -0.19 -5.99
C GLU A 75 9.43 -0.53 -7.45
N GLY A 76 8.50 -1.25 -8.07
CA GLY A 76 8.67 -1.63 -9.47
C GLY A 76 8.73 -0.43 -10.39
N LEU A 77 7.94 0.60 -10.07
CA LEU A 77 7.91 1.81 -10.88
C LEU A 77 9.10 2.71 -10.57
N LEU A 78 9.48 2.77 -9.30
CA LEU A 78 10.62 3.59 -8.88
C LEU A 78 11.91 3.08 -9.51
N GLU A 79 12.00 1.78 -9.71
CA GLU A 79 13.19 1.18 -10.32
C GLU A 79 13.49 1.80 -11.68
N LYS A 80 12.44 2.02 -12.46
CA LYS A 80 12.59 2.61 -13.79
C LYS A 80 13.14 4.02 -13.70
N LYS A 81 12.72 4.75 -12.68
CA LYS A 81 13.18 6.11 -12.47
C LYS A 81 14.70 6.19 -12.48
N ALA A 82 15.34 5.29 -11.74
CA ALA A 82 16.79 5.25 -11.66
C ALA A 82 17.34 4.06 -12.45
N ALA A 1 10.41 -5.82 -2.77
CA ALA A 1 10.57 -4.57 -2.03
C ALA A 1 11.47 -4.76 -0.81
N LYS A 2 11.75 -3.66 -0.12
CA LYS A 2 12.61 -3.70 1.07
C LYS A 2 11.80 -3.37 2.32
N LYS A 3 12.29 -3.84 3.47
CA LYS A 3 11.63 -3.58 4.74
C LYS A 3 11.36 -2.09 4.93
N GLU A 4 12.21 -1.27 4.34
CA GLU A 4 12.07 0.18 4.44
C GLU A 4 10.85 0.67 3.66
N THR A 5 10.67 0.11 2.46
CA THR A 5 9.56 0.49 1.61
C THR A 5 8.23 0.03 2.21
N ILE A 6 8.23 -1.17 2.79
CA ILE A 6 7.02 -1.71 3.41
C ILE A 6 6.53 -0.82 4.53
N ASP A 7 7.46 -0.22 5.27
CA ASP A 7 7.12 0.67 6.38
C ASP A 7 6.42 1.92 5.87
N LYS A 8 6.92 2.46 4.76
CA LYS A 8 6.34 3.67 4.16
C LYS A 8 4.88 3.45 3.80
N VAL A 9 4.63 2.42 3.01
CA VAL A 9 3.26 2.10 2.59
C VAL A 9 2.37 1.79 3.79
N SER A 10 2.83 0.89 4.65
CA SER A 10 2.07 0.51 5.84
C SER A 10 1.66 1.75 6.63
N ASP A 11 2.53 2.75 6.66
CA ASP A 11 2.26 3.99 7.38
C ASP A 11 1.06 4.72 6.78
N ILE A 12 1.03 4.80 5.46
CA ILE A 12 -0.06 5.47 4.76
C ILE A 12 -1.34 4.64 4.81
N VAL A 13 -1.20 3.33 4.69
CA VAL A 13 -2.33 2.42 4.74
C VAL A 13 -2.98 2.42 6.11
N LYS A 14 -2.19 2.05 7.12
CA LYS A 14 -2.69 2.00 8.50
C LYS A 14 -3.33 3.34 8.89
N GLU A 15 -2.80 4.42 8.33
CA GLU A 15 -3.32 5.75 8.63
C GLU A 15 -4.71 5.95 8.04
N LYS A 16 -4.96 5.29 6.91
CA LYS A 16 -6.24 5.38 6.23
C LYS A 16 -7.26 4.44 6.87
N LEU A 17 -6.76 3.39 7.51
CA LEU A 17 -7.63 2.41 8.15
C LEU A 17 -7.79 2.72 9.64
N ALA A 18 -6.96 3.64 10.14
CA ALA A 18 -7.02 4.04 11.53
C ALA A 18 -6.01 5.13 11.84
N LEU A 19 -5.92 5.52 13.11
CA LEU A 19 -4.99 6.56 13.52
C LEU A 19 -3.55 6.05 13.51
N GLY A 20 -3.40 4.73 13.58
CA GLY A 20 -2.08 4.14 13.57
C GLY A 20 -1.56 3.84 14.96
N ALA A 21 -2.35 4.20 15.97
CA ALA A 21 -1.97 3.97 17.36
C ALA A 21 -2.66 2.74 17.93
N ASP A 22 -3.91 2.52 17.50
CA ASP A 22 -4.68 1.37 17.96
C ASP A 22 -4.77 0.31 16.88
N VAL A 23 -3.98 0.47 15.83
CA VAL A 23 -3.97 -0.48 14.72
C VAL A 23 -2.54 -0.90 14.37
N VAL A 24 -2.35 -2.19 14.15
CA VAL A 24 -1.04 -2.73 13.80
C VAL A 24 -1.05 -3.37 12.42
N VAL A 25 -0.21 -2.87 11.53
CA VAL A 25 -0.12 -3.41 10.17
C VAL A 25 1.24 -4.04 9.92
N THR A 26 1.24 -5.12 9.13
CA THR A 26 2.47 -5.82 8.81
C THR A 26 2.44 -6.37 7.39
N ALA A 27 3.61 -6.75 6.88
CA ALA A 27 3.71 -7.28 5.52
C ALA A 27 2.83 -8.52 5.35
N ASP A 28 2.55 -9.20 6.46
CA ASP A 28 1.72 -10.39 6.45
C ASP A 28 0.24 -10.03 6.54
N SER A 29 -0.03 -8.82 7.03
CA SER A 29 -1.41 -8.35 7.18
C SER A 29 -2.03 -8.07 5.82
N GLU A 30 -3.29 -8.47 5.67
CA GLU A 30 -4.01 -8.26 4.41
C GLU A 30 -4.94 -7.05 4.51
N PHE A 31 -4.95 -6.25 3.45
CA PHE A 31 -5.80 -5.06 3.42
C PHE A 31 -7.24 -5.40 3.76
N SER A 32 -7.65 -6.62 3.42
CA SER A 32 -9.01 -7.07 3.68
C SER A 32 -9.20 -7.39 5.16
N LYS A 33 -8.16 -7.91 5.79
CA LYS A 33 -8.20 -8.26 7.21
C LYS A 33 -8.11 -7.00 8.07
N LEU A 34 -7.36 -6.01 7.60
CA LEU A 34 -7.19 -4.77 8.33
C LEU A 34 -8.50 -3.99 8.39
N GLY A 35 -9.40 -4.29 7.46
CA GLY A 35 -10.69 -3.61 7.42
C GLY A 35 -10.83 -2.72 6.22
N ALA A 36 -9.99 -2.94 5.21
CA ALA A 36 -10.03 -2.15 3.99
C ALA A 36 -10.68 -2.93 2.84
N ASP A 37 -11.88 -2.51 2.45
CA ASP A 37 -12.59 -3.17 1.37
C ASP A 37 -12.08 -2.72 0.01
N SER A 38 -12.78 -3.11 -1.05
CA SER A 38 -12.39 -2.75 -2.40
C SER A 38 -12.28 -1.23 -2.55
N LEU A 39 -13.35 -0.54 -2.19
CA LEU A 39 -13.38 0.92 -2.28
C LEU A 39 -12.23 1.54 -1.47
N ASP A 40 -11.89 0.91 -0.36
CA ASP A 40 -10.82 1.40 0.49
C ASP A 40 -9.46 1.19 -0.18
N THR A 41 -9.23 -0.02 -0.69
CA THR A 41 -7.98 -0.36 -1.34
C THR A 41 -7.60 0.72 -2.37
N VAL A 42 -8.61 1.32 -2.99
CA VAL A 42 -8.38 2.35 -3.98
C VAL A 42 -7.69 3.57 -3.37
N GLU A 43 -8.19 3.99 -2.21
CA GLU A 43 -7.62 5.15 -1.51
C GLU A 43 -6.19 4.86 -1.07
N ILE A 44 -5.89 3.60 -0.83
CA ILE A 44 -4.55 3.20 -0.40
C ILE A 44 -3.54 3.40 -1.53
N VAL A 45 -3.87 2.91 -2.71
CA VAL A 45 -2.99 3.04 -3.87
C VAL A 45 -2.97 4.47 -4.39
N MET A 46 -4.12 5.13 -4.31
CA MET A 46 -4.24 6.51 -4.78
C MET A 46 -3.38 7.45 -3.93
N ASN A 47 -3.49 7.31 -2.61
CA ASN A 47 -2.72 8.14 -1.70
C ASN A 47 -1.22 7.89 -1.85
N LEU A 48 -0.86 6.64 -2.09
CA LEU A 48 0.53 6.26 -2.25
C LEU A 48 1.13 6.91 -3.49
N GLU A 49 0.38 6.87 -4.60
CA GLU A 49 0.83 7.46 -5.85
C GLU A 49 1.21 8.93 -5.66
N GLU A 50 0.45 9.62 -4.81
CA GLU A 50 0.70 11.03 -4.54
C GLU A 50 1.92 11.20 -3.64
N GLU A 51 2.19 10.19 -2.82
CA GLU A 51 3.33 10.24 -1.91
C GLU A 51 4.63 9.96 -2.66
N PHE A 52 4.66 8.87 -3.40
CA PHE A 52 5.84 8.49 -4.18
C PHE A 52 5.81 9.12 -5.57
N GLY A 53 4.85 10.00 -5.79
CA GLY A 53 4.72 10.66 -7.08
C GLY A 53 4.71 9.67 -8.23
N ILE A 54 4.12 8.49 -7.99
CA ILE A 54 4.04 7.46 -9.01
C ILE A 54 2.60 7.30 -9.52
N ASN A 55 2.41 6.40 -10.47
CA ASN A 55 1.10 6.15 -11.03
C ASN A 55 0.88 4.66 -11.29
N VAL A 56 -0.31 4.18 -10.95
CA VAL A 56 -0.65 2.77 -11.14
C VAL A 56 -2.12 2.59 -11.50
N ASP A 57 -2.41 1.57 -12.29
CA ASP A 57 -3.78 1.30 -12.71
C ASP A 57 -4.47 0.35 -11.73
N GLU A 58 -5.79 0.44 -11.65
CA GLU A 58 -6.56 -0.40 -10.75
C GLU A 58 -6.41 -1.87 -11.13
N ASP A 59 -6.58 -2.17 -12.41
CA ASP A 59 -6.47 -3.53 -12.91
C ASP A 59 -5.11 -4.14 -12.53
N LYS A 60 -4.12 -3.28 -12.35
CA LYS A 60 -2.78 -3.72 -11.98
C LYS A 60 -2.67 -3.95 -10.48
N ALA A 61 -3.52 -3.27 -9.72
CA ALA A 61 -3.52 -3.39 -8.27
C ALA A 61 -4.57 -4.41 -7.81
N GLN A 62 -4.83 -5.40 -8.65
CA GLN A 62 -5.81 -6.44 -8.33
C GLN A 62 -5.21 -7.48 -7.40
N ASP A 63 -4.10 -8.07 -7.84
CA ASP A 63 -3.43 -9.10 -7.05
C ASP A 63 -3.07 -8.58 -5.66
N ILE A 64 -2.91 -7.26 -5.56
CA ILE A 64 -2.56 -6.63 -4.29
C ILE A 64 -3.50 -7.08 -3.18
N SER A 65 -2.95 -7.81 -2.21
CA SER A 65 -3.74 -8.29 -1.09
C SER A 65 -3.13 -7.85 0.23
N THR A 66 -1.81 -7.95 0.33
CA THR A 66 -1.10 -7.56 1.55
C THR A 66 -0.23 -6.34 1.31
N ILE A 67 0.30 -5.77 2.38
CA ILE A 67 1.17 -4.59 2.29
C ILE A 67 2.32 -4.83 1.32
N GLN A 68 2.98 -5.98 1.48
CA GLN A 68 4.10 -6.33 0.61
C GLN A 68 3.70 -6.26 -0.86
N GLN A 69 2.54 -6.84 -1.17
CA GLN A 69 2.05 -6.85 -2.55
C GLN A 69 2.00 -5.44 -3.11
N ALA A 70 1.48 -4.50 -2.34
CA ALA A 70 1.38 -3.11 -2.76
C ALA A 70 2.75 -2.44 -2.77
N ALA A 71 3.64 -2.92 -1.91
CA ALA A 71 4.98 -2.37 -1.83
C ALA A 71 5.83 -2.78 -3.02
N ASP A 72 5.55 -3.96 -3.56
CA ASP A 72 6.28 -4.47 -4.71
C ASP A 72 5.94 -3.68 -5.97
N VAL A 73 4.65 -3.48 -6.21
CA VAL A 73 4.19 -2.74 -7.38
C VAL A 73 4.81 -1.34 -7.42
N ILE A 74 4.82 -0.67 -6.27
CA ILE A 74 5.38 0.67 -6.18
C ILE A 74 6.86 0.68 -6.55
N GLU A 75 7.63 -0.18 -5.90
CA GLU A 75 9.07 -0.28 -6.16
C GLU A 75 9.33 -0.47 -7.65
N GLY A 76 8.43 -1.18 -8.31
CA GLY A 76 8.59 -1.42 -9.74
C GLY A 76 8.70 -0.14 -10.54
N LEU A 77 7.94 0.87 -10.13
CA LEU A 77 7.95 2.15 -10.82
C LEU A 77 9.16 2.99 -10.40
N LEU A 78 9.58 2.82 -9.15
CA LEU A 78 10.72 3.55 -8.62
C LEU A 78 12.02 3.10 -9.30
N GLU A 79 12.07 1.83 -9.67
CA GLU A 79 13.25 1.27 -10.33
C GLU A 79 13.26 1.61 -11.81
N LYS A 80 12.06 1.78 -12.38
CA LYS A 80 11.92 2.11 -13.80
C LYS A 80 12.32 3.55 -14.06
N LYS A 81 12.01 4.44 -13.12
CA LYS A 81 12.35 5.84 -13.25
C LYS A 81 13.79 6.11 -12.84
N ALA A 82 14.26 5.36 -11.84
CA ALA A 82 15.62 5.50 -11.35
C ALA A 82 16.40 4.20 -11.49
N ALA A 1 10.44 -5.59 -2.92
CA ALA A 1 10.36 -4.34 -2.17
C ALA A 1 11.45 -4.27 -1.10
N LYS A 2 11.58 -3.10 -0.48
CA LYS A 2 12.58 -2.91 0.57
C LYS A 2 11.92 -2.70 1.93
N LYS A 3 12.68 -2.94 3.00
CA LYS A 3 12.16 -2.79 4.35
C LYS A 3 11.66 -1.37 4.58
N GLU A 4 12.23 -0.42 3.84
CA GLU A 4 11.83 0.98 3.96
C GLU A 4 10.45 1.21 3.36
N THR A 5 10.28 0.78 2.11
CA THR A 5 9.01 0.95 1.42
C THR A 5 7.86 0.31 2.21
N ILE A 6 8.05 -0.95 2.60
CA ILE A 6 7.05 -1.67 3.36
C ILE A 6 6.60 -0.88 4.58
N ASP A 7 7.54 -0.20 5.22
CA ASP A 7 7.26 0.60 6.40
C ASP A 7 6.47 1.86 6.02
N LYS A 8 6.76 2.40 4.84
CA LYS A 8 6.09 3.60 4.36
C LYS A 8 4.63 3.29 3.98
N VAL A 9 4.45 2.30 3.11
CA VAL A 9 3.13 1.91 2.67
C VAL A 9 2.22 1.60 3.87
N SER A 10 2.72 0.79 4.79
CA SER A 10 1.96 0.41 5.97
C SER A 10 1.53 1.65 6.75
N ASP A 11 2.38 2.67 6.75
CA ASP A 11 2.09 3.91 7.46
C ASP A 11 0.86 4.60 6.86
N ILE A 12 0.81 4.65 5.54
CA ILE A 12 -0.30 5.28 4.83
C ILE A 12 -1.57 4.44 4.93
N VAL A 13 -1.41 3.13 4.78
CA VAL A 13 -2.54 2.20 4.86
C VAL A 13 -3.18 2.23 6.24
N LYS A 14 -2.39 1.91 7.25
CA LYS A 14 -2.88 1.89 8.63
C LYS A 14 -3.53 3.22 8.98
N GLU A 15 -3.02 4.30 8.40
CA GLU A 15 -3.55 5.63 8.66
C GLU A 15 -4.93 5.81 8.01
N LYS A 16 -5.13 5.14 6.89
CA LYS A 16 -6.40 5.21 6.17
C LYS A 16 -7.43 4.26 6.79
N LEU A 17 -6.94 3.22 7.45
CA LEU A 17 -7.81 2.24 8.08
C LEU A 17 -8.00 2.56 9.56
N ALA A 18 -7.19 3.47 10.07
CA ALA A 18 -7.28 3.87 11.47
C ALA A 18 -6.29 4.98 11.79
N LEU A 19 -6.24 5.37 13.06
CA LEU A 19 -5.33 6.43 13.49
C LEU A 19 -3.88 5.97 13.46
N GLY A 20 -3.69 4.65 13.50
CA GLY A 20 -2.34 4.11 13.46
C GLY A 20 -1.87 3.64 14.83
N ALA A 21 -2.51 4.14 15.88
CA ALA A 21 -2.16 3.78 17.24
C ALA A 21 -3.05 2.65 17.76
N ASP A 22 -4.25 2.55 17.21
CA ASP A 22 -5.18 1.51 17.61
C ASP A 22 -5.28 0.41 16.55
N VAL A 23 -4.35 0.42 15.61
CA VAL A 23 -4.33 -0.57 14.54
C VAL A 23 -2.94 -1.18 14.39
N VAL A 24 -2.90 -2.42 13.91
CA VAL A 24 -1.62 -3.12 13.72
C VAL A 24 -1.50 -3.64 12.29
N VAL A 25 -0.69 -2.96 11.49
CA VAL A 25 -0.48 -3.35 10.11
C VAL A 25 0.96 -3.84 9.88
N THR A 26 1.10 -4.87 9.05
CA THR A 26 2.41 -5.43 8.75
C THR A 26 2.44 -6.06 7.37
N ALA A 27 3.63 -6.43 6.91
CA ALA A 27 3.80 -7.05 5.59
C ALA A 27 2.99 -8.35 5.50
N ASP A 28 2.75 -8.97 6.64
CA ASP A 28 2.00 -10.22 6.69
C ASP A 28 0.50 -9.95 6.76
N SER A 29 0.13 -8.74 7.17
CA SER A 29 -1.27 -8.36 7.28
C SER A 29 -1.89 -8.19 5.90
N GLU A 30 -3.15 -8.58 5.77
CA GLU A 30 -3.87 -8.46 4.50
C GLU A 30 -4.84 -7.28 4.53
N PHE A 31 -4.90 -6.56 3.42
CA PHE A 31 -5.79 -5.40 3.31
C PHE A 31 -7.22 -5.77 3.71
N SER A 32 -7.59 -7.03 3.45
CA SER A 32 -8.93 -7.51 3.77
C SER A 32 -9.07 -7.77 5.26
N LYS A 33 -7.98 -8.21 5.89
CA LYS A 33 -7.98 -8.50 7.32
C LYS A 33 -7.90 -7.21 8.13
N LEU A 34 -7.21 -6.21 7.59
CA LEU A 34 -7.07 -4.93 8.27
C LEU A 34 -8.41 -4.20 8.34
N GLY A 35 -9.33 -4.58 7.46
CA GLY A 35 -10.64 -3.95 7.44
C GLY A 35 -10.81 -3.00 6.28
N ALA A 36 -9.96 -3.15 5.26
CA ALA A 36 -10.03 -2.29 4.08
C ALA A 36 -11.01 -2.83 3.05
N ASP A 37 -11.78 -1.93 2.44
CA ASP A 37 -12.76 -2.33 1.45
C ASP A 37 -12.35 -1.83 0.06
N SER A 38 -13.19 -2.10 -0.94
CA SER A 38 -12.91 -1.69 -2.30
C SER A 38 -12.75 -0.17 -2.39
N LEU A 39 -13.54 0.54 -1.61
CA LEU A 39 -13.48 2.00 -1.59
C LEU A 39 -12.23 2.49 -0.88
N ASP A 40 -11.71 1.67 0.02
CA ASP A 40 -10.50 2.01 0.76
C ASP A 40 -9.25 1.73 -0.06
N THR A 41 -9.15 0.49 -0.56
CA THR A 41 -8.01 0.09 -1.37
C THR A 41 -7.69 1.12 -2.44
N VAL A 42 -8.71 1.49 -3.22
CA VAL A 42 -8.55 2.47 -4.28
C VAL A 42 -7.89 3.74 -3.76
N GLU A 43 -8.21 4.10 -2.53
CA GLU A 43 -7.65 5.29 -1.91
C GLU A 43 -6.20 5.07 -1.51
N ILE A 44 -5.86 3.83 -1.18
CA ILE A 44 -4.50 3.48 -0.78
C ILE A 44 -3.51 3.78 -1.90
N VAL A 45 -3.78 3.24 -3.07
CA VAL A 45 -2.91 3.44 -4.23
C VAL A 45 -2.79 4.92 -4.57
N MET A 46 -3.86 5.67 -4.33
CA MET A 46 -3.89 7.10 -4.61
C MET A 46 -2.91 7.84 -3.70
N ASN A 47 -2.94 7.52 -2.41
CA ASN A 47 -2.06 8.16 -1.45
C ASN A 47 -0.61 7.76 -1.68
N LEU A 48 -0.41 6.48 -2.01
CA LEU A 48 0.94 5.97 -2.26
C LEU A 48 1.53 6.58 -3.52
N GLU A 49 0.72 6.64 -4.58
CA GLU A 49 1.16 7.20 -5.85
C GLU A 49 1.69 8.63 -5.66
N GLU A 50 1.03 9.38 -4.81
CA GLU A 50 1.44 10.76 -4.54
C GLU A 50 2.67 10.80 -3.65
N GLU A 51 2.84 9.76 -2.83
CA GLU A 51 3.98 9.68 -1.93
C GLU A 51 5.26 9.35 -2.70
N PHE A 52 5.19 8.33 -3.55
CA PHE A 52 6.34 7.91 -4.34
C PHE A 52 6.29 8.54 -5.73
N GLY A 53 5.40 9.50 -5.91
CA GLY A 53 5.26 10.17 -7.20
C GLY A 53 5.11 9.19 -8.34
N ILE A 54 4.54 8.02 -8.04
CA ILE A 54 4.34 7.00 -9.07
C ILE A 54 2.88 6.96 -9.53
N ASN A 55 2.59 6.07 -10.47
CA ASN A 55 1.24 5.94 -11.00
C ASN A 55 0.97 4.50 -11.44
N VAL A 56 -0.15 3.94 -10.98
CA VAL A 56 -0.53 2.58 -11.34
C VAL A 56 -2.04 2.42 -11.38
N ASP A 57 -2.52 1.58 -12.29
CA ASP A 57 -3.95 1.34 -12.43
C ASP A 57 -4.45 0.38 -11.33
N GLU A 58 -5.72 0.51 -10.99
CA GLU A 58 -6.32 -0.34 -9.96
C GLU A 58 -6.38 -1.79 -10.42
N ASP A 59 -6.71 -1.99 -11.69
CA ASP A 59 -6.81 -3.33 -12.25
C ASP A 59 -5.51 -4.10 -12.05
N LYS A 60 -4.40 -3.36 -11.95
CA LYS A 60 -3.10 -3.97 -11.76
C LYS A 60 -2.85 -4.30 -10.30
N ALA A 61 -3.51 -3.57 -9.41
CA ALA A 61 -3.38 -3.78 -7.98
C ALA A 61 -4.49 -4.69 -7.45
N GLN A 62 -4.96 -5.59 -8.30
CA GLN A 62 -6.03 -6.51 -7.92
C GLN A 62 -5.47 -7.67 -7.10
N ASP A 63 -4.45 -8.32 -7.63
CA ASP A 63 -3.82 -9.45 -6.93
C ASP A 63 -3.32 -9.03 -5.56
N ILE A 64 -3.03 -7.74 -5.40
CA ILE A 64 -2.55 -7.22 -4.13
C ILE A 64 -3.46 -7.63 -2.98
N SER A 65 -2.91 -8.41 -2.05
CA SER A 65 -3.67 -8.89 -0.90
C SER A 65 -3.04 -8.41 0.41
N THR A 66 -1.71 -8.36 0.42
CA THR A 66 -0.98 -7.93 1.60
C THR A 66 -0.17 -6.66 1.33
N ILE A 67 0.28 -6.00 2.39
CA ILE A 67 1.05 -4.78 2.26
C ILE A 67 2.27 -5.00 1.36
N GLN A 68 2.98 -6.10 1.60
CA GLN A 68 4.17 -6.41 0.81
C GLN A 68 3.85 -6.44 -0.68
N GLN A 69 2.78 -7.15 -1.03
CA GLN A 69 2.36 -7.24 -2.43
C GLN A 69 2.22 -5.87 -3.06
N ALA A 70 1.68 -4.92 -2.29
CA ALA A 70 1.48 -3.56 -2.78
C ALA A 70 2.81 -2.85 -2.95
N ALA A 71 3.76 -3.17 -2.08
CA ALA A 71 5.09 -2.56 -2.14
C ALA A 71 5.86 -3.03 -3.36
N ASP A 72 5.79 -4.32 -3.64
CA ASP A 72 6.47 -4.90 -4.79
C ASP A 72 6.08 -4.18 -6.07
N VAL A 73 4.83 -3.74 -6.15
CA VAL A 73 4.33 -3.05 -7.32
C VAL A 73 4.84 -1.61 -7.36
N ILE A 74 4.93 -0.99 -6.20
CA ILE A 74 5.41 0.39 -6.10
C ILE A 74 6.88 0.48 -6.45
N GLU A 75 7.71 -0.27 -5.73
CA GLU A 75 9.15 -0.27 -5.98
C GLU A 75 9.45 -0.53 -7.44
N GLY A 76 8.57 -1.28 -8.10
CA GLY A 76 8.77 -1.59 -9.51
C GLY A 76 8.62 -0.38 -10.40
N LEU A 77 7.76 0.56 -9.98
CA LEU A 77 7.53 1.77 -10.75
C LEU A 77 8.64 2.78 -10.53
N LEU A 78 9.23 2.75 -9.33
CA LEU A 78 10.31 3.66 -8.98
C LEU A 78 11.56 3.36 -9.81
N GLU A 79 11.72 2.11 -10.20
CA GLU A 79 12.87 1.69 -11.00
C GLU A 79 12.93 2.46 -12.32
N LYS A 80 11.75 2.72 -12.90
CA LYS A 80 11.67 3.44 -14.16
C LYS A 80 12.28 4.83 -14.03
N LYS A 81 12.16 5.43 -12.86
CA LYS A 81 12.71 6.75 -12.60
C LYS A 81 14.19 6.82 -12.98
N ALA A 82 15.00 6.03 -12.28
CA ALA A 82 16.44 6.00 -12.55
C ALA A 82 17.03 4.65 -12.18
N ALA A 1 11.01 -5.76 -2.84
CA ALA A 1 10.77 -4.62 -1.98
C ALA A 1 11.69 -4.65 -0.75
N LYS A 2 11.74 -3.53 -0.04
CA LYS A 2 12.57 -3.43 1.15
C LYS A 2 11.72 -3.18 2.39
N LYS A 3 12.32 -3.39 3.56
CA LYS A 3 11.62 -3.18 4.82
C LYS A 3 11.26 -1.71 5.02
N GLU A 4 12.06 -0.83 4.42
CA GLU A 4 11.82 0.60 4.53
C GLU A 4 10.58 1.01 3.75
N THR A 5 10.42 0.45 2.55
CA THR A 5 9.28 0.76 1.71
C THR A 5 7.98 0.25 2.33
N ILE A 6 8.00 -0.99 2.81
CA ILE A 6 6.83 -1.59 3.42
C ILE A 6 6.30 -0.71 4.55
N ASP A 7 7.21 -0.10 5.30
CA ASP A 7 6.84 0.77 6.41
C ASP A 7 6.09 2.00 5.91
N LYS A 8 6.57 2.57 4.82
CA LYS A 8 5.96 3.76 4.23
C LYS A 8 4.50 3.47 3.84
N VAL A 9 4.31 2.44 3.03
CA VAL A 9 2.97 2.07 2.59
C VAL A 9 2.08 1.71 3.76
N SER A 10 2.57 0.84 4.63
CA SER A 10 1.81 0.42 5.81
C SER A 10 1.33 1.62 6.61
N ASP A 11 2.18 2.65 6.69
CA ASP A 11 1.83 3.86 7.42
C ASP A 11 0.66 4.58 6.76
N ILE A 12 0.72 4.71 5.44
CA ILE A 12 -0.34 5.37 4.70
C ILE A 12 -1.63 4.56 4.72
N VAL A 13 -1.50 3.24 4.65
CA VAL A 13 -2.65 2.34 4.67
C VAL A 13 -3.29 2.32 6.06
N LYS A 14 -2.51 1.92 7.05
CA LYS A 14 -3.00 1.85 8.42
C LYS A 14 -3.62 3.18 8.85
N GLU A 15 -3.09 4.28 8.32
CA GLU A 15 -3.59 5.61 8.65
C GLU A 15 -4.98 5.82 8.08
N LYS A 16 -5.26 5.15 6.96
CA LYS A 16 -6.56 5.26 6.30
C LYS A 16 -7.59 4.35 6.97
N LEU A 17 -7.10 3.31 7.64
CA LEU A 17 -7.97 2.36 8.32
C LEU A 17 -8.08 2.69 9.80
N ALA A 18 -7.21 3.57 10.28
CA ALA A 18 -7.21 3.97 11.68
C ALA A 18 -6.21 5.11 11.92
N LEU A 19 -6.12 5.55 13.17
CA LEU A 19 -5.20 6.63 13.54
C LEU A 19 -3.76 6.14 13.51
N GLY A 20 -3.58 4.83 13.62
CA GLY A 20 -2.23 4.27 13.60
C GLY A 20 -1.61 4.21 14.98
N ALA A 21 -2.42 4.49 16.01
CA ALA A 21 -1.93 4.47 17.38
C ALA A 21 -2.11 3.08 18.00
N ASP A 22 -3.33 2.58 17.96
CA ASP A 22 -3.62 1.26 18.52
C ASP A 22 -3.78 0.23 17.41
N VAL A 23 -3.36 0.59 16.20
CA VAL A 23 -3.45 -0.31 15.06
C VAL A 23 -2.08 -0.57 14.46
N VAL A 24 -1.73 -1.85 14.31
CA VAL A 24 -0.44 -2.23 13.74
C VAL A 24 -0.63 -3.11 12.52
N VAL A 25 0.06 -2.77 11.43
CA VAL A 25 -0.03 -3.54 10.19
C VAL A 25 1.31 -4.18 9.85
N THR A 26 1.26 -5.36 9.23
CA THR A 26 2.47 -6.07 8.86
C THR A 26 2.39 -6.55 7.41
N ALA A 27 3.54 -6.92 6.85
CA ALA A 27 3.60 -7.41 5.48
C ALA A 27 2.67 -8.59 5.27
N ASP A 28 2.42 -9.35 6.34
CA ASP A 28 1.55 -10.51 6.26
C ASP A 28 0.08 -10.09 6.39
N SER A 29 -0.14 -8.90 6.93
CA SER A 29 -1.50 -8.40 7.11
C SER A 29 -2.13 -8.02 5.77
N GLU A 30 -3.26 -8.64 5.47
CA GLU A 30 -3.96 -8.38 4.21
C GLU A 30 -4.94 -7.21 4.37
N PHE A 31 -4.99 -6.35 3.36
CA PHE A 31 -5.88 -5.20 3.39
C PHE A 31 -7.31 -5.63 3.69
N SER A 32 -7.66 -6.85 3.29
CA SER A 32 -8.99 -7.37 3.52
C SER A 32 -9.18 -7.77 4.98
N LYS A 33 -8.12 -8.29 5.59
CA LYS A 33 -8.16 -8.70 6.99
C LYS A 33 -8.13 -7.50 7.92
N LEU A 34 -7.45 -6.43 7.48
CA LEU A 34 -7.35 -5.21 8.27
C LEU A 34 -8.70 -4.53 8.41
N GLY A 35 -9.61 -4.85 7.49
CA GLY A 35 -10.94 -4.26 7.53
C GLY A 35 -11.20 -3.36 6.34
N ALA A 36 -10.17 -3.10 5.55
CA ALA A 36 -10.29 -2.25 4.37
C ALA A 36 -11.12 -2.94 3.29
N ASP A 37 -11.96 -2.17 2.60
CA ASP A 37 -12.80 -2.70 1.54
C ASP A 37 -12.33 -2.20 0.18
N SER A 38 -13.06 -2.59 -0.87
CA SER A 38 -12.71 -2.19 -2.22
C SER A 38 -12.62 -0.67 -2.34
N LEU A 39 -13.39 0.02 -1.51
CA LEU A 39 -13.40 1.48 -1.50
C LEU A 39 -12.16 2.03 -0.81
N ASP A 40 -11.60 1.25 0.11
CA ASP A 40 -10.41 1.66 0.82
C ASP A 40 -9.15 1.41 0.00
N THR A 41 -9.00 0.19 -0.48
CA THR A 41 -7.85 -0.20 -1.28
C THR A 41 -7.58 0.83 -2.38
N VAL A 42 -8.61 1.14 -3.15
CA VAL A 42 -8.49 2.11 -4.24
C VAL A 42 -7.89 3.42 -3.74
N GLU A 43 -8.22 3.79 -2.50
CA GLU A 43 -7.71 5.02 -1.91
C GLU A 43 -6.24 4.86 -1.51
N ILE A 44 -5.86 3.64 -1.17
CA ILE A 44 -4.48 3.35 -0.77
C ILE A 44 -3.50 3.68 -1.89
N VAL A 45 -3.75 3.11 -3.06
CA VAL A 45 -2.89 3.35 -4.22
C VAL A 45 -2.85 4.83 -4.58
N MET A 46 -3.97 5.52 -4.36
CA MET A 46 -4.06 6.94 -4.66
C MET A 46 -3.09 7.74 -3.80
N ASN A 47 -3.13 7.50 -2.49
CA ASN A 47 -2.26 8.20 -1.56
C ASN A 47 -0.79 7.83 -1.79
N LEU A 48 -0.56 6.56 -2.13
CA LEU A 48 0.79 6.07 -2.38
C LEU A 48 1.37 6.70 -3.64
N GLU A 49 0.59 6.71 -4.71
CA GLU A 49 1.03 7.29 -5.98
C GLU A 49 1.48 8.74 -5.78
N GLU A 50 0.76 9.47 -4.94
CA GLU A 50 1.08 10.87 -4.67
C GLU A 50 2.30 10.97 -3.77
N GLU A 51 2.52 9.96 -2.94
CA GLU A 51 3.65 9.94 -2.02
C GLU A 51 4.95 9.67 -2.76
N PHE A 52 4.96 8.60 -3.55
CA PHE A 52 6.14 8.22 -4.33
C PHE A 52 6.11 8.86 -5.71
N GLY A 53 5.18 9.79 -5.91
CA GLY A 53 5.06 10.46 -7.20
C GLY A 53 4.97 9.48 -8.35
N ILE A 54 4.43 8.30 -8.07
CA ILE A 54 4.28 7.26 -9.10
C ILE A 54 2.84 7.17 -9.57
N ASN A 55 2.59 6.26 -10.51
CA ASN A 55 1.25 6.06 -11.06
C ASN A 55 1.04 4.62 -11.48
N VAL A 56 -0.11 4.06 -11.13
CA VAL A 56 -0.44 2.69 -11.48
C VAL A 56 -1.94 2.49 -11.65
N ASP A 57 -2.32 1.62 -12.57
CA ASP A 57 -3.74 1.35 -12.82
C ASP A 57 -4.32 0.45 -11.75
N GLU A 58 -5.63 0.56 -11.52
CA GLU A 58 -6.30 -0.25 -10.51
C GLU A 58 -6.34 -1.71 -10.92
N ASP A 59 -6.71 -1.96 -12.18
CA ASP A 59 -6.79 -3.32 -12.70
C ASP A 59 -5.46 -4.05 -12.53
N LYS A 60 -4.38 -3.28 -12.48
CA LYS A 60 -3.05 -3.84 -12.32
C LYS A 60 -2.75 -4.14 -10.86
N ALA A 61 -3.41 -3.41 -9.96
CA ALA A 61 -3.23 -3.59 -8.53
C ALA A 61 -4.28 -4.53 -7.96
N GLN A 62 -4.81 -5.40 -8.80
CA GLN A 62 -5.84 -6.35 -8.38
C GLN A 62 -5.24 -7.44 -7.49
N ASP A 63 -4.16 -8.05 -7.97
CA ASP A 63 -3.48 -9.11 -7.22
C ASP A 63 -3.09 -8.63 -5.83
N ILE A 64 -2.91 -7.31 -5.69
CA ILE A 64 -2.53 -6.73 -4.41
C ILE A 64 -3.46 -7.18 -3.30
N SER A 65 -2.90 -7.82 -2.29
CA SER A 65 -3.67 -8.31 -1.16
C SER A 65 -3.07 -7.86 0.17
N THR A 66 -1.75 -8.02 0.29
CA THR A 66 -1.04 -7.63 1.51
C THR A 66 -0.19 -6.39 1.27
N ILE A 67 0.33 -5.82 2.35
CA ILE A 67 1.16 -4.63 2.27
C ILE A 67 2.33 -4.85 1.30
N GLN A 68 3.00 -5.98 1.44
CA GLN A 68 4.14 -6.31 0.58
C GLN A 68 3.74 -6.26 -0.90
N GLN A 69 2.60 -6.87 -1.21
CA GLN A 69 2.10 -6.89 -2.59
C GLN A 69 2.03 -5.49 -3.16
N ALA A 70 1.47 -4.56 -2.38
CA ALA A 70 1.34 -3.17 -2.82
C ALA A 70 2.70 -2.48 -2.85
N ALA A 71 3.63 -2.97 -2.04
CA ALA A 71 4.97 -2.40 -1.98
C ALA A 71 5.78 -2.76 -3.21
N ASP A 72 5.67 -4.02 -3.64
CA ASP A 72 6.39 -4.50 -4.80
C ASP A 72 6.04 -3.68 -6.04
N VAL A 73 4.75 -3.40 -6.21
CA VAL A 73 4.28 -2.62 -7.35
C VAL A 73 4.88 -1.21 -7.34
N ILE A 74 5.03 -0.66 -6.14
CA ILE A 74 5.59 0.68 -5.99
C ILE A 74 7.09 0.69 -6.26
N GLU A 75 7.82 -0.10 -5.47
CA GLU A 75 9.27 -0.19 -5.62
C GLU A 75 9.65 -0.58 -7.05
N GLY A 76 8.77 -1.35 -7.70
CA GLY A 76 9.03 -1.78 -9.06
C GLY A 76 8.92 -0.64 -10.07
N LEU A 77 8.11 0.36 -9.73
CA LEU A 77 7.92 1.51 -10.61
C LEU A 77 9.07 2.50 -10.48
N LEU A 78 9.46 2.78 -9.24
CA LEU A 78 10.56 3.71 -8.97
C LEU A 78 11.84 3.26 -9.68
N GLU A 79 12.07 1.95 -9.68
CA GLU A 79 13.26 1.38 -10.32
C GLU A 79 13.28 1.72 -11.81
N LYS A 80 12.10 1.91 -12.39
CA LYS A 80 11.99 2.24 -13.80
C LYS A 80 12.41 3.68 -14.06
N LYS A 81 11.70 4.63 -13.47
CA LYS A 81 12.00 6.05 -13.62
C LYS A 81 13.43 6.34 -13.17
N ALA A 82 13.85 5.69 -12.09
CA ALA A 82 15.19 5.88 -11.56
C ALA A 82 15.90 4.56 -11.36
N ALA A 1 10.75 -5.98 -2.95
CA ALA A 1 10.59 -4.77 -2.15
C ALA A 1 11.53 -4.78 -0.95
N LYS A 2 11.70 -3.62 -0.33
CA LYS A 2 12.57 -3.48 0.83
C LYS A 2 11.77 -3.16 2.08
N LYS A 3 12.30 -3.56 3.23
CA LYS A 3 11.63 -3.31 4.50
C LYS A 3 11.28 -1.84 4.66
N GLU A 4 12.08 -0.97 4.06
CA GLU A 4 11.85 0.47 4.12
C GLU A 4 10.57 0.85 3.39
N THR A 5 10.44 0.39 2.15
CA THR A 5 9.26 0.68 1.35
C THR A 5 7.99 0.19 2.04
N ILE A 6 8.05 -0.99 2.64
CA ILE A 6 6.91 -1.56 3.34
C ILE A 6 6.41 -0.62 4.43
N ASP A 7 7.34 -0.05 5.19
CA ASP A 7 6.99 0.86 6.27
C ASP A 7 6.27 2.09 5.72
N LYS A 8 6.69 2.53 4.54
CA LYS A 8 6.08 3.70 3.91
C LYS A 8 4.62 3.43 3.54
N VAL A 9 4.40 2.36 2.78
CA VAL A 9 3.05 1.98 2.35
C VAL A 9 2.15 1.72 3.56
N SER A 10 2.59 0.80 4.42
CA SER A 10 1.83 0.45 5.61
C SER A 10 1.47 1.69 6.43
N ASP A 11 2.42 2.63 6.49
CA ASP A 11 2.22 3.87 7.24
C ASP A 11 1.02 4.63 6.69
N ILE A 12 0.90 4.68 5.37
CA ILE A 12 -0.20 5.38 4.72
C ILE A 12 -1.49 4.59 4.82
N VAL A 13 -1.42 3.29 4.54
CA VAL A 13 -2.57 2.41 4.60
C VAL A 13 -3.18 2.39 6.01
N LYS A 14 -2.35 2.03 6.99
CA LYS A 14 -2.80 1.97 8.37
C LYS A 14 -3.42 3.30 8.80
N GLU A 15 -2.92 4.39 8.23
CA GLU A 15 -3.43 5.72 8.55
C GLU A 15 -4.86 5.90 8.02
N LYS A 16 -5.16 5.22 6.92
CA LYS A 16 -6.47 5.31 6.31
C LYS A 16 -7.47 4.37 7.01
N LEU A 17 -6.93 3.33 7.65
CA LEU A 17 -7.77 2.36 8.35
C LEU A 17 -7.85 2.70 9.83
N ALA A 18 -6.99 3.62 10.28
CA ALA A 18 -6.97 4.04 11.67
C ALA A 18 -5.93 5.13 11.90
N LEU A 19 -5.73 5.49 13.17
CA LEU A 19 -4.76 6.51 13.53
C LEU A 19 -3.33 5.99 13.42
N GLY A 20 -3.19 4.66 13.47
CA GLY A 20 -1.87 4.06 13.38
C GLY A 20 -1.31 3.66 14.72
N ALA A 21 -1.81 4.31 15.78
CA ALA A 21 -1.35 4.01 17.13
C ALA A 21 -2.18 2.92 17.77
N ASP A 22 -3.41 2.76 17.29
CA ASP A 22 -4.32 1.75 17.82
C ASP A 22 -4.47 0.59 16.83
N VAL A 23 -3.72 0.65 15.74
CA VAL A 23 -3.77 -0.39 14.72
C VAL A 23 -2.36 -0.85 14.34
N VAL A 24 -2.18 -2.17 14.26
CA VAL A 24 -0.89 -2.74 13.90
C VAL A 24 -0.98 -3.55 12.61
N VAL A 25 -0.31 -3.07 11.57
CA VAL A 25 -0.31 -3.75 10.28
C VAL A 25 1.09 -4.26 9.93
N THR A 26 1.13 -5.42 9.28
CA THR A 26 2.40 -6.01 8.88
C THR A 26 2.36 -6.49 7.43
N ALA A 27 3.52 -6.85 6.90
CA ALA A 27 3.61 -7.32 5.51
C ALA A 27 2.75 -8.56 5.30
N ASP A 28 2.49 -9.30 6.38
CA ASP A 28 1.68 -10.50 6.31
C ASP A 28 0.20 -10.17 6.42
N SER A 29 -0.10 -8.99 6.97
CA SER A 29 -1.47 -8.55 7.14
C SER A 29 -2.09 -8.16 5.80
N GLU A 30 -3.27 -8.70 5.51
CA GLU A 30 -3.96 -8.40 4.26
C GLU A 30 -4.90 -7.21 4.43
N PHE A 31 -5.00 -6.38 3.39
CA PHE A 31 -5.86 -5.21 3.42
C PHE A 31 -7.28 -5.58 3.81
N SER A 32 -7.68 -6.81 3.48
CA SER A 32 -9.02 -7.29 3.79
C SER A 32 -9.14 -7.65 5.27
N LYS A 33 -8.03 -8.07 5.86
CA LYS A 33 -8.01 -8.44 7.27
C LYS A 33 -7.99 -7.19 8.15
N LEU A 34 -7.33 -6.15 7.68
CA LEU A 34 -7.24 -4.90 8.43
C LEU A 34 -8.60 -4.22 8.53
N GLY A 35 -9.50 -4.58 7.61
CA GLY A 35 -10.83 -4.00 7.62
C GLY A 35 -11.04 -3.05 6.46
N ALA A 36 -10.17 -3.12 5.46
CA ALA A 36 -10.27 -2.26 4.29
C ALA A 36 -11.08 -2.93 3.19
N ASP A 37 -11.97 -2.16 2.57
CA ASP A 37 -12.82 -2.68 1.50
C ASP A 37 -12.37 -2.13 0.14
N SER A 38 -13.12 -2.47 -0.90
CA SER A 38 -12.81 -2.01 -2.25
C SER A 38 -12.70 -0.50 -2.30
N LEU A 39 -13.47 0.17 -1.45
CA LEU A 39 -13.46 1.63 -1.38
C LEU A 39 -12.20 2.15 -0.70
N ASP A 40 -11.63 1.32 0.17
CA ASP A 40 -10.42 1.68 0.89
C ASP A 40 -9.18 1.45 0.03
N THR A 41 -9.06 0.24 -0.49
CA THR A 41 -7.93 -0.12 -1.33
C THR A 41 -7.67 0.94 -2.39
N VAL A 42 -8.72 1.30 -3.14
CA VAL A 42 -8.61 2.31 -4.19
C VAL A 42 -7.97 3.59 -3.66
N GLU A 43 -8.28 3.90 -2.40
CA GLU A 43 -7.74 5.11 -1.76
C GLU A 43 -6.26 4.92 -1.41
N ILE A 44 -5.89 3.68 -1.11
CA ILE A 44 -4.51 3.37 -0.75
C ILE A 44 -3.56 3.71 -1.89
N VAL A 45 -3.84 3.18 -3.07
CA VAL A 45 -3.00 3.43 -4.24
C VAL A 45 -2.99 4.92 -4.60
N MET A 46 -4.12 5.58 -4.39
CA MET A 46 -4.23 7.00 -4.68
C MET A 46 -3.24 7.81 -3.86
N ASN A 47 -3.23 7.57 -2.55
CA ASN A 47 -2.32 8.28 -1.65
C ASN A 47 -0.87 7.90 -1.93
N LEU A 48 -0.64 6.63 -2.19
CA LEU A 48 0.71 6.14 -2.48
C LEU A 48 1.26 6.78 -3.75
N GLU A 49 0.45 6.77 -4.80
CA GLU A 49 0.85 7.35 -6.08
C GLU A 49 1.29 8.80 -5.91
N GLU A 50 0.59 9.54 -5.04
CA GLU A 50 0.92 10.93 -4.78
C GLU A 50 2.16 11.05 -3.92
N GLU A 51 2.40 10.03 -3.09
CA GLU A 51 3.56 10.02 -2.21
C GLU A 51 4.84 9.75 -2.98
N PHE A 52 4.83 8.68 -3.77
CA PHE A 52 5.99 8.31 -4.57
C PHE A 52 5.90 8.90 -5.96
N GLY A 53 4.95 9.82 -6.16
CA GLY A 53 4.78 10.45 -7.45
C GLY A 53 4.67 9.45 -8.58
N ILE A 54 4.17 8.26 -8.27
CA ILE A 54 4.02 7.21 -9.26
C ILE A 54 2.57 7.10 -9.72
N ASN A 55 2.30 6.11 -10.57
CA ASN A 55 0.96 5.89 -11.09
C ASN A 55 0.72 4.41 -11.38
N VAL A 56 -0.45 3.92 -10.98
CA VAL A 56 -0.80 2.52 -11.19
C VAL A 56 -2.29 2.37 -11.44
N ASP A 57 -2.66 1.38 -12.26
CA ASP A 57 -4.06 1.13 -12.58
C ASP A 57 -4.67 0.13 -11.59
N GLU A 58 -5.97 0.25 -11.36
CA GLU A 58 -6.68 -0.63 -10.45
C GLU A 58 -6.59 -2.08 -10.92
N ASP A 59 -6.85 -2.30 -12.19
CA ASP A 59 -6.80 -3.64 -12.77
C ASP A 59 -5.44 -4.29 -12.52
N LYS A 60 -4.42 -3.46 -12.36
CA LYS A 60 -3.07 -3.95 -12.10
C LYS A 60 -2.86 -4.26 -10.63
N ALA A 61 -3.63 -3.58 -9.78
CA ALA A 61 -3.53 -3.77 -8.33
C ALA A 61 -4.58 -4.77 -7.84
N GLN A 62 -4.91 -5.73 -8.70
CA GLN A 62 -5.89 -6.75 -8.35
C GLN A 62 -5.29 -7.80 -7.43
N ASP A 63 -4.20 -8.41 -7.87
CA ASP A 63 -3.52 -9.44 -7.09
C ASP A 63 -3.13 -8.90 -5.72
N ILE A 64 -2.94 -7.59 -5.63
CA ILE A 64 -2.56 -6.95 -4.38
C ILE A 64 -3.49 -7.36 -3.24
N SER A 65 -2.92 -7.93 -2.19
CA SER A 65 -3.70 -8.37 -1.04
C SER A 65 -3.06 -7.89 0.26
N THR A 66 -1.75 -8.08 0.37
CA THR A 66 -1.02 -7.68 1.57
C THR A 66 -0.19 -6.42 1.30
N ILE A 67 0.33 -5.83 2.38
CA ILE A 67 1.15 -4.63 2.25
C ILE A 67 2.30 -4.84 1.28
N GLN A 68 3.02 -5.95 1.44
CA GLN A 68 4.14 -6.27 0.58
C GLN A 68 3.73 -6.25 -0.89
N GLN A 69 2.59 -6.87 -1.18
CA GLN A 69 2.08 -6.92 -2.55
C GLN A 69 2.00 -5.52 -3.15
N ALA A 70 1.42 -4.59 -2.41
CA ALA A 70 1.27 -3.22 -2.87
C ALA A 70 2.62 -2.51 -2.91
N ALA A 71 3.56 -2.98 -2.08
CA ALA A 71 4.89 -2.39 -2.03
C ALA A 71 5.71 -2.79 -3.25
N ASP A 72 5.61 -4.05 -3.65
CA ASP A 72 6.35 -4.55 -4.81
C ASP A 72 5.97 -3.77 -6.06
N VAL A 73 4.70 -3.42 -6.19
CA VAL A 73 4.21 -2.67 -7.34
C VAL A 73 4.78 -1.26 -7.35
N ILE A 74 4.92 -0.66 -6.18
CA ILE A 74 5.46 0.68 -6.05
C ILE A 74 6.96 0.71 -6.34
N GLU A 75 7.72 -0.05 -5.55
CA GLU A 75 9.16 -0.12 -5.72
C GLU A 75 9.52 -0.50 -7.15
N GLY A 76 8.65 -1.26 -7.80
CA GLY A 76 8.90 -1.68 -9.16
C GLY A 76 8.96 -0.51 -10.13
N LEU A 77 8.15 0.51 -9.87
CA LEU A 77 8.11 1.69 -10.72
C LEU A 77 9.27 2.63 -10.41
N LEU A 78 9.58 2.77 -9.12
CA LEU A 78 10.67 3.63 -8.69
C LEU A 78 12.00 3.17 -9.27
N GLU A 79 12.10 1.86 -9.54
CA GLU A 79 13.32 1.29 -10.10
C GLU A 79 13.64 1.93 -11.45
N LYS A 80 12.62 2.43 -12.13
CA LYS A 80 12.79 3.05 -13.43
C LYS A 80 13.29 4.50 -13.27
N LYS A 81 12.47 5.33 -12.64
CA LYS A 81 12.83 6.72 -12.42
C LYS A 81 14.17 6.84 -11.68
N ALA A 82 14.42 5.88 -10.80
CA ALA A 82 15.66 5.87 -10.02
C ALA A 82 16.69 4.95 -10.67
N ALA A 1 10.73 -5.89 -3.08
CA ALA A 1 10.57 -4.72 -2.23
C ALA A 1 11.52 -4.78 -1.04
N LYS A 2 11.64 -3.66 -0.32
CA LYS A 2 12.51 -3.58 0.84
C LYS A 2 11.70 -3.36 2.12
N LYS A 3 12.34 -3.55 3.26
CA LYS A 3 11.67 -3.37 4.55
C LYS A 3 11.28 -1.91 4.75
N GLU A 4 12.04 -1.01 4.13
CA GLU A 4 11.77 0.42 4.25
C GLU A 4 10.49 0.79 3.51
N THR A 5 10.41 0.39 2.26
CA THR A 5 9.23 0.68 1.43
C THR A 5 7.95 0.21 2.12
N ILE A 6 7.98 -1.01 2.64
CA ILE A 6 6.83 -1.58 3.32
C ILE A 6 6.36 -0.67 4.45
N ASP A 7 7.30 -0.17 5.23
CA ASP A 7 6.98 0.72 6.35
C ASP A 7 6.28 1.99 5.86
N LYS A 8 6.66 2.43 4.67
CA LYS A 8 6.06 3.63 4.08
C LYS A 8 4.60 3.39 3.72
N VAL A 9 4.36 2.36 2.92
CA VAL A 9 3.00 2.02 2.50
C VAL A 9 2.12 1.71 3.70
N SER A 10 2.60 0.84 4.58
CA SER A 10 1.86 0.46 5.77
C SER A 10 1.40 1.68 6.55
N ASP A 11 2.25 2.71 6.59
CA ASP A 11 1.94 3.94 7.30
C ASP A 11 0.75 4.65 6.65
N ILE A 12 0.77 4.74 5.33
CA ILE A 12 -0.29 5.41 4.59
C ILE A 12 -1.58 4.59 4.64
N VAL A 13 -1.44 3.26 4.58
CA VAL A 13 -2.59 2.37 4.63
C VAL A 13 -3.22 2.37 6.01
N LYS A 14 -2.44 2.01 7.02
CA LYS A 14 -2.92 1.96 8.39
C LYS A 14 -3.54 3.30 8.79
N GLU A 15 -3.02 4.38 8.23
CA GLU A 15 -3.52 5.72 8.54
C GLU A 15 -4.92 5.91 7.97
N LYS A 16 -5.21 5.22 6.88
CA LYS A 16 -6.52 5.30 6.23
C LYS A 16 -7.53 4.40 6.93
N LEU A 17 -7.04 3.38 7.62
CA LEU A 17 -7.89 2.45 8.33
C LEU A 17 -7.99 2.81 9.81
N ALA A 18 -7.12 3.71 10.25
CA ALA A 18 -7.10 4.15 11.64
C ALA A 18 -6.07 5.25 11.86
N LEU A 19 -5.91 5.67 13.10
CA LEU A 19 -4.96 6.72 13.45
C LEU A 19 -3.53 6.19 13.40
N GLY A 20 -3.38 4.88 13.52
CA GLY A 20 -2.06 4.28 13.49
C GLY A 20 -1.44 4.17 14.86
N ALA A 21 -2.21 4.49 15.89
CA ALA A 21 -1.73 4.42 17.27
C ALA A 21 -1.96 3.04 17.87
N ASP A 22 -3.22 2.64 17.96
CA ASP A 22 -3.57 1.34 18.52
C ASP A 22 -3.74 0.30 17.41
N VAL A 23 -3.27 0.64 16.20
CA VAL A 23 -3.36 -0.26 15.06
C VAL A 23 -1.98 -0.55 14.49
N VAL A 24 -1.70 -1.83 14.27
CA VAL A 24 -0.42 -2.25 13.72
C VAL A 24 -0.60 -3.20 12.55
N VAL A 25 -0.02 -2.84 11.40
CA VAL A 25 -0.13 -3.66 10.20
C VAL A 25 1.24 -4.21 9.80
N THR A 26 1.25 -5.43 9.28
CA THR A 26 2.49 -6.07 8.85
C THR A 26 2.39 -6.53 7.40
N ALA A 27 3.52 -6.97 6.85
CA ALA A 27 3.56 -7.44 5.47
C ALA A 27 2.64 -8.63 5.27
N ASP A 28 2.39 -9.38 6.34
CA ASP A 28 1.53 -10.55 6.29
C ASP A 28 0.07 -10.15 6.44
N SER A 29 -0.16 -8.96 6.99
CA SER A 29 -1.52 -8.46 7.20
C SER A 29 -2.16 -8.07 5.87
N GLU A 30 -3.30 -8.69 5.55
CA GLU A 30 -4.02 -8.40 4.32
C GLU A 30 -4.96 -7.22 4.50
N PHE A 31 -5.04 -6.38 3.47
CA PHE A 31 -5.90 -5.21 3.51
C PHE A 31 -7.33 -5.60 3.88
N SER A 32 -7.71 -6.81 3.53
CA SER A 32 -9.05 -7.32 3.82
C SER A 32 -9.19 -7.68 5.29
N LYS A 33 -8.11 -8.19 5.87
CA LYS A 33 -8.10 -8.58 7.28
C LYS A 33 -8.07 -7.35 8.19
N LEU A 34 -7.39 -6.31 7.72
CA LEU A 34 -7.28 -5.06 8.48
C LEU A 34 -8.64 -4.38 8.61
N GLY A 35 -9.55 -4.72 7.71
CA GLY A 35 -10.88 -4.13 7.75
C GLY A 35 -11.15 -3.27 6.53
N ALA A 36 -10.15 -3.09 5.69
CA ALA A 36 -10.28 -2.28 4.48
C ALA A 36 -11.08 -3.02 3.42
N ASP A 37 -11.93 -2.29 2.71
CA ASP A 37 -12.75 -2.87 1.65
C ASP A 37 -12.29 -2.40 0.28
N SER A 38 -12.99 -2.84 -0.76
CA SER A 38 -12.64 -2.47 -2.13
C SER A 38 -12.57 -0.95 -2.28
N LEU A 39 -13.38 -0.24 -1.49
CA LEU A 39 -13.40 1.21 -1.54
C LEU A 39 -12.18 1.80 -0.85
N ASP A 40 -11.62 1.05 0.10
CA ASP A 40 -10.44 1.50 0.82
C ASP A 40 -9.18 1.22 0.02
N THR A 41 -9.01 -0.02 -0.42
CA THR A 41 -7.84 -0.42 -1.19
C THR A 41 -7.58 0.56 -2.32
N VAL A 42 -8.61 0.84 -3.11
CA VAL A 42 -8.49 1.76 -4.24
C VAL A 42 -7.90 3.09 -3.79
N GLU A 43 -8.25 3.51 -2.58
CA GLU A 43 -7.75 4.77 -2.03
C GLU A 43 -6.29 4.64 -1.62
N ILE A 44 -5.88 3.43 -1.23
CA ILE A 44 -4.51 3.18 -0.80
C ILE A 44 -3.54 3.46 -1.93
N VAL A 45 -3.92 3.10 -3.16
CA VAL A 45 -3.07 3.33 -4.32
C VAL A 45 -3.05 4.80 -4.71
N MET A 46 -4.17 5.47 -4.51
CA MET A 46 -4.28 6.89 -4.85
C MET A 46 -3.36 7.73 -3.97
N ASN A 47 -3.41 7.49 -2.66
CA ASN A 47 -2.58 8.22 -1.71
C ASN A 47 -1.10 7.91 -1.93
N LEU A 48 -0.82 6.64 -2.22
CA LEU A 48 0.56 6.20 -2.45
C LEU A 48 1.14 6.87 -3.69
N GLU A 49 0.36 6.90 -4.77
CA GLU A 49 0.79 7.51 -6.02
C GLU A 49 1.23 8.95 -5.79
N GLU A 50 0.51 9.66 -4.93
CA GLU A 50 0.82 11.05 -4.63
C GLU A 50 2.05 11.15 -3.72
N GLU A 51 2.27 10.12 -2.92
CA GLU A 51 3.40 10.09 -2.01
C GLU A 51 4.70 9.81 -2.77
N PHE A 52 4.71 8.75 -3.56
CA PHE A 52 5.88 8.38 -4.34
C PHE A 52 5.84 9.01 -5.73
N GLY A 53 4.88 9.90 -5.94
CA GLY A 53 4.75 10.56 -7.23
C GLY A 53 4.68 9.58 -8.37
N ILE A 54 4.20 8.37 -8.10
CA ILE A 54 4.09 7.34 -9.11
C ILE A 54 2.67 7.26 -9.67
N ASN A 55 2.47 6.39 -10.66
CA ASN A 55 1.16 6.21 -11.27
C ASN A 55 0.94 4.74 -11.65
N VAL A 56 -0.21 4.19 -11.27
CA VAL A 56 -0.54 2.82 -11.58
C VAL A 56 -2.05 2.63 -11.69
N ASP A 57 -2.46 1.74 -12.59
CA ASP A 57 -3.88 1.46 -12.79
C ASP A 57 -4.40 0.49 -11.75
N GLU A 58 -5.67 0.63 -11.38
CA GLU A 58 -6.29 -0.23 -10.38
C GLU A 58 -6.32 -1.68 -10.86
N ASP A 59 -6.63 -1.85 -12.14
CA ASP A 59 -6.69 -3.19 -12.74
C ASP A 59 -5.39 -3.94 -12.53
N LYS A 60 -4.29 -3.20 -12.41
CA LYS A 60 -2.98 -3.79 -12.22
C LYS A 60 -2.76 -4.13 -10.75
N ALA A 61 -3.45 -3.41 -9.87
CA ALA A 61 -3.32 -3.64 -8.43
C ALA A 61 -4.41 -4.58 -7.93
N GLN A 62 -4.86 -5.48 -8.79
CA GLN A 62 -5.90 -6.43 -8.42
C GLN A 62 -5.34 -7.55 -7.54
N ASP A 63 -4.25 -8.16 -8.00
CA ASP A 63 -3.62 -9.23 -7.25
C ASP A 63 -3.22 -8.77 -5.85
N ILE A 64 -3.03 -7.46 -5.70
CA ILE A 64 -2.65 -6.88 -4.41
C ILE A 64 -3.58 -7.36 -3.31
N SER A 65 -2.99 -7.88 -2.23
CA SER A 65 -3.77 -8.38 -1.11
C SER A 65 -3.16 -7.92 0.22
N THR A 66 -1.85 -8.08 0.34
CA THR A 66 -1.14 -7.67 1.54
C THR A 66 -0.31 -6.42 1.31
N ILE A 67 0.26 -5.88 2.39
CA ILE A 67 1.08 -4.68 2.29
C ILE A 67 2.24 -4.88 1.31
N GLN A 68 2.93 -6.00 1.45
CA GLN A 68 4.05 -6.31 0.58
C GLN A 68 3.64 -6.27 -0.88
N GLN A 69 2.50 -6.88 -1.20
CA GLN A 69 2.01 -6.91 -2.56
C GLN A 69 1.92 -5.50 -3.14
N ALA A 70 1.33 -4.58 -2.37
CA ALA A 70 1.19 -3.20 -2.80
C ALA A 70 2.54 -2.50 -2.86
N ALA A 71 3.48 -2.97 -2.05
CA ALA A 71 4.82 -2.39 -2.01
C ALA A 71 5.63 -2.78 -3.24
N ASP A 72 5.51 -4.04 -3.63
CA ASP A 72 6.23 -4.54 -4.80
C ASP A 72 5.88 -3.75 -6.05
N VAL A 73 4.61 -3.36 -6.15
CA VAL A 73 4.14 -2.59 -7.30
C VAL A 73 4.74 -1.18 -7.30
N ILE A 74 4.85 -0.60 -6.12
CA ILE A 74 5.42 0.74 -5.99
C ILE A 74 6.92 0.73 -6.26
N GLU A 75 7.65 -0.05 -5.46
CA GLU A 75 9.10 -0.14 -5.61
C GLU A 75 9.47 -0.50 -7.05
N GLY A 76 8.59 -1.24 -7.72
CA GLY A 76 8.85 -1.64 -9.08
C GLY A 76 8.72 -0.48 -10.06
N LEU A 77 7.90 0.51 -9.70
CA LEU A 77 7.69 1.67 -10.55
C LEU A 77 8.83 2.67 -10.40
N LEU A 78 9.40 2.74 -9.20
CA LEU A 78 10.50 3.65 -8.93
C LEU A 78 11.81 3.12 -9.53
N GLU A 79 11.89 1.81 -9.69
CA GLU A 79 13.08 1.19 -10.26
C GLU A 79 13.39 1.76 -11.63
N LYS A 80 12.36 2.22 -12.33
CA LYS A 80 12.52 2.80 -13.67
C LYS A 80 13.07 4.21 -13.58
N LYS A 81 12.89 4.85 -12.42
CA LYS A 81 13.37 6.20 -12.21
C LYS A 81 14.85 6.31 -12.55
N ALA A 82 15.69 5.75 -11.71
CA ALA A 82 17.14 5.78 -11.93
C ALA A 82 17.86 4.83 -10.99
N ALA A 1 10.69 -5.91 -2.78
CA ALA A 1 10.56 -4.68 -2.02
C ALA A 1 11.52 -4.65 -0.84
N LYS A 2 11.68 -3.48 -0.24
CA LYS A 2 12.58 -3.33 0.90
C LYS A 2 11.79 -3.04 2.18
N LYS A 3 12.36 -3.45 3.31
CA LYS A 3 11.72 -3.23 4.60
C LYS A 3 11.32 -1.77 4.79
N GLU A 4 12.07 -0.88 4.15
CA GLU A 4 11.78 0.56 4.24
C GLU A 4 10.47 0.89 3.55
N THR A 5 10.34 0.48 2.29
CA THR A 5 9.13 0.74 1.52
C THR A 5 7.89 0.24 2.25
N ILE A 6 8.00 -0.96 2.83
CA ILE A 6 6.88 -1.55 3.56
C ILE A 6 6.42 -0.64 4.69
N ASP A 7 7.38 -0.07 5.41
CA ASP A 7 7.07 0.83 6.52
C ASP A 7 6.34 2.08 6.02
N LYS A 8 6.65 2.48 4.79
CA LYS A 8 6.02 3.66 4.20
C LYS A 8 4.58 3.37 3.80
N VAL A 9 4.37 2.26 3.11
CA VAL A 9 3.05 1.86 2.68
C VAL A 9 2.13 1.57 3.87
N SER A 10 2.58 0.67 4.74
CA SER A 10 1.81 0.29 5.92
C SER A 10 1.45 1.52 6.74
N ASP A 11 2.37 2.49 6.77
CA ASP A 11 2.15 3.72 7.52
C ASP A 11 0.90 4.46 7.02
N ILE A 12 0.72 4.46 5.70
CA ILE A 12 -0.42 5.13 5.09
C ILE A 12 -1.67 4.27 5.20
N VAL A 13 -1.55 2.99 4.85
CA VAL A 13 -2.68 2.07 4.91
C VAL A 13 -3.32 2.08 6.29
N LYS A 14 -2.54 1.76 7.31
CA LYS A 14 -3.03 1.73 8.68
C LYS A 14 -3.70 3.05 9.04
N GLU A 15 -3.22 4.14 8.45
CA GLU A 15 -3.78 5.46 8.71
C GLU A 15 -5.13 5.62 8.03
N LYS A 16 -5.29 4.98 6.87
CA LYS A 16 -6.54 5.05 6.11
C LYS A 16 -7.56 4.06 6.67
N LEU A 17 -7.09 3.10 7.46
CA LEU A 17 -7.96 2.09 8.05
C LEU A 17 -8.08 2.29 9.55
N ALA A 18 -7.37 3.28 10.07
CA ALA A 18 -7.39 3.58 11.50
C ALA A 18 -6.51 4.77 11.83
N LEU A 19 -6.47 5.15 13.11
CA LEU A 19 -5.66 6.28 13.55
C LEU A 19 -4.18 5.95 13.48
N GLY A 20 -3.86 4.66 13.50
CA GLY A 20 -2.48 4.24 13.43
C GLY A 20 -1.89 3.99 14.81
N ALA A 21 -2.57 4.45 15.84
CA ALA A 21 -2.11 4.29 17.21
C ALA A 21 -2.79 3.10 17.88
N ASP A 22 -4.03 2.83 17.47
CA ASP A 22 -4.80 1.72 18.03
C ASP A 22 -4.87 0.56 17.04
N VAL A 23 -4.05 0.62 16.00
CA VAL A 23 -4.03 -0.42 14.98
C VAL A 23 -2.60 -0.88 14.70
N VAL A 24 -2.47 -2.14 14.29
CA VAL A 24 -1.16 -2.71 13.97
C VAL A 24 -1.16 -3.37 12.60
N VAL A 25 -0.42 -2.78 11.67
CA VAL A 25 -0.33 -3.32 10.32
C VAL A 25 1.08 -3.79 10.00
N THR A 26 1.18 -4.87 9.24
CA THR A 26 2.49 -5.42 8.87
C THR A 26 2.45 -6.03 7.47
N ALA A 27 3.62 -6.33 6.93
CA ALA A 27 3.72 -6.91 5.60
C ALA A 27 2.93 -8.21 5.51
N ASP A 28 2.72 -8.86 6.65
CA ASP A 28 1.97 -10.11 6.69
C ASP A 28 0.48 -9.85 6.79
N SER A 29 0.13 -8.64 7.23
CA SER A 29 -1.28 -8.26 7.38
C SER A 29 -1.93 -8.02 6.01
N GLU A 30 -3.02 -8.72 5.75
CA GLU A 30 -3.73 -8.58 4.48
C GLU A 30 -4.67 -7.37 4.51
N PHE A 31 -4.76 -6.67 3.39
CA PHE A 31 -5.63 -5.51 3.28
C PHE A 31 -7.04 -5.82 3.75
N SER A 32 -7.47 -7.06 3.51
CA SER A 32 -8.81 -7.49 3.90
C SER A 32 -8.91 -7.63 5.42
N LYS A 33 -7.82 -8.07 6.05
CA LYS A 33 -7.78 -8.24 7.49
C LYS A 33 -7.80 -6.89 8.20
N LEU A 34 -7.02 -5.95 7.69
CA LEU A 34 -6.95 -4.61 8.26
C LEU A 34 -8.27 -3.86 8.09
N GLY A 35 -9.07 -4.32 7.13
CA GLY A 35 -10.35 -3.68 6.88
C GLY A 35 -10.42 -3.02 5.52
N ALA A 36 -9.25 -2.77 4.94
CA ALA A 36 -9.18 -2.14 3.61
C ALA A 36 -9.88 -2.99 2.57
N ASP A 37 -11.01 -2.50 2.08
CA ASP A 37 -11.78 -3.21 1.06
C ASP A 37 -11.44 -2.70 -0.34
N SER A 38 -12.00 -3.34 -1.35
CA SER A 38 -11.76 -2.95 -2.73
C SER A 38 -12.12 -1.50 -2.96
N LEU A 39 -13.02 -0.98 -2.12
CA LEU A 39 -13.45 0.41 -2.24
C LEU A 39 -12.43 1.36 -1.60
N ASP A 40 -11.79 0.89 -0.54
CA ASP A 40 -10.79 1.69 0.16
C ASP A 40 -9.45 1.63 -0.56
N THR A 41 -9.21 0.52 -1.26
CA THR A 41 -7.95 0.34 -1.99
C THR A 41 -7.65 1.56 -2.86
N VAL A 42 -8.67 2.07 -3.54
CA VAL A 42 -8.51 3.24 -4.40
C VAL A 42 -7.90 4.40 -3.64
N GLU A 43 -8.26 4.53 -2.36
CA GLU A 43 -7.74 5.60 -1.52
C GLU A 43 -6.31 5.33 -1.11
N ILE A 44 -5.95 4.05 -1.02
CA ILE A 44 -4.59 3.65 -0.64
C ILE A 44 -3.59 4.01 -1.73
N VAL A 45 -3.86 3.53 -2.95
CA VAL A 45 -2.98 3.80 -4.08
C VAL A 45 -2.89 5.30 -4.36
N MET A 46 -3.98 6.01 -4.13
CA MET A 46 -4.02 7.45 -4.35
C MET A 46 -3.03 8.17 -3.46
N ASN A 47 -2.98 7.77 -2.19
CA ASN A 47 -2.07 8.37 -1.23
C ASN A 47 -0.63 7.92 -1.48
N LEU A 48 -0.46 6.66 -1.80
CA LEU A 48 0.86 6.10 -2.07
C LEU A 48 1.47 6.73 -3.31
N GLU A 49 0.69 6.79 -4.38
CA GLU A 49 1.15 7.37 -5.64
C GLU A 49 1.65 8.79 -5.43
N GLU A 50 1.03 9.50 -4.49
CA GLU A 50 1.41 10.88 -4.19
C GLU A 50 2.71 10.92 -3.39
N GLU A 51 2.91 9.91 -2.54
CA GLU A 51 4.12 9.84 -1.72
C GLU A 51 5.34 9.48 -2.58
N PHE A 52 5.21 8.41 -3.34
CA PHE A 52 6.30 7.95 -4.21
C PHE A 52 6.25 8.65 -5.56
N GLY A 53 5.29 9.56 -5.72
CA GLY A 53 5.15 10.28 -6.97
C GLY A 53 5.08 9.36 -8.17
N ILE A 54 4.42 8.22 -8.00
CA ILE A 54 4.28 7.24 -9.07
C ILE A 54 2.87 7.27 -9.65
N ASN A 55 2.63 6.39 -10.62
CA ASN A 55 1.31 6.30 -11.25
C ASN A 55 1.00 4.86 -11.64
N VAL A 56 -0.14 4.35 -11.14
CA VAL A 56 -0.56 3.00 -11.42
C VAL A 56 -2.08 2.88 -11.39
N ASP A 57 -2.62 1.97 -12.21
CA ASP A 57 -4.06 1.76 -12.28
C ASP A 57 -4.50 0.77 -11.21
N GLU A 58 -5.75 0.89 -10.79
CA GLU A 58 -6.30 0.00 -9.77
C GLU A 58 -6.40 -1.43 -10.28
N ASP A 59 -6.80 -1.58 -11.54
CA ASP A 59 -6.93 -2.88 -12.16
C ASP A 59 -5.62 -3.66 -12.08
N LYS A 60 -4.51 -2.93 -12.01
CA LYS A 60 -3.19 -3.54 -11.93
C LYS A 60 -2.88 -3.98 -10.49
N ALA A 61 -3.52 -3.32 -9.53
CA ALA A 61 -3.31 -3.63 -8.13
C ALA A 61 -4.38 -4.61 -7.63
N GLN A 62 -4.91 -5.42 -8.52
CA GLN A 62 -5.94 -6.39 -8.18
C GLN A 62 -5.33 -7.57 -7.41
N ASP A 63 -4.25 -8.12 -7.96
CA ASP A 63 -3.57 -9.25 -7.34
C ASP A 63 -3.11 -8.89 -5.92
N ILE A 64 -2.94 -7.61 -5.67
CA ILE A 64 -2.50 -7.13 -4.36
C ILE A 64 -3.37 -7.71 -3.25
N SER A 65 -2.74 -8.39 -2.29
CA SER A 65 -3.44 -8.98 -1.18
C SER A 65 -2.97 -8.41 0.15
N THR A 66 -1.65 -8.37 0.33
CA THR A 66 -1.06 -7.85 1.55
C THR A 66 -0.27 -6.57 1.28
N ILE A 67 0.15 -5.90 2.35
CA ILE A 67 0.92 -4.67 2.22
C ILE A 67 2.12 -4.87 1.31
N GLN A 68 2.87 -5.95 1.54
CA GLN A 68 4.05 -6.25 0.74
C GLN A 68 3.71 -6.24 -0.75
N GLN A 69 2.60 -6.88 -1.11
CA GLN A 69 2.17 -6.94 -2.51
C GLN A 69 2.09 -5.54 -3.11
N ALA A 70 1.54 -4.60 -2.34
CA ALA A 70 1.40 -3.22 -2.80
C ALA A 70 2.75 -2.52 -2.85
N ALA A 71 3.66 -2.93 -1.97
CA ALA A 71 4.99 -2.34 -1.92
C ALA A 71 5.84 -2.82 -3.08
N ASP A 72 5.53 -4.01 -3.59
CA ASP A 72 6.27 -4.58 -4.71
C ASP A 72 5.93 -3.86 -6.01
N VAL A 73 4.66 -3.55 -6.19
CA VAL A 73 4.20 -2.86 -7.40
C VAL A 73 4.71 -1.42 -7.44
N ILE A 74 4.77 -0.78 -6.27
CA ILE A 74 5.25 0.59 -6.18
C ILE A 74 6.75 0.66 -6.42
N GLU A 75 7.52 -0.04 -5.60
CA GLU A 75 8.98 -0.05 -5.72
C GLU A 75 9.39 -0.43 -7.15
N GLY A 76 8.57 -1.24 -7.80
CA GLY A 76 8.87 -1.66 -9.15
C GLY A 76 8.83 -0.50 -10.14
N LEU A 77 7.94 0.45 -9.90
CA LEU A 77 7.81 1.62 -10.77
C LEU A 77 8.96 2.59 -10.55
N LEU A 78 9.43 2.70 -9.31
CA LEU A 78 10.52 3.59 -8.97
C LEU A 78 11.80 3.17 -9.67
N GLU A 79 11.93 1.88 -9.94
CA GLU A 79 13.11 1.35 -10.62
C GLU A 79 13.02 1.55 -12.13
N LYS A 80 11.79 1.60 -12.64
CA LYS A 80 11.57 1.79 -14.06
C LYS A 80 11.87 3.22 -14.48
N LYS A 81 11.44 4.18 -13.65
CA LYS A 81 11.67 5.59 -13.93
C LYS A 81 13.15 5.94 -13.78
N ALA A 82 13.81 5.30 -12.81
CA ALA A 82 15.22 5.55 -12.57
C ALA A 82 16.08 4.37 -13.05
N ALA A 1 10.73 -6.06 -2.86
CA ALA A 1 10.63 -4.84 -2.08
C ALA A 1 11.56 -4.89 -0.87
N LYS A 2 11.75 -3.74 -0.24
CA LYS A 2 12.61 -3.65 0.95
C LYS A 2 11.81 -3.31 2.19
N LYS A 3 12.33 -3.70 3.35
CA LYS A 3 11.66 -3.44 4.62
C LYS A 3 11.34 -1.96 4.77
N GLU A 4 12.19 -1.11 4.19
CA GLU A 4 12.00 0.34 4.25
C GLU A 4 10.74 0.75 3.50
N THR A 5 10.58 0.23 2.29
CA THR A 5 9.41 0.54 1.47
C THR A 5 8.12 0.10 2.14
N ILE A 6 8.16 -1.07 2.78
CA ILE A 6 6.99 -1.61 3.47
C ILE A 6 6.51 -0.66 4.56
N ASP A 7 7.47 -0.07 5.27
CA ASP A 7 7.15 0.86 6.35
C ASP A 7 6.43 2.10 5.81
N LYS A 8 6.86 2.54 4.63
CA LYS A 8 6.26 3.72 4.00
C LYS A 8 4.80 3.45 3.63
N VAL A 9 4.58 2.40 2.86
CA VAL A 9 3.23 2.04 2.45
C VAL A 9 2.33 1.76 3.65
N SER A 10 2.77 0.85 4.52
CA SER A 10 2.01 0.50 5.71
C SER A 10 1.66 1.74 6.52
N ASP A 11 2.61 2.66 6.61
CA ASP A 11 2.42 3.90 7.35
C ASP A 11 1.20 4.67 6.84
N ILE A 12 1.07 4.74 5.51
CA ILE A 12 -0.04 5.44 4.89
C ILE A 12 -1.32 4.62 4.99
N VAL A 13 -1.22 3.34 4.64
CA VAL A 13 -2.37 2.44 4.68
C VAL A 13 -2.99 2.40 6.07
N LYS A 14 -2.19 2.03 7.05
CA LYS A 14 -2.65 1.95 8.44
C LYS A 14 -3.29 3.27 8.87
N GLU A 15 -2.79 4.36 8.33
CA GLU A 15 -3.30 5.68 8.65
C GLU A 15 -4.70 5.89 8.06
N LYS A 16 -4.94 5.27 6.92
CA LYS A 16 -6.23 5.37 6.25
C LYS A 16 -7.25 4.40 6.86
N LEU A 17 -6.74 3.33 7.46
CA LEU A 17 -7.60 2.33 8.09
C LEU A 17 -7.75 2.60 9.58
N ALA A 18 -6.91 3.49 10.10
CA ALA A 18 -6.97 3.84 11.52
C ALA A 18 -5.94 4.93 11.85
N LEU A 19 -5.84 5.25 13.13
CA LEU A 19 -4.91 6.29 13.58
C LEU A 19 -3.46 5.81 13.46
N GLY A 20 -3.29 4.49 13.44
CA GLY A 20 -1.96 3.93 13.33
C GLY A 20 -1.34 3.62 14.68
N ALA A 21 -1.82 4.31 15.72
CA ALA A 21 -1.32 4.11 17.07
C ALA A 21 -2.11 3.04 17.81
N ASP A 22 -3.34 2.83 17.37
CA ASP A 22 -4.21 1.82 17.99
C ASP A 22 -4.35 0.60 17.09
N VAL A 23 -3.67 0.63 15.95
CA VAL A 23 -3.71 -0.49 15.01
C VAL A 23 -2.31 -0.90 14.58
N VAL A 24 -2.12 -2.20 14.36
CA VAL A 24 -0.82 -2.72 13.94
C VAL A 24 -0.92 -3.39 12.57
N VAL A 25 -0.10 -2.91 11.63
CA VAL A 25 -0.09 -3.46 10.29
C VAL A 25 1.25 -4.12 9.97
N THR A 26 1.20 -5.21 9.23
CA THR A 26 2.40 -5.95 8.85
C THR A 26 2.41 -6.28 7.37
N ALA A 27 3.53 -6.82 6.90
CA ALA A 27 3.66 -7.19 5.49
C ALA A 27 2.77 -8.39 5.15
N ASP A 28 2.46 -9.19 6.16
CA ASP A 28 1.61 -10.37 5.97
C ASP A 28 0.14 -9.99 6.09
N SER A 29 -0.13 -8.87 6.72
CA SER A 29 -1.50 -8.41 6.91
C SER A 29 -2.17 -8.13 5.56
N GLU A 30 -3.44 -8.49 5.45
CA GLU A 30 -4.19 -8.30 4.21
C GLU A 30 -5.09 -7.06 4.32
N PHE A 31 -5.09 -6.25 3.27
CA PHE A 31 -5.91 -5.04 3.24
C PHE A 31 -7.36 -5.34 3.57
N SER A 32 -7.79 -6.56 3.24
CA SER A 32 -9.16 -6.98 3.50
C SER A 32 -9.36 -7.30 4.96
N LYS A 33 -8.32 -7.82 5.60
CA LYS A 33 -8.38 -8.16 7.02
C LYS A 33 -8.28 -6.92 7.89
N LEU A 34 -7.51 -5.94 7.43
CA LEU A 34 -7.34 -4.70 8.18
C LEU A 34 -8.63 -3.90 8.21
N GLY A 35 -9.53 -4.18 7.28
CA GLY A 35 -10.80 -3.49 7.22
C GLY A 35 -10.92 -2.59 6.00
N ALA A 36 -10.09 -2.85 4.99
CA ALA A 36 -10.11 -2.06 3.77
C ALA A 36 -10.86 -2.78 2.65
N ASP A 37 -12.03 -2.26 2.30
CA ASP A 37 -12.85 -2.85 1.26
C ASP A 37 -12.39 -2.39 -0.12
N SER A 38 -13.09 -2.84 -1.16
CA SER A 38 -12.76 -2.48 -2.53
C SER A 38 -12.71 -0.96 -2.69
N LEU A 39 -13.56 -0.26 -1.95
CA LEU A 39 -13.62 1.20 -2.02
C LEU A 39 -12.46 1.82 -1.24
N ASP A 40 -11.96 1.10 -0.24
CA ASP A 40 -10.85 1.58 0.56
C ASP A 40 -9.52 1.36 -0.15
N THR A 41 -9.33 0.15 -0.67
CA THR A 41 -8.11 -0.20 -1.38
C THR A 41 -7.75 0.88 -2.39
N VAL A 42 -8.76 1.50 -2.98
CA VAL A 42 -8.54 2.56 -3.97
C VAL A 42 -7.87 3.77 -3.36
N GLU A 43 -8.35 4.17 -2.18
CA GLU A 43 -7.79 5.31 -1.47
C GLU A 43 -6.35 5.06 -1.06
N ILE A 44 -6.02 3.78 -0.82
CA ILE A 44 -4.68 3.40 -0.42
C ILE A 44 -3.68 3.65 -1.55
N VAL A 45 -3.98 3.10 -2.72
CA VAL A 45 -3.11 3.26 -3.88
C VAL A 45 -3.08 4.71 -4.35
N MET A 46 -4.22 5.38 -4.26
CA MET A 46 -4.33 6.77 -4.68
C MET A 46 -3.35 7.65 -3.89
N ASN A 47 -3.39 7.53 -2.57
CA ASN A 47 -2.52 8.31 -1.71
C ASN A 47 -1.05 7.94 -1.93
N LEU A 48 -0.79 6.64 -2.06
CA LEU A 48 0.56 6.14 -2.27
C LEU A 48 1.15 6.72 -3.56
N GLU A 49 0.37 6.67 -4.63
CA GLU A 49 0.81 7.20 -5.91
C GLU A 49 1.27 8.65 -5.79
N GLU A 50 0.56 9.42 -4.97
CA GLU A 50 0.89 10.82 -4.75
C GLU A 50 2.13 10.97 -3.87
N GLU A 51 2.35 9.98 -3.01
CA GLU A 51 3.50 10.00 -2.11
C GLU A 51 4.78 9.67 -2.87
N PHE A 52 4.75 8.58 -3.62
CA PHE A 52 5.92 8.15 -4.39
C PHE A 52 5.89 8.75 -5.79
N GLY A 53 4.99 9.69 -6.01
CA GLY A 53 4.87 10.33 -7.31
C GLY A 53 4.75 9.32 -8.44
N ILE A 54 4.19 8.16 -8.14
CA ILE A 54 4.02 7.12 -9.14
C ILE A 54 2.56 7.02 -9.59
N ASN A 55 2.27 6.05 -10.46
CA ASN A 55 0.93 5.85 -10.96
C ASN A 55 0.66 4.38 -11.24
N VAL A 56 -0.51 3.90 -10.83
CA VAL A 56 -0.88 2.50 -11.05
C VAL A 56 -2.37 2.37 -11.32
N ASP A 57 -2.73 1.37 -12.12
CA ASP A 57 -4.14 1.14 -12.47
C ASP A 57 -4.76 0.12 -11.53
N GLU A 58 -6.07 0.22 -11.34
CA GLU A 58 -6.79 -0.69 -10.46
C GLU A 58 -6.62 -2.14 -10.91
N ASP A 59 -6.80 -2.38 -12.21
CA ASP A 59 -6.67 -3.72 -12.77
C ASP A 59 -5.29 -4.30 -12.44
N LYS A 60 -4.31 -3.42 -12.24
CA LYS A 60 -2.96 -3.85 -11.92
C LYS A 60 -2.81 -4.15 -10.43
N ALA A 61 -3.66 -3.52 -9.62
CA ALA A 61 -3.63 -3.72 -8.18
C ALA A 61 -4.64 -4.78 -7.75
N GLN A 62 -4.90 -5.73 -8.63
CA GLN A 62 -5.84 -6.80 -8.34
C GLN A 62 -5.23 -7.86 -7.43
N ASP A 63 -4.13 -8.44 -7.87
CA ASP A 63 -3.44 -9.47 -7.10
C ASP A 63 -3.05 -8.93 -5.72
N ILE A 64 -2.90 -7.62 -5.62
CA ILE A 64 -2.53 -6.99 -4.37
C ILE A 64 -3.46 -7.43 -3.23
N SER A 65 -2.89 -7.98 -2.18
CA SER A 65 -3.67 -8.45 -1.03
C SER A 65 -3.07 -7.93 0.28
N THR A 66 -1.76 -8.06 0.42
CA THR A 66 -1.07 -7.60 1.62
C THR A 66 -0.23 -6.36 1.34
N ILE A 67 0.30 -5.76 2.40
CA ILE A 67 1.12 -4.56 2.26
C ILE A 67 2.28 -4.80 1.30
N GLN A 68 3.00 -5.90 1.51
CA GLN A 68 4.13 -6.24 0.65
C GLN A 68 3.74 -6.22 -0.82
N GLN A 69 2.61 -6.85 -1.12
CA GLN A 69 2.12 -6.89 -2.51
C GLN A 69 2.04 -5.50 -3.11
N ALA A 70 1.50 -4.56 -2.34
CA ALA A 70 1.37 -3.18 -2.80
C ALA A 70 2.72 -2.48 -2.85
N ALA A 71 3.65 -2.95 -2.01
CA ALA A 71 4.98 -2.37 -1.95
C ALA A 71 5.81 -2.78 -3.17
N ASP A 72 5.68 -4.04 -3.57
CA ASP A 72 6.40 -4.56 -4.72
C ASP A 72 6.05 -3.79 -5.99
N VAL A 73 4.76 -3.47 -6.14
CA VAL A 73 4.29 -2.74 -7.30
C VAL A 73 4.83 -1.32 -7.32
N ILE A 74 4.86 -0.69 -6.15
CA ILE A 74 5.36 0.68 -6.03
C ILE A 74 6.87 0.72 -6.23
N GLU A 75 7.59 0.00 -5.38
CA GLU A 75 9.05 -0.04 -5.46
C GLU A 75 9.51 -0.42 -6.86
N GLY A 76 8.69 -1.21 -7.56
CA GLY A 76 9.03 -1.62 -8.90
C GLY A 76 9.13 -0.47 -9.87
N LEU A 77 8.36 0.58 -9.61
CA LEU A 77 8.36 1.77 -10.47
C LEU A 77 9.56 2.67 -10.14
N LEU A 78 9.88 2.77 -8.86
CA LEU A 78 11.00 3.59 -8.42
C LEU A 78 12.27 3.26 -9.21
N GLU A 79 12.44 1.97 -9.50
CA GLU A 79 13.61 1.53 -10.25
C GLU A 79 13.61 2.11 -11.67
N LYS A 80 12.42 2.25 -12.25
CA LYS A 80 12.29 2.80 -13.59
C LYS A 80 12.64 4.28 -13.61
N LYS A 81 11.86 5.08 -12.89
CA LYS A 81 12.09 6.52 -12.82
C LYS A 81 13.54 6.83 -12.43
N ALA A 82 14.07 6.04 -11.51
CA ALA A 82 15.44 6.21 -11.05
C ALA A 82 16.35 5.12 -11.60
N ALA A 1 10.44 -6.29 -2.16
CA ALA A 1 10.69 -4.99 -1.57
C ALA A 1 11.55 -5.10 -0.31
N LYS A 2 11.84 -3.96 0.30
CA LYS A 2 12.65 -3.93 1.52
C LYS A 2 11.80 -3.60 2.74
N LYS A 3 12.29 -3.95 3.92
CA LYS A 3 11.58 -3.69 5.16
C LYS A 3 11.30 -2.20 5.32
N GLU A 4 12.13 -1.37 4.69
CA GLU A 4 11.98 0.07 4.77
C GLU A 4 10.79 0.53 3.93
N THR A 5 10.64 -0.05 2.75
CA THR A 5 9.55 0.31 1.85
C THR A 5 8.20 -0.11 2.44
N ILE A 6 8.17 -1.31 3.00
CA ILE A 6 6.94 -1.83 3.60
C ILE A 6 6.42 -0.90 4.69
N ASP A 7 7.34 -0.34 5.47
CA ASP A 7 6.98 0.56 6.54
C ASP A 7 6.32 1.83 6.00
N LYS A 8 6.88 2.36 4.92
CA LYS A 8 6.34 3.57 4.29
C LYS A 8 4.89 3.38 3.89
N VAL A 9 4.61 2.29 3.17
CA VAL A 9 3.25 1.99 2.73
C VAL A 9 2.33 1.72 3.91
N SER A 10 2.78 0.83 4.80
CA SER A 10 1.99 0.48 5.97
C SER A 10 1.58 1.72 6.74
N ASP A 11 2.47 2.71 6.80
CA ASP A 11 2.20 3.95 7.50
C ASP A 11 1.02 4.68 6.87
N ILE A 12 1.00 4.75 5.55
CA ILE A 12 -0.07 5.42 4.83
C ILE A 12 -1.35 4.60 4.87
N VAL A 13 -1.22 3.29 4.73
CA VAL A 13 -2.37 2.40 4.75
C VAL A 13 -3.04 2.41 6.13
N LYS A 14 -2.29 2.06 7.16
CA LYS A 14 -2.80 2.04 8.52
C LYS A 14 -3.44 3.37 8.88
N GLU A 15 -2.91 4.45 8.32
CA GLU A 15 -3.42 5.79 8.59
C GLU A 15 -4.80 5.97 7.97
N LYS A 16 -5.04 5.27 6.87
CA LYS A 16 -6.32 5.35 6.17
C LYS A 16 -7.36 4.45 6.82
N LEU A 17 -6.89 3.42 7.51
CA LEU A 17 -7.78 2.48 8.20
C LEU A 17 -7.94 2.84 9.67
N ALA A 18 -7.08 3.75 10.14
CA ALA A 18 -7.13 4.19 11.53
C ALA A 18 -6.10 5.28 11.79
N LEU A 19 -5.95 5.66 13.06
CA LEU A 19 -5.01 6.70 13.44
C LEU A 19 -3.58 6.15 13.45
N GLY A 20 -3.46 4.84 13.57
CA GLY A 20 -2.14 4.21 13.57
C GLY A 20 -1.65 3.92 14.98
N ALA A 21 -2.47 4.25 15.97
CA ALA A 21 -2.12 4.02 17.36
C ALA A 21 -2.78 2.75 17.90
N ASP A 22 -4.03 2.53 17.50
CA ASP A 22 -4.77 1.36 17.94
C ASP A 22 -4.85 0.32 16.83
N VAL A 23 -4.07 0.52 15.77
CA VAL A 23 -4.06 -0.40 14.65
C VAL A 23 -2.63 -0.78 14.27
N VAL A 24 -2.43 -2.06 13.96
CA VAL A 24 -1.11 -2.56 13.58
C VAL A 24 -1.15 -3.23 12.22
N VAL A 25 -0.35 -2.71 11.29
CA VAL A 25 -0.29 -3.26 9.93
C VAL A 25 1.08 -3.85 9.64
N THR A 26 1.09 -5.05 9.07
CA THR A 26 2.33 -5.73 8.73
C THR A 26 2.34 -6.20 7.29
N ALA A 27 3.46 -6.75 6.84
CA ALA A 27 3.59 -7.24 5.48
C ALA A 27 2.70 -8.46 5.26
N ASP A 28 2.38 -9.17 6.34
CA ASP A 28 1.54 -10.35 6.25
C ASP A 28 0.06 -9.98 6.35
N SER A 29 -0.21 -8.79 6.88
CA SER A 29 -1.58 -8.31 7.04
C SER A 29 -2.19 -7.98 5.69
N GLU A 30 -3.39 -8.50 5.45
CA GLU A 30 -4.10 -8.27 4.19
C GLU A 30 -5.04 -7.07 4.31
N PHE A 31 -5.04 -6.22 3.29
CA PHE A 31 -5.89 -5.05 3.27
C PHE A 31 -7.34 -5.41 3.56
N SER A 32 -7.73 -6.62 3.14
CA SER A 32 -9.09 -7.10 3.35
C SER A 32 -9.30 -7.51 4.80
N LYS A 33 -8.28 -8.09 5.40
CA LYS A 33 -8.34 -8.54 6.79
C LYS A 33 -8.23 -7.36 7.75
N LEU A 34 -7.51 -6.33 7.33
CA LEU A 34 -7.32 -5.14 8.15
C LEU A 34 -8.64 -4.38 8.32
N GLY A 35 -9.57 -4.63 7.41
CA GLY A 35 -10.87 -3.96 7.47
C GLY A 35 -11.09 -3.03 6.31
N ALA A 36 -10.06 -2.85 5.48
CA ALA A 36 -10.15 -1.97 4.32
C ALA A 36 -11.20 -2.48 3.32
N ASP A 37 -12.30 -1.77 3.21
CA ASP A 37 -13.38 -2.15 2.29
C ASP A 37 -12.98 -1.86 0.85
N SER A 38 -13.93 -2.02 -0.06
CA SER A 38 -13.69 -1.77 -1.48
C SER A 38 -13.40 -0.29 -1.73
N LEU A 39 -14.08 0.57 -0.97
CA LEU A 39 -13.91 2.00 -1.11
C LEU A 39 -12.63 2.47 -0.41
N ASP A 40 -12.21 1.72 0.59
CA ASP A 40 -10.99 2.05 1.34
C ASP A 40 -9.76 1.58 0.59
N THR A 41 -9.73 0.30 0.22
CA THR A 41 -8.60 -0.27 -0.49
C THR A 41 -8.19 0.61 -1.67
N VAL A 42 -9.15 0.97 -2.50
CA VAL A 42 -8.88 1.81 -3.66
C VAL A 42 -8.15 3.09 -3.25
N GLU A 43 -8.48 3.60 -2.07
CA GLU A 43 -7.85 4.81 -1.57
C GLU A 43 -6.42 4.53 -1.09
N ILE A 44 -6.19 3.30 -0.64
CA ILE A 44 -4.88 2.91 -0.16
C ILE A 44 -3.82 3.05 -1.25
N VAL A 45 -4.18 2.65 -2.47
CA VAL A 45 -3.27 2.74 -3.61
C VAL A 45 -3.12 4.18 -4.07
N MET A 46 -4.24 4.84 -4.31
CA MET A 46 -4.23 6.23 -4.76
C MET A 46 -3.36 7.10 -3.86
N ASN A 47 -3.32 6.74 -2.57
CA ASN A 47 -2.52 7.48 -1.61
C ASN A 47 -1.03 7.24 -1.82
N LEU A 48 -0.70 6.01 -2.20
CA LEU A 48 0.70 5.65 -2.44
C LEU A 48 1.27 6.42 -3.62
N GLU A 49 0.55 6.40 -4.73
CA GLU A 49 0.98 7.10 -5.94
C GLU A 49 1.25 8.57 -5.64
N GLU A 50 0.44 9.16 -4.77
CA GLU A 50 0.59 10.56 -4.41
C GLU A 50 1.77 10.74 -3.46
N GLU A 51 2.07 9.71 -2.70
CA GLU A 51 3.18 9.76 -1.74
C GLU A 51 4.52 9.61 -2.46
N PHE A 52 4.64 8.56 -3.28
CA PHE A 52 5.86 8.31 -4.01
C PHE A 52 5.83 8.99 -5.38
N GLY A 53 4.80 9.80 -5.60
CA GLY A 53 4.67 10.50 -6.86
C GLY A 53 4.77 9.57 -8.06
N ILE A 54 4.32 8.34 -7.88
CA ILE A 54 4.36 7.35 -8.95
C ILE A 54 2.98 7.16 -9.58
N ASN A 55 2.93 6.39 -10.66
CA ASN A 55 1.68 6.12 -11.36
C ASN A 55 1.55 4.64 -11.70
N VAL A 56 0.39 4.06 -11.39
CA VAL A 56 0.14 2.66 -11.67
C VAL A 56 -1.34 2.40 -11.90
N ASP A 57 -1.65 1.58 -12.90
CA ASP A 57 -3.03 1.24 -13.21
C ASP A 57 -3.64 0.35 -12.14
N GLU A 58 -4.95 0.48 -11.93
CA GLU A 58 -5.64 -0.32 -10.93
C GLU A 58 -5.67 -1.79 -11.33
N ASP A 59 -5.91 -2.04 -12.62
CA ASP A 59 -5.96 -3.41 -13.13
C ASP A 59 -4.67 -4.15 -12.82
N LYS A 60 -3.58 -3.41 -12.67
CA LYS A 60 -2.28 -4.00 -12.37
C LYS A 60 -2.13 -4.24 -10.87
N ALA A 61 -2.87 -3.48 -10.06
CA ALA A 61 -2.83 -3.61 -8.61
C ALA A 61 -3.94 -4.51 -8.12
N GLN A 62 -4.34 -5.47 -8.95
CA GLN A 62 -5.40 -6.40 -8.58
C GLN A 62 -4.90 -7.46 -7.61
N ASP A 63 -3.77 -8.09 -7.95
CA ASP A 63 -3.18 -9.12 -7.11
C ASP A 63 -2.84 -8.56 -5.73
N ILE A 64 -2.70 -7.25 -5.64
CA ILE A 64 -2.37 -6.59 -4.39
C ILE A 64 -3.33 -7.01 -3.28
N SER A 65 -2.80 -7.68 -2.27
CA SER A 65 -3.61 -8.15 -1.15
C SER A 65 -3.01 -7.71 0.17
N THR A 66 -1.69 -7.81 0.28
CA THR A 66 -0.99 -7.42 1.50
C THR A 66 -0.12 -6.18 1.27
N ILE A 67 0.40 -5.64 2.35
CA ILE A 67 1.25 -4.45 2.27
C ILE A 67 2.41 -4.67 1.31
N GLN A 68 3.08 -5.80 1.46
CA GLN A 68 4.22 -6.13 0.61
C GLN A 68 3.82 -6.12 -0.86
N GLN A 69 2.68 -6.74 -1.17
CA GLN A 69 2.19 -6.79 -2.55
C GLN A 69 2.11 -5.40 -3.15
N ALA A 70 1.55 -4.46 -2.40
CA ALA A 70 1.41 -3.09 -2.86
C ALA A 70 2.77 -2.39 -2.93
N ALA A 71 3.70 -2.85 -2.09
CA ALA A 71 5.04 -2.27 -2.06
C ALA A 71 5.85 -2.70 -3.26
N ASP A 72 5.82 -3.99 -3.58
CA ASP A 72 6.55 -4.52 -4.73
C ASP A 72 6.24 -3.73 -5.99
N VAL A 73 4.97 -3.37 -6.16
CA VAL A 73 4.54 -2.61 -7.33
C VAL A 73 5.15 -1.21 -7.32
N ILE A 74 5.32 -0.65 -6.13
CA ILE A 74 5.88 0.69 -5.98
C ILE A 74 7.36 0.70 -6.33
N GLU A 75 8.13 -0.10 -5.60
CA GLU A 75 9.57 -0.19 -5.83
C GLU A 75 9.88 -0.52 -7.29
N GLY A 76 8.96 -1.24 -7.93
CA GLY A 76 9.15 -1.61 -9.31
C GLY A 76 9.13 -0.41 -10.24
N LEU A 77 8.37 0.61 -9.87
CA LEU A 77 8.26 1.82 -10.68
C LEU A 77 9.47 2.73 -10.44
N LEU A 78 9.83 2.91 -9.17
CA LEU A 78 10.95 3.76 -8.81
C LEU A 78 12.20 3.36 -9.59
N GLU A 79 12.35 2.06 -9.83
CA GLU A 79 13.51 1.55 -10.57
C GLU A 79 13.31 1.75 -12.08
N LYS A 80 12.06 1.70 -12.52
CA LYS A 80 11.74 1.87 -13.93
C LYS A 80 11.95 3.32 -14.37
N LYS A 81 11.41 4.25 -13.60
CA LYS A 81 11.54 5.67 -13.90
C LYS A 81 13.01 6.10 -13.91
N ALA A 82 13.29 7.21 -14.57
CA ALA A 82 14.65 7.72 -14.64
C ALA A 82 15.58 6.72 -15.33
N ALA A 1 10.38 -5.86 -2.67
CA ALA A 1 10.57 -4.57 -2.02
C ALA A 1 11.48 -4.70 -0.80
N LYS A 2 11.72 -3.59 -0.11
CA LYS A 2 12.56 -3.58 1.08
C LYS A 2 11.74 -3.32 2.33
N LYS A 3 12.34 -3.60 3.49
CA LYS A 3 11.66 -3.40 4.76
C LYS A 3 11.28 -1.93 4.95
N GLU A 4 12.04 -1.04 4.30
CA GLU A 4 11.78 0.39 4.39
C GLU A 4 10.53 0.77 3.61
N THR A 5 10.45 0.31 2.36
CA THR A 5 9.32 0.60 1.51
C THR A 5 8.02 0.12 2.14
N ILE A 6 8.08 -1.03 2.81
CA ILE A 6 6.90 -1.60 3.46
C ILE A 6 6.43 -0.71 4.61
N ASP A 7 7.37 -0.14 5.34
CA ASP A 7 7.05 0.74 6.46
C ASP A 7 6.35 2.01 5.98
N LYS A 8 6.69 2.44 4.77
CA LYS A 8 6.09 3.64 4.19
C LYS A 8 4.64 3.38 3.81
N VAL A 9 4.41 2.30 3.08
CA VAL A 9 3.07 1.94 2.64
C VAL A 9 2.15 1.66 3.83
N SER A 10 2.62 0.83 4.75
CA SER A 10 1.85 0.48 5.93
C SER A 10 1.49 1.73 6.73
N ASP A 11 2.39 2.69 6.74
CA ASP A 11 2.16 3.95 7.46
C ASP A 11 0.93 4.67 6.93
N ILE A 12 0.79 4.69 5.60
CA ILE A 12 -0.35 5.34 4.98
C ILE A 12 -1.60 4.48 5.07
N VAL A 13 -1.47 3.21 4.73
CA VAL A 13 -2.59 2.27 4.79
C VAL A 13 -3.26 2.31 6.15
N LYS A 14 -2.50 1.99 7.19
CA LYS A 14 -3.02 1.99 8.55
C LYS A 14 -3.70 3.31 8.89
N GLU A 15 -3.18 4.39 8.30
CA GLU A 15 -3.75 5.72 8.53
C GLU A 15 -5.12 5.85 7.90
N LYS A 16 -5.32 5.15 6.79
CA LYS A 16 -6.60 5.19 6.09
C LYS A 16 -7.60 4.24 6.72
N LEU A 17 -7.09 3.24 7.43
CA LEU A 17 -7.95 2.25 8.09
C LEU A 17 -8.15 2.61 9.56
N ALA A 18 -7.36 3.57 10.05
CA ALA A 18 -7.45 4.00 11.44
C ALA A 18 -6.48 5.14 11.71
N LEU A 19 -6.42 5.57 12.97
CA LEU A 19 -5.53 6.65 13.37
C LEU A 19 -4.08 6.20 13.34
N GLY A 20 -3.86 4.89 13.42
CA GLY A 20 -2.52 4.36 13.39
C GLY A 20 -2.01 3.99 14.77
N ALA A 21 -2.75 4.38 15.80
CA ALA A 21 -2.38 4.08 17.18
C ALA A 21 -3.17 2.90 17.71
N ASP A 22 -4.37 2.70 17.18
CA ASP A 22 -5.21 1.60 17.60
C ASP A 22 -5.25 0.50 16.55
N VAL A 23 -4.34 0.58 15.58
CA VAL A 23 -4.26 -0.41 14.52
C VAL A 23 -2.83 -0.91 14.32
N VAL A 24 -2.70 -2.14 13.85
CA VAL A 24 -1.39 -2.74 13.62
C VAL A 24 -1.30 -3.35 12.23
N VAL A 25 -0.47 -2.76 11.38
CA VAL A 25 -0.29 -3.25 10.02
C VAL A 25 1.13 -3.77 9.80
N THR A 26 1.25 -4.84 9.03
CA THR A 26 2.56 -5.43 8.75
C THR A 26 2.57 -6.09 7.37
N ALA A 27 3.77 -6.41 6.88
CA ALA A 27 3.92 -7.04 5.59
C ALA A 27 3.14 -8.35 5.52
N ASP A 28 2.92 -8.95 6.68
CA ASP A 28 2.18 -10.21 6.76
C ASP A 28 0.68 -9.96 6.82
N SER A 29 0.30 -8.75 7.22
CA SER A 29 -1.10 -8.39 7.33
C SER A 29 -1.74 -8.23 5.95
N GLU A 30 -3.02 -8.61 5.84
CA GLU A 30 -3.73 -8.52 4.58
C GLU A 30 -4.73 -7.37 4.61
N PHE A 31 -4.79 -6.62 3.50
CA PHE A 31 -5.71 -5.48 3.41
C PHE A 31 -7.13 -5.91 3.77
N SER A 32 -7.46 -7.16 3.51
CA SER A 32 -8.79 -7.68 3.80
C SER A 32 -8.95 -7.95 5.31
N LYS A 33 -7.86 -8.38 5.94
CA LYS A 33 -7.88 -8.67 7.38
C LYS A 33 -7.84 -7.37 8.19
N LEU A 34 -7.10 -6.38 7.68
CA LEU A 34 -6.98 -5.10 8.37
C LEU A 34 -8.30 -4.34 8.32
N GLY A 35 -9.17 -4.71 7.39
CA GLY A 35 -10.46 -4.06 7.27
C GLY A 35 -10.59 -3.28 5.97
N ALA A 36 -9.45 -2.99 5.34
CA ALA A 36 -9.45 -2.25 4.08
C ALA A 36 -10.30 -2.95 3.03
N ASP A 37 -11.43 -2.36 2.68
CA ASP A 37 -12.33 -2.93 1.69
C ASP A 37 -11.92 -2.51 0.29
N SER A 38 -12.55 -3.10 -0.72
CA SER A 38 -12.25 -2.79 -2.11
C SER A 38 -12.48 -1.31 -2.39
N LEU A 39 -13.32 -0.68 -1.57
CA LEU A 39 -13.62 0.74 -1.73
C LEU A 39 -12.49 1.61 -1.18
N ASP A 40 -11.83 1.12 -0.13
CA ASP A 40 -10.74 1.85 0.48
C ASP A 40 -9.44 1.66 -0.30
N THR A 41 -9.31 0.48 -0.93
CA THR A 41 -8.13 0.17 -1.71
C THR A 41 -7.78 1.30 -2.67
N VAL A 42 -8.79 1.79 -3.38
CA VAL A 42 -8.59 2.89 -4.33
C VAL A 42 -7.88 4.06 -3.68
N GLU A 43 -8.18 4.29 -2.40
CA GLU A 43 -7.57 5.40 -1.67
C GLU A 43 -6.13 5.06 -1.29
N ILE A 44 -5.85 3.78 -1.11
CA ILE A 44 -4.51 3.33 -0.75
C ILE A 44 -3.52 3.59 -1.88
N VAL A 45 -3.94 3.30 -3.11
CA VAL A 45 -3.09 3.50 -4.28
C VAL A 45 -2.92 4.98 -4.58
N MET A 46 -3.98 5.76 -4.33
CA MET A 46 -3.94 7.19 -4.58
C MET A 46 -2.99 7.89 -3.61
N ASN A 47 -3.13 7.57 -2.32
CA ASN A 47 -2.29 8.17 -1.30
C ASN A 47 -0.83 7.80 -1.51
N LEU A 48 -0.59 6.57 -1.94
CA LEU A 48 0.76 6.09 -2.18
C LEU A 48 1.35 6.71 -3.45
N GLU A 49 0.54 6.74 -4.51
CA GLU A 49 0.97 7.32 -5.78
C GLU A 49 1.47 8.75 -5.58
N GLU A 50 0.78 9.50 -4.74
CA GLU A 50 1.15 10.89 -4.46
C GLU A 50 2.38 10.96 -3.57
N GLU A 51 2.56 9.93 -2.74
CA GLU A 51 3.70 9.88 -1.83
C GLU A 51 4.99 9.60 -2.59
N PHE A 52 4.97 8.54 -3.39
CA PHE A 52 6.14 8.16 -4.18
C PHE A 52 6.12 8.81 -5.55
N GLY A 53 5.12 9.67 -5.77
CA GLY A 53 5.00 10.35 -7.05
C GLY A 53 5.04 9.39 -8.23
N ILE A 54 4.48 8.20 -8.04
CA ILE A 54 4.46 7.18 -9.08
C ILE A 54 3.13 7.20 -9.83
N ASN A 55 2.98 6.29 -10.78
CA ASN A 55 1.76 6.20 -11.57
C ASN A 55 1.30 4.75 -11.70
N VAL A 56 0.21 4.41 -11.01
CA VAL A 56 -0.33 3.05 -11.05
C VAL A 56 -1.84 3.07 -10.88
N ASP A 57 -2.52 2.14 -11.55
CA ASP A 57 -3.97 2.04 -11.47
C ASP A 57 -4.38 0.86 -10.60
N GLU A 58 -5.55 0.97 -9.97
CA GLU A 58 -6.06 -0.09 -9.11
C GLU A 58 -6.23 -1.38 -9.89
N ASP A 59 -6.66 -1.27 -11.14
CA ASP A 59 -6.87 -2.44 -11.99
C ASP A 59 -5.60 -3.30 -12.06
N LYS A 60 -4.45 -2.65 -11.88
CA LYS A 60 -3.17 -3.35 -11.92
C LYS A 60 -2.81 -3.89 -10.54
N ALA A 61 -3.33 -3.25 -9.50
CA ALA A 61 -3.06 -3.67 -8.13
C ALA A 61 -4.17 -4.57 -7.60
N GLN A 62 -4.83 -5.28 -8.50
CA GLN A 62 -5.92 -6.18 -8.12
C GLN A 62 -5.39 -7.37 -7.35
N ASP A 63 -4.37 -8.01 -7.88
CA ASP A 63 -3.77 -9.18 -7.25
C ASP A 63 -3.27 -8.84 -5.85
N ILE A 64 -2.98 -7.56 -5.62
CA ILE A 64 -2.50 -7.10 -4.32
C ILE A 64 -3.42 -7.56 -3.20
N SER A 65 -2.84 -8.23 -2.21
CA SER A 65 -3.61 -8.73 -1.07
C SER A 65 -3.00 -8.27 0.25
N THR A 66 -1.67 -8.27 0.31
CA THR A 66 -0.96 -7.86 1.51
C THR A 66 -0.13 -6.61 1.25
N ILE A 67 0.31 -5.97 2.33
CA ILE A 67 1.12 -4.75 2.21
C ILE A 67 2.31 -4.97 1.30
N GLN A 68 3.03 -6.06 1.52
CA GLN A 68 4.20 -6.39 0.70
C GLN A 68 3.85 -6.37 -0.79
N GLN A 69 2.75 -7.05 -1.13
CA GLN A 69 2.31 -7.11 -2.52
C GLN A 69 2.20 -5.71 -3.12
N ALA A 70 1.62 -4.79 -2.36
CA ALA A 70 1.45 -3.41 -2.81
C ALA A 70 2.78 -2.68 -2.85
N ALA A 71 3.70 -3.10 -1.99
CA ALA A 71 5.02 -2.48 -1.92
C ALA A 71 5.88 -2.89 -3.11
N ASP A 72 5.65 -4.08 -3.63
CA ASP A 72 6.40 -4.59 -4.77
C ASP A 72 6.00 -3.85 -6.05
N VAL A 73 4.70 -3.74 -6.28
CA VAL A 73 4.20 -3.06 -7.47
C VAL A 73 4.73 -1.63 -7.55
N ILE A 74 4.81 -0.97 -6.41
CA ILE A 74 5.31 0.41 -6.36
C ILE A 74 6.78 0.47 -6.74
N GLU A 75 7.60 -0.32 -6.05
CA GLU A 75 9.03 -0.36 -6.31
C GLU A 75 9.31 -0.59 -7.79
N GLY A 76 8.43 -1.37 -8.43
CA GLY A 76 8.60 -1.66 -9.84
C GLY A 76 8.66 -0.41 -10.69
N LEU A 77 7.91 0.61 -10.29
CA LEU A 77 7.89 1.86 -11.03
C LEU A 77 9.12 2.71 -10.72
N LEU A 78 9.54 2.70 -9.45
CA LEU A 78 10.70 3.46 -9.03
C LEU A 78 11.90 3.15 -9.91
N GLU A 79 12.12 1.88 -10.20
CA GLU A 79 13.23 1.45 -11.04
C GLU A 79 13.05 1.94 -12.48
N LYS A 80 11.79 2.07 -12.89
CA LYS A 80 11.48 2.54 -14.24
C LYS A 80 12.09 3.91 -14.49
N LYS A 81 11.95 4.80 -13.52
CA LYS A 81 12.48 6.16 -13.64
C LYS A 81 13.97 6.19 -13.30
N ALA A 82 14.38 5.32 -12.37
CA ALA A 82 15.77 5.25 -11.96
C ALA A 82 16.30 3.81 -12.06
N ALA A 1 10.32 -6.28 -2.87
CA ALA A 1 10.22 -5.04 -2.12
C ALA A 1 11.26 -4.98 -0.99
N LYS A 2 11.46 -3.79 -0.45
CA LYS A 2 12.42 -3.60 0.63
C LYS A 2 11.72 -3.25 1.94
N LYS A 3 12.37 -3.54 3.06
CA LYS A 3 11.81 -3.25 4.37
C LYS A 3 11.44 -1.78 4.49
N GLU A 4 12.13 -0.94 3.73
CA GLU A 4 11.88 0.50 3.76
C GLU A 4 10.54 0.83 3.09
N THR A 5 10.36 0.33 1.88
CA THR A 5 9.12 0.57 1.14
C THR A 5 7.90 0.12 1.94
N ILE A 6 7.99 -1.06 2.53
CA ILE A 6 6.90 -1.61 3.32
C ILE A 6 6.48 -0.64 4.41
N ASP A 7 7.46 0.01 5.03
CA ASP A 7 7.19 0.97 6.10
C ASP A 7 6.47 2.20 5.56
N LYS A 8 6.85 2.61 4.34
CA LYS A 8 6.25 3.77 3.71
C LYS A 8 4.78 3.52 3.38
N VAL A 9 4.53 2.43 2.64
CA VAL A 9 3.16 2.07 2.26
C VAL A 9 2.30 1.80 3.49
N SER A 10 2.76 0.89 4.34
CA SER A 10 2.03 0.52 5.55
C SER A 10 1.69 1.77 6.37
N ASP A 11 2.66 2.67 6.52
CA ASP A 11 2.46 3.90 7.27
C ASP A 11 1.21 4.63 6.78
N ILE A 12 1.03 4.68 5.47
CA ILE A 12 -0.12 5.35 4.88
C ILE A 12 -1.36 4.47 4.96
N VAL A 13 -1.18 3.18 4.76
CA VAL A 13 -2.29 2.24 4.80
C VAL A 13 -2.98 2.26 6.16
N LYS A 14 -2.19 2.03 7.22
CA LYS A 14 -2.72 2.04 8.57
C LYS A 14 -3.36 3.38 8.91
N GLU A 15 -2.82 4.45 8.32
CA GLU A 15 -3.33 5.78 8.56
C GLU A 15 -4.69 5.98 7.90
N LYS A 16 -4.90 5.29 6.78
CA LYS A 16 -6.16 5.38 6.05
C LYS A 16 -7.21 4.46 6.67
N LEU A 17 -6.75 3.42 7.36
CA LEU A 17 -7.66 2.47 8.00
C LEU A 17 -7.85 2.81 9.48
N ALA A 18 -7.01 3.71 9.98
CA ALA A 18 -7.10 4.13 11.38
C ALA A 18 -6.06 5.20 11.69
N LEU A 19 -5.88 5.49 12.98
CA LEU A 19 -4.92 6.49 13.42
C LEU A 19 -3.49 6.00 13.21
N GLY A 20 -3.33 4.68 13.14
CA GLY A 20 -2.01 4.10 12.94
C GLY A 20 -1.29 3.86 14.25
N ALA A 21 -1.84 4.40 15.34
CA ALA A 21 -1.24 4.24 16.66
C ALA A 21 -1.93 3.13 17.46
N ASP A 22 -3.21 2.93 17.17
CA ASP A 22 -3.98 1.89 17.86
C ASP A 22 -4.22 0.70 16.95
N VAL A 23 -3.50 0.65 15.83
CA VAL A 23 -3.63 -0.44 14.87
C VAL A 23 -2.28 -1.01 14.49
N VAL A 24 -2.19 -2.33 14.43
CA VAL A 24 -0.94 -3.00 14.08
C VAL A 24 -1.03 -3.62 12.69
N VAL A 25 -0.15 -3.18 11.79
CA VAL A 25 -0.13 -3.71 10.42
C VAL A 25 1.17 -4.45 10.15
N THR A 26 1.08 -5.48 9.30
CA THR A 26 2.25 -6.28 8.95
C THR A 26 2.34 -6.48 7.44
N ALA A 27 3.48 -6.98 6.99
CA ALA A 27 3.68 -7.24 5.56
C ALA A 27 2.82 -8.40 5.08
N ASP A 28 2.45 -9.28 6.01
CA ASP A 28 1.62 -10.43 5.68
C ASP A 28 0.14 -10.11 5.84
N SER A 29 -0.15 -9.03 6.56
CA SER A 29 -1.52 -8.60 6.79
C SER A 29 -2.22 -8.25 5.48
N GLU A 30 -3.41 -8.80 5.28
CA GLU A 30 -4.17 -8.53 4.06
C GLU A 30 -5.04 -7.29 4.22
N PHE A 31 -5.07 -6.46 3.19
CA PHE A 31 -5.86 -5.24 3.23
C PHE A 31 -7.31 -5.54 3.58
N SER A 32 -7.77 -6.74 3.21
CA SER A 32 -9.14 -7.15 3.48
C SER A 32 -9.31 -7.53 4.95
N LYS A 33 -8.25 -8.07 5.54
CA LYS A 33 -8.28 -8.47 6.94
C LYS A 33 -8.16 -7.26 7.86
N LEU A 34 -7.38 -6.27 7.43
CA LEU A 34 -7.18 -5.06 8.21
C LEU A 34 -8.47 -4.26 8.31
N GLY A 35 -9.39 -4.51 7.38
CA GLY A 35 -10.66 -3.80 7.38
C GLY A 35 -10.78 -2.83 6.22
N ALA A 36 -9.95 -3.02 5.20
CA ALA A 36 -9.97 -2.15 4.03
C ALA A 36 -10.82 -2.76 2.92
N ASP A 37 -11.97 -2.14 2.65
CA ASP A 37 -12.88 -2.62 1.62
C ASP A 37 -12.48 -2.06 0.26
N SER A 38 -13.32 -2.31 -0.75
CA SER A 38 -13.05 -1.83 -2.10
C SER A 38 -12.95 -0.31 -2.13
N LEU A 39 -13.62 0.34 -1.19
CA LEU A 39 -13.61 1.80 -1.10
C LEU A 39 -12.33 2.29 -0.43
N ASP A 40 -11.78 1.47 0.45
CA ASP A 40 -10.54 1.82 1.16
C ASP A 40 -9.32 1.55 0.29
N THR A 41 -9.22 0.33 -0.22
CA THR A 41 -8.10 -0.06 -1.07
C THR A 41 -7.86 0.96 -2.16
N VAL A 42 -8.92 1.30 -2.89
CA VAL A 42 -8.83 2.28 -3.97
C VAL A 42 -8.17 3.57 -3.50
N GLU A 43 -8.43 3.94 -2.25
CA GLU A 43 -7.87 5.15 -1.68
C GLU A 43 -6.39 4.96 -1.34
N ILE A 44 -6.01 3.72 -1.04
CA ILE A 44 -4.63 3.40 -0.71
C ILE A 44 -3.70 3.70 -1.88
N VAL A 45 -4.15 3.35 -3.08
CA VAL A 45 -3.35 3.59 -4.29
C VAL A 45 -3.27 5.06 -4.61
N MET A 46 -4.38 5.77 -4.40
CA MET A 46 -4.43 7.21 -4.67
C MET A 46 -3.46 7.96 -3.77
N ASN A 47 -3.42 7.58 -2.50
CA ASN A 47 -2.53 8.22 -1.54
C ASN A 47 -1.07 7.90 -1.83
N LEU A 48 -0.80 6.63 -2.10
CA LEU A 48 0.56 6.18 -2.40
C LEU A 48 1.08 6.84 -3.67
N GLU A 49 0.28 6.79 -4.73
CA GLU A 49 0.66 7.38 -6.01
C GLU A 49 1.01 8.86 -5.84
N GLU A 50 0.32 9.52 -4.91
CA GLU A 50 0.56 10.94 -4.65
C GLU A 50 1.85 11.14 -3.86
N GLU A 51 2.16 10.17 -3.01
CA GLU A 51 3.37 10.23 -2.20
C GLU A 51 4.62 9.99 -3.04
N PHE A 52 4.61 8.88 -3.79
CA PHE A 52 5.73 8.52 -4.64
C PHE A 52 5.59 9.15 -6.02
N GLY A 53 4.56 9.98 -6.18
CA GLY A 53 4.34 10.63 -7.46
C GLY A 53 4.31 9.66 -8.62
N ILE A 54 3.91 8.42 -8.33
CA ILE A 54 3.84 7.39 -9.36
C ILE A 54 2.42 7.25 -9.90
N ASN A 55 2.23 6.30 -10.82
CA ASN A 55 0.92 6.07 -11.42
C ASN A 55 0.68 4.58 -11.63
N VAL A 56 -0.44 4.09 -11.11
CA VAL A 56 -0.80 2.69 -11.25
C VAL A 56 -2.29 2.51 -11.48
N ASP A 57 -2.65 1.47 -12.22
CA ASP A 57 -4.06 1.19 -12.52
C ASP A 57 -4.64 0.18 -11.54
N GLU A 58 -5.93 0.28 -11.28
CA GLU A 58 -6.60 -0.63 -10.36
C GLU A 58 -6.40 -2.08 -10.79
N ASP A 59 -6.55 -2.33 -12.09
CA ASP A 59 -6.39 -3.67 -12.63
C ASP A 59 -5.04 -4.26 -12.25
N LYS A 60 -4.05 -3.39 -12.12
CA LYS A 60 -2.70 -3.81 -11.76
C LYS A 60 -2.60 -4.11 -10.26
N ALA A 61 -3.48 -3.48 -9.49
CA ALA A 61 -3.49 -3.69 -8.04
C ALA A 61 -4.52 -4.74 -7.65
N GLN A 62 -4.76 -5.69 -8.56
CA GLN A 62 -5.71 -6.76 -8.30
C GLN A 62 -5.09 -7.87 -7.46
N ASP A 63 -3.99 -8.43 -7.97
CA ASP A 63 -3.29 -9.50 -7.27
C ASP A 63 -2.88 -9.06 -5.86
N ILE A 64 -2.73 -7.75 -5.68
CA ILE A 64 -2.34 -7.20 -4.40
C ILE A 64 -3.24 -7.72 -3.28
N SER A 65 -2.63 -8.22 -2.21
CA SER A 65 -3.38 -8.75 -1.08
C SER A 65 -2.90 -8.13 0.23
N THR A 66 -1.60 -8.22 0.47
CA THR A 66 -1.01 -7.67 1.69
C THR A 66 -0.17 -6.44 1.38
N ILE A 67 0.39 -5.83 2.42
CA ILE A 67 1.23 -4.64 2.27
C ILE A 67 2.39 -4.92 1.32
N GLN A 68 3.10 -6.01 1.56
CA GLN A 68 4.24 -6.38 0.73
C GLN A 68 3.86 -6.39 -0.75
N GLN A 69 2.73 -7.01 -1.06
CA GLN A 69 2.26 -7.08 -2.44
C GLN A 69 2.18 -5.69 -3.07
N ALA A 70 1.61 -4.75 -2.33
CA ALA A 70 1.49 -3.38 -2.82
C ALA A 70 2.85 -2.68 -2.84
N ALA A 71 3.77 -3.14 -2.01
CA ALA A 71 5.10 -2.57 -1.94
C ALA A 71 5.93 -2.96 -3.16
N ASP A 72 5.73 -4.19 -3.64
CA ASP A 72 6.47 -4.69 -4.79
C ASP A 72 6.08 -3.93 -6.05
N VAL A 73 4.79 -3.58 -6.16
CA VAL A 73 4.30 -2.85 -7.32
C VAL A 73 4.84 -1.42 -7.33
N ILE A 74 4.80 -0.77 -6.18
CA ILE A 74 5.29 0.60 -6.06
C ILE A 74 6.80 0.67 -6.23
N GLU A 75 7.52 -0.08 -5.39
CA GLU A 75 8.97 -0.11 -5.46
C GLU A 75 9.45 -0.44 -6.87
N GLY A 76 8.66 -1.23 -7.59
CA GLY A 76 9.02 -1.60 -8.94
C GLY A 76 9.07 -0.41 -9.88
N LEU A 77 8.23 0.59 -9.61
CA LEU A 77 8.18 1.78 -10.44
C LEU A 77 9.33 2.74 -10.10
N LEU A 78 9.59 2.88 -8.80
CA LEU A 78 10.67 3.76 -8.34
C LEU A 78 12.03 3.26 -8.81
N GLU A 79 12.15 1.95 -8.97
CA GLU A 79 13.39 1.35 -9.42
C GLU A 79 13.70 1.73 -10.86
N LYS A 80 12.65 2.03 -11.62
CA LYS A 80 12.79 2.41 -13.01
C LYS A 80 13.23 3.87 -13.13
N LYS A 81 12.43 4.77 -12.58
CA LYS A 81 12.73 6.19 -12.61
C LYS A 81 14.02 6.50 -11.87
N ALA A 82 14.28 5.74 -10.80
CA ALA A 82 15.49 5.93 -10.01
C ALA A 82 16.15 4.58 -9.71
N ALA A 1 10.64 -5.70 -2.95
CA ALA A 1 10.54 -4.54 -2.07
C ALA A 1 11.40 -4.72 -0.82
N LYS A 2 11.61 -3.64 -0.10
CA LYS A 2 12.41 -3.69 1.13
C LYS A 2 11.55 -3.41 2.35
N LYS A 3 12.01 -3.85 3.51
CA LYS A 3 11.28 -3.65 4.76
C LYS A 3 10.93 -2.18 4.95
N GLU A 4 11.79 -1.30 4.44
CA GLU A 4 11.55 0.14 4.56
C GLU A 4 10.36 0.57 3.72
N THR A 5 10.29 0.06 2.49
CA THR A 5 9.19 0.39 1.59
C THR A 5 7.85 -0.09 2.15
N ILE A 6 7.86 -1.27 2.77
CA ILE A 6 6.66 -1.83 3.35
C ILE A 6 6.11 -0.95 4.45
N ASP A 7 7.01 -0.34 5.22
CA ASP A 7 6.62 0.55 6.31
C ASP A 7 5.92 1.80 5.77
N LYS A 8 6.43 2.33 4.66
CA LYS A 8 5.85 3.51 4.05
C LYS A 8 4.41 3.27 3.63
N VAL A 9 4.19 2.23 2.83
CA VAL A 9 2.85 1.90 2.38
C VAL A 9 1.92 1.62 3.55
N SER A 10 2.31 0.67 4.39
CA SER A 10 1.51 0.30 5.56
C SER A 10 1.20 1.52 6.42
N ASP A 11 2.15 2.46 6.47
CA ASP A 11 1.97 3.68 7.25
C ASP A 11 0.80 4.49 6.73
N ILE A 12 0.68 4.59 5.41
CA ILE A 12 -0.40 5.34 4.78
C ILE A 12 -1.70 4.56 4.81
N VAL A 13 -1.63 3.28 4.48
CA VAL A 13 -2.81 2.41 4.48
C VAL A 13 -3.47 2.38 5.85
N LYS A 14 -2.72 1.96 6.86
CA LYS A 14 -3.23 1.89 8.21
C LYS A 14 -3.82 3.22 8.65
N GLU A 15 -3.25 4.32 8.13
CA GLU A 15 -3.72 5.65 8.47
C GLU A 15 -5.12 5.90 7.90
N LYS A 16 -5.43 5.23 6.79
CA LYS A 16 -6.73 5.37 6.15
C LYS A 16 -7.76 4.48 6.82
N LEU A 17 -7.30 3.41 7.47
CA LEU A 17 -8.18 2.49 8.15
C LEU A 17 -8.27 2.82 9.64
N ALA A 18 -7.39 3.69 10.11
CA ALA A 18 -7.38 4.10 11.51
C ALA A 18 -6.29 5.13 11.77
N LEU A 19 -6.06 5.43 13.04
CA LEU A 19 -5.04 6.40 13.43
C LEU A 19 -3.66 5.75 13.47
N GLY A 20 -3.63 4.43 13.62
CA GLY A 20 -2.37 3.71 13.66
C GLY A 20 -1.84 3.56 15.08
N ALA A 21 -2.37 4.37 16.00
CA ALA A 21 -1.95 4.32 17.38
C ALA A 21 -2.16 2.94 17.97
N ASP A 22 -3.42 2.51 18.03
CA ASP A 22 -3.76 1.20 18.58
C ASP A 22 -3.88 0.17 17.47
N VAL A 23 -3.41 0.52 16.28
CA VAL A 23 -3.47 -0.37 15.13
C VAL A 23 -2.07 -0.62 14.56
N VAL A 24 -1.71 -1.89 14.42
CA VAL A 24 -0.41 -2.27 13.90
C VAL A 24 -0.55 -3.09 12.62
N VAL A 25 0.11 -2.64 11.56
CA VAL A 25 0.06 -3.34 10.28
C VAL A 25 1.42 -3.90 9.90
N THR A 26 1.43 -5.07 9.26
CA THR A 26 2.67 -5.72 8.85
C THR A 26 2.55 -6.27 7.44
N ALA A 27 3.68 -6.71 6.89
CA ALA A 27 3.71 -7.26 5.54
C ALA A 27 2.83 -8.50 5.44
N ASP A 28 2.60 -9.15 6.57
CA ASP A 28 1.78 -10.36 6.61
C ASP A 28 0.31 -9.99 6.79
N SER A 29 0.05 -8.78 7.27
CA SER A 29 -1.31 -8.32 7.50
C SER A 29 -2.01 -8.04 6.17
N GLU A 30 -3.14 -8.71 5.94
CA GLU A 30 -3.89 -8.53 4.71
C GLU A 30 -4.79 -7.30 4.80
N PHE A 31 -4.89 -6.56 3.70
CA PHE A 31 -5.71 -5.36 3.65
C PHE A 31 -7.13 -5.65 4.14
N SER A 32 -7.64 -6.81 3.77
CA SER A 32 -8.98 -7.22 4.17
C SER A 32 -9.10 -7.32 5.69
N LYS A 33 -8.03 -7.79 6.32
CA LYS A 33 -8.01 -7.93 7.78
C LYS A 33 -7.92 -6.57 8.46
N LEU A 34 -7.09 -5.69 7.91
CA LEU A 34 -6.91 -4.36 8.47
C LEU A 34 -8.18 -3.54 8.31
N GLY A 35 -9.06 -3.97 7.42
CA GLY A 35 -10.30 -3.27 7.19
C GLY A 35 -10.39 -2.68 5.80
N ALA A 36 -9.24 -2.55 5.14
CA ALA A 36 -9.18 -1.99 3.79
C ALA A 36 -9.84 -2.93 2.79
N ASP A 37 -10.99 -2.53 2.27
CA ASP A 37 -11.72 -3.33 1.29
C ASP A 37 -11.42 -2.87 -0.13
N SER A 38 -12.02 -3.53 -1.11
CA SER A 38 -11.82 -3.19 -2.51
C SER A 38 -12.16 -1.73 -2.77
N LEU A 39 -13.03 -1.17 -1.93
CA LEU A 39 -13.44 0.21 -2.07
C LEU A 39 -12.39 1.16 -1.49
N ASP A 40 -11.71 0.71 -0.44
CA ASP A 40 -10.68 1.51 0.20
C ASP A 40 -9.37 1.43 -0.56
N THR A 41 -9.16 0.31 -1.26
CA THR A 41 -7.95 0.11 -2.05
C THR A 41 -7.66 1.32 -2.94
N VAL A 42 -8.71 1.84 -3.56
CA VAL A 42 -8.57 2.99 -4.45
C VAL A 42 -7.97 4.18 -3.71
N GLU A 43 -8.30 4.31 -2.43
CA GLU A 43 -7.80 5.41 -1.61
C GLU A 43 -6.34 5.17 -1.23
N ILE A 44 -5.96 3.89 -1.14
CA ILE A 44 -4.59 3.53 -0.78
C ILE A 44 -3.61 3.94 -1.88
N VAL A 45 -3.88 3.50 -3.10
CA VAL A 45 -3.03 3.82 -4.24
C VAL A 45 -3.02 5.32 -4.52
N MET A 46 -4.16 5.97 -4.26
CA MET A 46 -4.28 7.41 -4.48
C MET A 46 -3.28 8.18 -3.60
N ASN A 47 -3.15 7.75 -2.36
CA ASN A 47 -2.24 8.40 -1.42
C ASN A 47 -0.79 8.00 -1.71
N LEU A 48 -0.58 6.73 -2.03
CA LEU A 48 0.75 6.23 -2.32
C LEU A 48 1.31 6.90 -3.58
N GLU A 49 0.50 6.96 -4.63
CA GLU A 49 0.91 7.56 -5.89
C GLU A 49 1.39 8.99 -5.67
N GLU A 50 0.71 9.70 -4.78
CA GLU A 50 1.07 11.09 -4.47
C GLU A 50 2.32 11.15 -3.60
N GLU A 51 2.53 10.11 -2.81
CA GLU A 51 3.69 10.04 -1.93
C GLU A 51 4.97 9.76 -2.72
N PHE A 52 4.92 8.71 -3.54
CA PHE A 52 6.08 8.33 -4.36
C PHE A 52 6.00 8.97 -5.73
N GLY A 53 5.05 9.88 -5.90
CA GLY A 53 4.89 10.55 -7.18
C GLY A 53 4.79 9.59 -8.34
N ILE A 54 4.27 8.39 -8.07
CA ILE A 54 4.13 7.37 -9.10
C ILE A 54 2.70 7.32 -9.63
N ASN A 55 2.45 6.41 -10.55
CA ASN A 55 1.11 6.26 -11.14
C ASN A 55 0.87 4.81 -11.55
N VAL A 56 -0.25 4.26 -11.11
CA VAL A 56 -0.61 2.88 -11.44
C VAL A 56 -2.12 2.69 -11.47
N ASP A 57 -2.59 1.83 -12.37
CA ASP A 57 -4.01 1.57 -12.50
C ASP A 57 -4.49 0.57 -11.45
N GLU A 58 -5.72 0.75 -10.98
CA GLU A 58 -6.28 -0.13 -9.96
C GLU A 58 -6.29 -1.58 -10.44
N ASP A 59 -6.65 -1.78 -11.72
CA ASP A 59 -6.70 -3.12 -12.30
C ASP A 59 -5.34 -3.82 -12.16
N LYS A 60 -4.28 -3.02 -12.11
CA LYS A 60 -2.93 -3.57 -11.98
C LYS A 60 -2.65 -3.99 -10.54
N ALA A 61 -3.35 -3.36 -9.60
CA ALA A 61 -3.17 -3.68 -8.19
C ALA A 61 -4.27 -4.61 -7.70
N GLN A 62 -4.79 -5.44 -8.60
CA GLN A 62 -5.85 -6.38 -8.25
C GLN A 62 -5.29 -7.55 -7.45
N ASP A 63 -4.22 -8.17 -7.97
CA ASP A 63 -3.60 -9.29 -7.29
C ASP A 63 -3.16 -8.91 -5.89
N ILE A 64 -2.94 -7.62 -5.66
CA ILE A 64 -2.52 -7.13 -4.36
C ILE A 64 -3.43 -7.64 -3.25
N SER A 65 -2.84 -8.31 -2.27
CA SER A 65 -3.61 -8.86 -1.16
C SER A 65 -3.07 -8.35 0.18
N THR A 66 -1.74 -8.34 0.31
CA THR A 66 -1.10 -7.88 1.53
C THR A 66 -0.28 -6.61 1.27
N ILE A 67 0.22 -6.01 2.35
CA ILE A 67 1.02 -4.80 2.24
C ILE A 67 2.20 -4.99 1.31
N GLN A 68 2.93 -6.10 1.50
CA GLN A 68 4.08 -6.41 0.67
C GLN A 68 3.71 -6.40 -0.81
N GLN A 69 2.59 -7.06 -1.14
CA GLN A 69 2.13 -7.13 -2.52
C GLN A 69 2.03 -5.74 -3.12
N ALA A 70 1.44 -4.82 -2.37
CA ALA A 70 1.26 -3.44 -2.83
C ALA A 70 2.60 -2.70 -2.87
N ALA A 71 3.51 -3.12 -2.00
CA ALA A 71 4.84 -2.50 -1.92
C ALA A 71 5.70 -2.91 -3.11
N ASP A 72 5.55 -4.16 -3.53
CA ASP A 72 6.33 -4.69 -4.65
C ASP A 72 5.98 -3.94 -5.95
N VAL A 73 4.68 -3.80 -6.21
CA VAL A 73 4.22 -3.12 -7.42
C VAL A 73 4.78 -1.70 -7.48
N ILE A 74 4.75 -1.00 -6.36
CA ILE A 74 5.25 0.37 -6.30
C ILE A 74 6.75 0.42 -6.63
N GLU A 75 7.53 -0.42 -5.94
CA GLU A 75 8.97 -0.47 -6.17
C GLU A 75 9.28 -0.67 -7.65
N GLY A 76 8.41 -1.38 -8.34
CA GLY A 76 8.61 -1.63 -9.75
C GLY A 76 8.72 -0.35 -10.57
N LEU A 77 7.98 0.68 -10.14
CA LEU A 77 8.00 1.96 -10.82
C LEU A 77 9.23 2.77 -10.44
N LEU A 78 9.60 2.72 -9.16
CA LEU A 78 10.76 3.44 -8.67
C LEU A 78 11.99 3.15 -9.53
N GLU A 79 12.10 1.92 -10.00
CA GLU A 79 13.22 1.51 -10.84
C GLU A 79 13.15 2.19 -12.21
N LYS A 80 11.94 2.34 -12.72
CA LYS A 80 11.73 2.97 -14.01
C LYS A 80 12.32 4.38 -14.04
N LYS A 81 12.17 5.10 -12.93
CA LYS A 81 12.70 6.46 -12.82
C LYS A 81 14.15 6.44 -12.32
N ALA A 82 14.46 5.49 -11.46
CA ALA A 82 15.80 5.37 -10.90
C ALA A 82 16.46 4.07 -11.35
N ALA A 1 10.13 -6.27 -2.98
CA ALA A 1 10.12 -5.02 -2.23
C ALA A 1 11.11 -5.05 -1.08
N LYS A 2 11.35 -3.89 -0.48
CA LYS A 2 12.28 -3.79 0.64
C LYS A 2 11.55 -3.42 1.92
N LYS A 3 12.12 -3.82 3.07
CA LYS A 3 11.52 -3.53 4.36
C LYS A 3 11.20 -2.03 4.49
N GLU A 4 12.01 -1.20 3.84
CA GLU A 4 11.81 0.24 3.89
C GLU A 4 10.51 0.63 3.20
N THR A 5 10.35 0.19 1.96
CA THR A 5 9.15 0.50 1.18
C THR A 5 7.90 0.05 1.92
N ILE A 6 7.96 -1.10 2.57
CA ILE A 6 6.83 -1.64 3.31
C ILE A 6 6.40 -0.69 4.42
N ASP A 7 7.37 -0.16 5.15
CA ASP A 7 7.08 0.77 6.24
C ASP A 7 6.38 2.02 5.71
N LYS A 8 6.71 2.40 4.48
CA LYS A 8 6.10 3.58 3.86
C LYS A 8 4.64 3.32 3.52
N VAL A 9 4.39 2.24 2.78
CA VAL A 9 3.05 1.88 2.38
C VAL A 9 2.16 1.63 3.60
N SER A 10 2.61 0.74 4.47
CA SER A 10 1.87 0.41 5.68
C SER A 10 1.51 1.67 6.46
N ASP A 11 2.47 2.58 6.57
CA ASP A 11 2.26 3.82 7.30
C ASP A 11 1.04 4.56 6.77
N ILE A 12 0.86 4.54 5.47
CA ILE A 12 -0.27 5.21 4.84
C ILE A 12 -1.55 4.38 4.98
N VAL A 13 -1.44 3.08 4.68
CA VAL A 13 -2.58 2.18 4.78
C VAL A 13 -3.23 2.27 6.16
N LYS A 14 -2.46 1.96 7.20
CA LYS A 14 -2.96 2.01 8.57
C LYS A 14 -3.59 3.37 8.87
N GLU A 15 -3.05 4.41 8.24
CA GLU A 15 -3.56 5.76 8.44
C GLU A 15 -4.92 5.95 7.77
N LYS A 16 -5.12 5.25 6.67
CA LYS A 16 -6.37 5.33 5.93
C LYS A 16 -7.43 4.42 6.54
N LEU A 17 -6.98 3.44 7.33
CA LEU A 17 -7.90 2.51 7.99
C LEU A 17 -8.07 2.87 9.46
N ALA A 18 -7.23 3.77 9.95
CA ALA A 18 -7.30 4.21 11.34
C ALA A 18 -6.31 5.32 11.62
N LEU A 19 -6.15 5.67 12.90
CA LEU A 19 -5.22 6.72 13.29
C LEU A 19 -3.79 6.21 13.31
N GLY A 20 -3.64 4.90 13.42
CA GLY A 20 -2.31 4.29 13.43
C GLY A 20 -1.72 4.24 14.83
N ALA A 21 -2.53 4.58 15.82
CA ALA A 21 -2.08 4.57 17.22
C ALA A 21 -2.30 3.20 17.84
N ASP A 22 -3.55 2.74 17.84
CA ASP A 22 -3.89 1.45 18.42
C ASP A 22 -3.99 0.38 17.34
N VAL A 23 -3.51 0.71 16.14
CA VAL A 23 -3.55 -0.23 15.02
C VAL A 23 -2.13 -0.51 14.50
N VAL A 24 -1.86 -1.78 14.23
CA VAL A 24 -0.55 -2.19 13.72
C VAL A 24 -0.69 -3.05 12.47
N VAL A 25 -0.03 -2.64 11.40
CA VAL A 25 -0.07 -3.37 10.15
C VAL A 25 1.30 -3.95 9.79
N THR A 26 1.29 -5.12 9.16
CA THR A 26 2.54 -5.77 8.76
C THR A 26 2.44 -6.32 7.34
N ALA A 27 3.59 -6.68 6.78
CA ALA A 27 3.64 -7.22 5.42
C ALA A 27 2.80 -8.48 5.30
N ASP A 28 2.60 -9.15 6.43
CA ASP A 28 1.81 -10.38 6.45
C ASP A 28 0.33 -10.07 6.62
N SER A 29 0.03 -8.87 7.11
CA SER A 29 -1.36 -8.44 7.32
C SER A 29 -2.05 -8.16 5.98
N GLU A 30 -3.16 -8.85 5.74
CA GLU A 30 -3.91 -8.68 4.51
C GLU A 30 -4.78 -7.43 4.57
N PHE A 31 -4.90 -6.75 3.43
CA PHE A 31 -5.70 -5.52 3.35
C PHE A 31 -7.12 -5.77 3.86
N SER A 32 -7.60 -7.00 3.68
CA SER A 32 -8.94 -7.36 4.12
C SER A 32 -9.00 -7.52 5.63
N LYS A 33 -7.88 -7.90 6.23
CA LYS A 33 -7.80 -8.08 7.67
C LYS A 33 -7.71 -6.74 8.38
N LEU A 34 -6.98 -5.80 7.79
CA LEU A 34 -6.82 -4.47 8.37
C LEU A 34 -8.13 -3.70 8.33
N GLY A 35 -9.03 -4.11 7.44
CA GLY A 35 -10.31 -3.44 7.31
C GLY A 35 -10.45 -2.72 5.98
N ALA A 36 -9.42 -2.78 5.15
CA ALA A 36 -9.44 -2.13 3.85
C ALA A 36 -10.08 -3.03 2.80
N ASP A 37 -11.26 -2.64 2.35
CA ASP A 37 -11.98 -3.42 1.34
C ASP A 37 -11.56 -3.00 -0.07
N SER A 38 -12.21 -3.59 -1.07
CA SER A 38 -11.90 -3.28 -2.47
C SER A 38 -12.18 -1.82 -2.78
N LEU A 39 -13.08 -1.22 -2.02
CA LEU A 39 -13.45 0.17 -2.21
C LEU A 39 -12.41 1.11 -1.58
N ASP A 40 -11.75 0.61 -0.55
CA ASP A 40 -10.73 1.40 0.15
C ASP A 40 -9.41 1.36 -0.60
N THR A 41 -9.19 0.27 -1.34
CA THR A 41 -7.95 0.09 -2.10
C THR A 41 -7.67 1.32 -2.95
N VAL A 42 -8.72 1.91 -3.51
CA VAL A 42 -8.57 3.09 -4.35
C VAL A 42 -7.96 4.26 -3.57
N GLU A 43 -8.30 4.34 -2.28
CA GLU A 43 -7.80 5.39 -1.42
C GLU A 43 -6.33 5.13 -1.05
N ILE A 44 -5.96 3.86 -1.00
CA ILE A 44 -4.60 3.48 -0.66
C ILE A 44 -3.62 3.84 -1.79
N VAL A 45 -3.94 3.35 -2.99
CA VAL A 45 -3.10 3.62 -4.15
C VAL A 45 -3.04 5.10 -4.48
N MET A 46 -4.15 5.80 -4.22
CA MET A 46 -4.23 7.23 -4.48
C MET A 46 -3.22 7.99 -3.64
N ASN A 47 -3.14 7.65 -2.36
CA ASN A 47 -2.20 8.31 -1.44
C ASN A 47 -0.76 7.91 -1.76
N LEU A 48 -0.56 6.63 -2.05
CA LEU A 48 0.76 6.13 -2.37
C LEU A 48 1.30 6.77 -3.65
N GLU A 49 0.45 6.83 -4.66
CA GLU A 49 0.84 7.42 -5.94
C GLU A 49 1.36 8.85 -5.75
N GLU A 50 0.72 9.58 -4.84
CA GLU A 50 1.12 10.96 -4.56
C GLU A 50 2.40 11.00 -3.73
N GLU A 51 2.62 9.95 -2.93
CA GLU A 51 3.80 9.87 -2.10
C GLU A 51 5.04 9.55 -2.92
N PHE A 52 4.96 8.51 -3.74
CA PHE A 52 6.06 8.10 -4.59
C PHE A 52 5.96 8.74 -5.97
N GLY A 53 5.02 9.67 -6.12
CA GLY A 53 4.83 10.34 -7.39
C GLY A 53 4.66 9.36 -8.54
N ILE A 54 4.14 8.18 -8.22
CA ILE A 54 3.93 7.15 -9.24
C ILE A 54 2.47 7.12 -9.69
N ASN A 55 2.14 6.18 -10.57
CA ASN A 55 0.79 6.03 -11.08
C ASN A 55 0.44 4.57 -11.29
N VAL A 56 -0.70 4.15 -10.73
CA VAL A 56 -1.15 2.77 -10.87
C VAL A 56 -2.66 2.71 -11.08
N ASP A 57 -3.11 1.68 -11.81
CA ASP A 57 -4.52 1.51 -12.09
C ASP A 57 -5.13 0.46 -11.17
N GLU A 58 -6.43 0.58 -10.91
CA GLU A 58 -7.14 -0.36 -10.04
C GLU A 58 -6.96 -1.80 -10.55
N ASP A 59 -7.14 -1.98 -11.85
CA ASP A 59 -7.01 -3.30 -12.46
C ASP A 59 -5.65 -3.91 -12.13
N LYS A 60 -4.65 -3.07 -11.95
CA LYS A 60 -3.31 -3.52 -11.63
C LYS A 60 -3.19 -3.87 -10.15
N ALA A 61 -4.02 -3.25 -9.33
CA ALA A 61 -4.01 -3.50 -7.90
C ALA A 61 -5.05 -4.55 -7.51
N GLN A 62 -5.32 -5.48 -8.42
CA GLN A 62 -6.31 -6.52 -8.18
C GLN A 62 -5.68 -7.68 -7.40
N ASP A 63 -4.62 -8.25 -7.95
CA ASP A 63 -3.93 -9.36 -7.31
C ASP A 63 -3.45 -8.97 -5.92
N ILE A 64 -3.28 -7.68 -5.70
CA ILE A 64 -2.82 -7.17 -4.40
C ILE A 64 -3.67 -7.73 -3.27
N SER A 65 -3.01 -8.35 -2.30
CA SER A 65 -3.70 -8.93 -1.15
C SER A 65 -3.13 -8.39 0.16
N THR A 66 -1.81 -8.40 0.27
CA THR A 66 -1.14 -7.91 1.47
C THR A 66 -0.34 -6.64 1.17
N ILE A 67 0.16 -6.01 2.22
CA ILE A 67 0.95 -4.79 2.08
C ILE A 67 2.12 -5.01 1.12
N GLN A 68 2.87 -6.09 1.33
CA GLN A 68 4.00 -6.41 0.48
C GLN A 68 3.61 -6.40 -0.99
N GLN A 69 2.48 -7.03 -1.29
CA GLN A 69 1.99 -7.10 -2.67
C GLN A 69 1.91 -5.71 -3.29
N ALA A 70 1.42 -4.75 -2.51
CA ALA A 70 1.29 -3.38 -2.98
C ALA A 70 2.64 -2.68 -3.03
N ALA A 71 3.55 -3.11 -2.17
CA ALA A 71 4.89 -2.53 -2.12
C ALA A 71 5.72 -3.00 -3.31
N ASP A 72 5.54 -4.25 -3.70
CA ASP A 72 6.29 -4.81 -4.83
C ASP A 72 5.95 -4.07 -6.12
N VAL A 73 4.69 -3.67 -6.26
CA VAL A 73 4.24 -2.96 -7.44
C VAL A 73 4.76 -1.52 -7.46
N ILE A 74 4.78 -0.90 -6.28
CA ILE A 74 5.25 0.48 -6.16
C ILE A 74 6.77 0.55 -6.33
N GLU A 75 7.49 -0.20 -5.52
CA GLU A 75 8.95 -0.21 -5.58
C GLU A 75 9.43 -0.48 -7.00
N GLY A 76 8.64 -1.26 -7.75
CA GLY A 76 9.00 -1.58 -9.11
C GLY A 76 9.15 -0.35 -9.98
N LEU A 77 8.35 0.67 -9.70
CA LEU A 77 8.40 1.91 -10.46
C LEU A 77 9.56 2.79 -9.99
N LEU A 78 9.80 2.82 -8.69
CA LEU A 78 10.88 3.61 -8.11
C LEU A 78 12.20 3.33 -8.82
N GLU A 79 12.48 2.05 -9.05
CA GLU A 79 13.71 1.64 -9.71
C GLU A 79 13.80 2.25 -11.11
N LYS A 80 12.64 2.43 -11.74
CA LYS A 80 12.58 3.00 -13.08
C LYS A 80 12.98 4.47 -13.05
N LYS A 81 12.73 5.13 -11.93
CA LYS A 81 13.06 6.55 -11.78
C LYS A 81 14.53 6.79 -12.10
N ALA A 82 15.41 6.31 -11.24
CA ALA A 82 16.85 6.48 -11.44
C ALA A 82 17.34 5.65 -12.61
N ALA A 1 10.21 -6.12 -1.98
CA ALA A 1 10.59 -4.79 -1.52
C ALA A 1 11.46 -4.88 -0.26
N LYS A 2 11.80 -3.72 0.30
CA LYS A 2 12.62 -3.67 1.51
C LYS A 2 11.78 -3.26 2.72
N LYS A 3 12.24 -3.65 3.91
CA LYS A 3 11.55 -3.33 5.14
C LYS A 3 11.26 -1.83 5.23
N GLU A 4 12.11 -1.02 4.61
CA GLU A 4 11.95 0.43 4.61
C GLU A 4 10.74 0.84 3.77
N THR A 5 10.61 0.22 2.60
CA THR A 5 9.50 0.53 1.71
C THR A 5 8.17 0.08 2.29
N ILE A 6 8.17 -1.10 2.92
CA ILE A 6 6.96 -1.64 3.52
C ILE A 6 6.43 -0.71 4.60
N ASP A 7 7.35 -0.10 5.37
CA ASP A 7 6.97 0.81 6.43
C ASP A 7 6.24 2.04 5.87
N LYS A 8 6.73 2.53 4.73
CA LYS A 8 6.13 3.69 4.10
C LYS A 8 4.69 3.42 3.70
N VAL A 9 4.48 2.35 2.93
CA VAL A 9 3.15 1.97 2.50
C VAL A 9 2.23 1.69 3.69
N SER A 10 2.68 0.78 4.56
CA SER A 10 1.90 0.41 5.73
C SER A 10 1.50 1.66 6.54
N ASP A 11 2.41 2.62 6.62
CA ASP A 11 2.15 3.85 7.35
C ASP A 11 0.96 4.59 6.76
N ILE A 12 0.90 4.66 5.43
CA ILE A 12 -0.18 5.34 4.74
C ILE A 12 -1.47 4.52 4.80
N VAL A 13 -1.35 3.22 4.56
CA VAL A 13 -2.51 2.33 4.59
C VAL A 13 -3.15 2.31 5.97
N LYS A 14 -2.36 1.94 6.98
CA LYS A 14 -2.84 1.89 8.36
C LYS A 14 -3.48 3.21 8.76
N GLU A 15 -2.97 4.30 8.21
CA GLU A 15 -3.49 5.62 8.52
C GLU A 15 -4.90 5.80 7.95
N LYS A 16 -5.17 5.13 6.83
CA LYS A 16 -6.48 5.22 6.19
C LYS A 16 -7.47 4.27 6.86
N LEU A 17 -6.95 3.22 7.49
CA LEU A 17 -7.79 2.25 8.18
C LEU A 17 -7.93 2.58 9.66
N ALA A 18 -7.10 3.51 10.13
CA ALA A 18 -7.13 3.93 11.52
C ALA A 18 -6.13 5.04 11.79
N LEU A 19 -6.05 5.48 13.04
CA LEU A 19 -5.13 6.54 13.42
C LEU A 19 -3.69 6.03 13.44
N GLY A 20 -3.54 4.72 13.57
CA GLY A 20 -2.21 4.12 13.60
C GLY A 20 -1.64 4.05 15.00
N ALA A 21 -2.47 4.35 15.99
CA ALA A 21 -2.04 4.30 17.38
C ALA A 21 -2.29 2.93 18.00
N ASP A 22 -3.56 2.51 18.01
CA ASP A 22 -3.93 1.21 18.56
C ASP A 22 -4.05 0.17 17.47
N VAL A 23 -3.55 0.50 16.28
CA VAL A 23 -3.61 -0.41 15.14
C VAL A 23 -2.21 -0.73 14.62
N VAL A 24 -1.93 -2.01 14.43
CA VAL A 24 -0.64 -2.45 13.94
C VAL A 24 -0.78 -3.30 12.69
N VAL A 25 -0.12 -2.89 11.61
CA VAL A 25 -0.18 -3.61 10.34
C VAL A 25 1.18 -4.18 9.98
N THR A 26 1.19 -5.36 9.35
CA THR A 26 2.42 -6.01 8.95
C THR A 26 2.35 -6.46 7.49
N ALA A 27 3.50 -6.84 6.94
CA ALA A 27 3.58 -7.30 5.56
C ALA A 27 2.65 -8.49 5.33
N ASP A 28 2.36 -9.23 6.40
CA ASP A 28 1.49 -10.39 6.31
C ASP A 28 0.03 -9.98 6.41
N SER A 29 -0.22 -8.79 6.96
CA SER A 29 -1.58 -8.29 7.12
C SER A 29 -2.21 -8.00 5.77
N GLU A 30 -3.39 -8.56 5.55
CA GLU A 30 -4.11 -8.36 4.29
C GLU A 30 -5.06 -7.16 4.38
N PHE A 31 -5.05 -6.35 3.34
CA PHE A 31 -5.90 -5.16 3.30
C PHE A 31 -7.35 -5.53 3.59
N SER A 32 -7.74 -6.74 3.21
CA SER A 32 -9.10 -7.21 3.43
C SER A 32 -9.33 -7.57 4.90
N LYS A 33 -8.30 -8.13 5.52
CA LYS A 33 -8.38 -8.53 6.93
C LYS A 33 -8.26 -7.31 7.84
N LEU A 34 -7.49 -6.33 7.41
CA LEU A 34 -7.30 -5.11 8.19
C LEU A 34 -8.59 -4.31 8.28
N GLY A 35 -9.50 -4.55 7.34
CA GLY A 35 -10.77 -3.85 7.34
C GLY A 35 -10.88 -2.87 6.18
N ALA A 36 -10.06 -3.06 5.16
CA ALA A 36 -10.07 -2.20 4.00
C ALA A 36 -10.90 -2.80 2.86
N ASP A 37 -12.05 -2.19 2.59
CA ASP A 37 -12.93 -2.66 1.54
C ASP A 37 -12.44 -2.21 0.17
N SER A 38 -13.17 -2.58 -0.88
CA SER A 38 -12.81 -2.21 -2.24
C SER A 38 -12.68 -0.70 -2.37
N LEU A 39 -13.46 0.03 -1.59
CA LEU A 39 -13.44 1.49 -1.62
C LEU A 39 -12.20 2.03 -0.91
N ASP A 40 -11.67 1.24 0.02
CA ASP A 40 -10.48 1.63 0.76
C ASP A 40 -9.21 1.35 -0.04
N THR A 41 -9.08 0.11 -0.50
CA THR A 41 -7.92 -0.29 -1.28
C THR A 41 -7.62 0.71 -2.39
N VAL A 42 -8.64 1.03 -3.18
CA VAL A 42 -8.48 1.99 -4.27
C VAL A 42 -7.86 3.29 -3.79
N GLU A 43 -8.20 3.68 -2.56
CA GLU A 43 -7.67 4.90 -1.98
C GLU A 43 -6.21 4.73 -1.56
N ILE A 44 -5.86 3.50 -1.18
CA ILE A 44 -4.50 3.20 -0.76
C ILE A 44 -3.50 3.47 -1.88
N VAL A 45 -3.89 3.14 -3.10
CA VAL A 45 -3.03 3.36 -4.26
C VAL A 45 -2.93 4.85 -4.59
N MET A 46 -4.03 5.57 -4.42
CA MET A 46 -4.06 7.00 -4.70
C MET A 46 -3.08 7.75 -3.80
N ASN A 47 -3.12 7.44 -2.51
CA ASN A 47 -2.24 8.09 -1.54
C ASN A 47 -0.79 7.73 -1.80
N LEU A 48 -0.54 6.45 -2.08
CA LEU A 48 0.81 5.98 -2.35
C LEU A 48 1.38 6.63 -3.61
N GLU A 49 0.56 6.66 -4.66
CA GLU A 49 0.98 7.25 -5.93
C GLU A 49 1.46 8.70 -5.73
N GLU A 50 0.76 9.42 -4.86
CA GLU A 50 1.13 10.81 -4.57
C GLU A 50 2.38 10.89 -3.70
N GLU A 51 2.59 9.85 -2.90
CA GLU A 51 3.74 9.79 -2.00
C GLU A 51 5.02 9.52 -2.80
N PHE A 52 4.99 8.46 -3.60
CA PHE A 52 6.15 8.09 -4.40
C PHE A 52 6.08 8.74 -5.79
N GLY A 53 5.17 9.68 -5.95
CA GLY A 53 5.02 10.37 -7.21
C GLY A 53 4.87 9.41 -8.39
N ILE A 54 4.34 8.22 -8.11
CA ILE A 54 4.15 7.21 -9.14
C ILE A 54 2.69 7.13 -9.58
N ASN A 55 2.41 6.26 -10.53
CA ASN A 55 1.05 6.09 -11.05
C ASN A 55 0.82 4.66 -11.51
N VAL A 56 -0.30 4.08 -11.10
CA VAL A 56 -0.64 2.72 -11.47
C VAL A 56 -2.15 2.52 -11.55
N ASP A 57 -2.59 1.69 -12.49
CA ASP A 57 -4.02 1.41 -12.66
C ASP A 57 -4.51 0.42 -11.62
N GLU A 58 -5.80 0.50 -11.29
CA GLU A 58 -6.39 -0.39 -10.30
C GLU A 58 -6.39 -1.83 -10.81
N ASP A 59 -6.75 -2.00 -12.08
CA ASP A 59 -6.80 -3.33 -12.69
C ASP A 59 -5.45 -4.04 -12.53
N LYS A 60 -4.39 -3.26 -12.43
CA LYS A 60 -3.05 -3.82 -12.29
C LYS A 60 -2.75 -4.12 -10.83
N ALA A 61 -3.40 -3.41 -9.92
CA ALA A 61 -3.21 -3.61 -8.50
C ALA A 61 -4.26 -4.56 -7.92
N GLN A 62 -4.70 -5.51 -8.74
CA GLN A 62 -5.71 -6.48 -8.32
C GLN A 62 -5.10 -7.52 -7.39
N ASP A 63 -3.99 -8.12 -7.83
CA ASP A 63 -3.31 -9.13 -7.04
C ASP A 63 -2.95 -8.60 -5.65
N ILE A 64 -2.79 -7.28 -5.56
CA ILE A 64 -2.45 -6.65 -4.30
C ILE A 64 -3.39 -7.09 -3.18
N SER A 65 -2.86 -7.79 -2.20
CA SER A 65 -3.65 -8.27 -1.08
C SER A 65 -3.04 -7.84 0.26
N THR A 66 -1.72 -7.92 0.33
CA THR A 66 -1.01 -7.53 1.55
C THR A 66 -0.16 -6.27 1.32
N ILE A 67 0.36 -5.73 2.40
CA ILE A 67 1.19 -4.52 2.32
C ILE A 67 2.37 -4.73 1.39
N GLN A 68 3.04 -5.87 1.52
CA GLN A 68 4.18 -6.19 0.68
C GLN A 68 3.79 -6.17 -0.79
N GLN A 69 2.68 -6.80 -1.11
CA GLN A 69 2.19 -6.87 -2.49
C GLN A 69 2.10 -5.47 -3.10
N ALA A 70 1.55 -4.53 -2.33
CA ALA A 70 1.40 -3.16 -2.79
C ALA A 70 2.74 -2.43 -2.80
N ALA A 71 3.65 -2.87 -1.93
CA ALA A 71 4.98 -2.27 -1.86
C ALA A 71 5.84 -2.69 -3.05
N ASP A 72 5.70 -3.93 -3.47
CA ASP A 72 6.46 -4.44 -4.60
C ASP A 72 6.15 -3.67 -5.88
N VAL A 73 4.86 -3.40 -6.09
CA VAL A 73 4.42 -2.67 -7.27
C VAL A 73 5.00 -1.25 -7.29
N ILE A 74 5.12 -0.65 -6.11
CA ILE A 74 5.67 0.70 -5.99
C ILE A 74 7.14 0.73 -6.36
N GLU A 75 7.94 -0.05 -5.64
CA GLU A 75 9.37 -0.11 -5.90
C GLU A 75 9.65 -0.41 -7.37
N GLY A 76 8.74 -1.14 -8.00
CA GLY A 76 8.91 -1.49 -9.40
C GLY A 76 8.71 -0.30 -10.32
N LEU A 77 7.86 0.65 -9.90
CA LEU A 77 7.59 1.84 -10.69
C LEU A 77 8.70 2.86 -10.53
N LEU A 78 9.39 2.82 -9.39
CA LEU A 78 10.48 3.75 -9.11
C LEU A 78 11.75 3.32 -9.84
N GLU A 79 12.06 2.03 -9.78
CA GLU A 79 13.26 1.50 -10.44
C GLU A 79 13.27 1.89 -11.92
N LYS A 80 12.09 2.06 -12.50
CA LYS A 80 11.96 2.42 -13.90
C LYS A 80 12.38 3.87 -14.12
N LYS A 81 11.63 4.80 -13.54
CA LYS A 81 11.92 6.21 -13.67
C LYS A 81 13.36 6.52 -13.25
N ALA A 82 13.81 5.86 -12.19
CA ALA A 82 15.18 6.05 -11.69
C ALA A 82 16.15 5.11 -12.39
N ALA A 1 11.03 -6.00 -2.71
CA ALA A 1 10.85 -4.76 -1.95
C ALA A 1 11.80 -4.72 -0.76
N LYS A 2 11.92 -3.55 -0.15
CA LYS A 2 12.80 -3.37 1.01
C LYS A 2 11.99 -3.09 2.27
N LYS A 3 12.59 -3.33 3.42
CA LYS A 3 11.93 -3.11 4.70
C LYS A 3 11.54 -1.64 4.86
N GLU A 4 12.27 -0.76 4.18
CA GLU A 4 12.01 0.66 4.25
C GLU A 4 10.73 1.01 3.51
N THR A 5 10.57 0.46 2.31
CA THR A 5 9.38 0.72 1.50
C THR A 5 8.12 0.25 2.20
N ILE A 6 8.20 -0.93 2.81
CA ILE A 6 7.05 -1.49 3.53
C ILE A 6 6.57 -0.53 4.62
N ASP A 7 7.51 0.07 5.33
CA ASP A 7 7.18 1.01 6.40
C ASP A 7 6.42 2.22 5.85
N LYS A 8 6.80 2.66 4.66
CA LYS A 8 6.16 3.80 4.02
C LYS A 8 4.70 3.49 3.70
N VAL A 9 4.48 2.39 2.99
CA VAL A 9 3.13 1.99 2.61
C VAL A 9 2.29 1.67 3.84
N SER A 10 2.81 0.78 4.68
CA SER A 10 2.11 0.38 5.89
C SER A 10 1.69 1.61 6.71
N ASP A 11 2.54 2.63 6.69
CA ASP A 11 2.27 3.86 7.43
C ASP A 11 1.02 4.56 6.89
N ILE A 12 0.91 4.62 5.56
CA ILE A 12 -0.23 5.25 4.93
C ILE A 12 -1.48 4.39 5.06
N VAL A 13 -1.34 3.09 4.77
CA VAL A 13 -2.46 2.16 4.86
C VAL A 13 -3.11 2.21 6.24
N LYS A 14 -2.32 1.91 7.26
CA LYS A 14 -2.81 1.92 8.63
C LYS A 14 -3.40 3.27 8.99
N GLU A 15 -2.84 4.32 8.40
CA GLU A 15 -3.31 5.68 8.67
C GLU A 15 -4.67 5.92 8.03
N LYS A 16 -4.91 5.28 6.89
CA LYS A 16 -6.16 5.41 6.17
C LYS A 16 -7.23 4.49 6.77
N LEU A 17 -6.79 3.43 7.42
CA LEU A 17 -7.70 2.47 8.04
C LEU A 17 -7.90 2.78 9.52
N ALA A 18 -7.06 3.66 10.05
CA ALA A 18 -7.14 4.05 11.45
C ALA A 18 -6.11 5.11 11.79
N LEU A 19 -6.04 5.49 13.06
CA LEU A 19 -5.09 6.50 13.51
C LEU A 19 -3.67 5.96 13.50
N GLY A 20 -3.54 4.64 13.53
CA GLY A 20 -2.23 4.02 13.51
C GLY A 20 -1.81 3.50 14.88
N ALA A 21 -2.46 4.01 15.93
CA ALA A 21 -2.15 3.60 17.28
C ALA A 21 -3.09 2.50 17.76
N ASP A 22 -4.28 2.46 17.17
CA ASP A 22 -5.28 1.46 17.53
C ASP A 22 -5.39 0.39 16.44
N VAL A 23 -4.42 0.37 15.53
CA VAL A 23 -4.41 -0.59 14.45
C VAL A 23 -3.05 -1.27 14.32
N VAL A 24 -3.05 -2.50 13.82
CA VAL A 24 -1.81 -3.25 13.65
C VAL A 24 -1.67 -3.75 12.22
N VAL A 25 -0.78 -3.12 11.46
CA VAL A 25 -0.54 -3.50 10.07
C VAL A 25 0.87 -4.05 9.89
N THR A 26 1.01 -5.03 9.00
CA THR A 26 2.30 -5.64 8.73
C THR A 26 2.41 -6.08 7.28
N ALA A 27 3.58 -6.58 6.90
CA ALA A 27 3.81 -7.04 5.53
C ALA A 27 2.99 -8.29 5.23
N ASP A 28 2.65 -9.03 6.27
CA ASP A 28 1.86 -10.26 6.11
C ASP A 28 0.37 -9.95 6.22
N SER A 29 0.04 -8.82 6.82
CA SER A 29 -1.35 -8.42 6.98
C SER A 29 -2.00 -8.12 5.64
N GLU A 30 -3.19 -8.66 5.44
CA GLU A 30 -3.92 -8.45 4.19
C GLU A 30 -4.85 -7.25 4.29
N PHE A 31 -4.93 -6.48 3.20
CA PHE A 31 -5.78 -5.30 3.16
C PHE A 31 -7.21 -5.64 3.58
N SER A 32 -7.66 -6.82 3.18
CA SER A 32 -9.03 -7.26 3.50
C SER A 32 -9.13 -7.60 4.99
N LYS A 33 -8.05 -8.10 5.56
CA LYS A 33 -8.03 -8.47 6.97
C LYS A 33 -7.90 -7.24 7.85
N LEU A 34 -7.20 -6.22 7.34
CA LEU A 34 -6.99 -4.98 8.08
C LEU A 34 -8.32 -4.22 8.23
N GLY A 35 -9.27 -4.52 7.35
CA GLY A 35 -10.56 -3.86 7.41
C GLY A 35 -10.72 -2.83 6.30
N ALA A 36 -9.90 -2.92 5.28
CA ALA A 36 -9.95 -1.98 4.15
C ALA A 36 -10.94 -2.45 3.10
N ASP A 37 -12.02 -1.69 2.93
CA ASP A 37 -13.05 -2.02 1.95
C ASP A 37 -12.63 -1.58 0.55
N SER A 38 -13.52 -1.77 -0.42
CA SER A 38 -13.24 -1.39 -1.80
C SER A 38 -13.01 0.11 -1.92
N LEU A 39 -13.72 0.87 -1.10
CA LEU A 39 -13.60 2.32 -1.10
C LEU A 39 -12.29 2.77 -0.46
N ASP A 40 -11.77 1.94 0.44
CA ASP A 40 -10.52 2.25 1.13
C ASP A 40 -9.32 1.89 0.26
N THR A 41 -9.30 0.65 -0.22
CA THR A 41 -8.21 0.17 -1.06
C THR A 41 -7.89 1.17 -2.17
N VAL A 42 -8.93 1.56 -2.91
CA VAL A 42 -8.77 2.51 -4.00
C VAL A 42 -8.04 3.77 -3.55
N GLU A 43 -8.29 4.16 -2.30
CA GLU A 43 -7.65 5.35 -1.73
C GLU A 43 -6.19 5.08 -1.39
N ILE A 44 -5.90 3.83 -1.05
CA ILE A 44 -4.54 3.43 -0.71
C ILE A 44 -3.59 3.64 -1.87
N VAL A 45 -4.06 3.36 -3.08
CA VAL A 45 -3.26 3.53 -4.28
C VAL A 45 -3.07 5.01 -4.62
N MET A 46 -4.09 5.81 -4.32
CA MET A 46 -4.04 7.24 -4.59
C MET A 46 -2.99 7.92 -3.73
N ASN A 47 -3.04 7.66 -2.42
CA ASN A 47 -2.09 8.25 -1.48
C ASN A 47 -0.67 7.81 -1.80
N LEU A 48 -0.50 6.51 -2.02
CA LEU A 48 0.82 5.95 -2.34
C LEU A 48 1.37 6.55 -3.63
N GLU A 49 0.53 6.57 -4.66
CA GLU A 49 0.94 7.11 -5.96
C GLU A 49 1.44 8.54 -5.81
N GLU A 50 0.77 9.32 -4.96
CA GLU A 50 1.16 10.70 -4.73
C GLU A 50 2.41 10.79 -3.87
N GLU A 51 2.61 9.78 -3.03
CA GLU A 51 3.77 9.74 -2.15
C GLU A 51 5.04 9.41 -2.93
N PHE A 52 4.96 8.36 -3.75
CA PHE A 52 6.11 7.95 -4.56
C PHE A 52 6.04 8.57 -5.95
N GLY A 53 5.12 9.51 -6.13
CA GLY A 53 4.98 10.16 -7.42
C GLY A 53 4.83 9.18 -8.55
N ILE A 54 4.29 8.00 -8.25
CA ILE A 54 4.09 6.97 -9.26
C ILE A 54 2.64 6.91 -9.71
N ASN A 55 2.33 5.96 -10.60
CA ASN A 55 0.98 5.80 -11.11
C ASN A 55 0.71 4.34 -11.49
N VAL A 56 -0.43 3.84 -11.05
CA VAL A 56 -0.81 2.46 -11.33
C VAL A 56 -2.33 2.30 -11.41
N ASP A 57 -2.79 1.39 -12.26
CA ASP A 57 -4.21 1.15 -12.42
C ASP A 57 -4.72 0.14 -11.40
N GLU A 58 -6.00 0.22 -11.06
CA GLU A 58 -6.60 -0.68 -10.09
C GLU A 58 -6.57 -2.12 -10.60
N ASP A 59 -6.92 -2.29 -11.88
CA ASP A 59 -6.94 -3.62 -12.48
C ASP A 59 -5.57 -4.30 -12.34
N LYS A 60 -4.53 -3.49 -12.27
CA LYS A 60 -3.17 -4.01 -12.13
C LYS A 60 -2.86 -4.35 -10.67
N ALA A 61 -3.56 -3.69 -9.76
CA ALA A 61 -3.37 -3.91 -8.32
C ALA A 61 -4.39 -4.91 -7.79
N GLN A 62 -4.85 -5.81 -8.65
CA GLN A 62 -5.83 -6.81 -8.26
C GLN A 62 -5.17 -7.93 -7.45
N ASP A 63 -4.08 -8.48 -7.99
CA ASP A 63 -3.36 -9.56 -7.32
C ASP A 63 -2.94 -9.14 -5.91
N ILE A 64 -2.79 -7.84 -5.71
CA ILE A 64 -2.39 -7.31 -4.41
C ILE A 64 -3.27 -7.86 -3.30
N SER A 65 -2.64 -8.28 -2.21
CA SER A 65 -3.36 -8.84 -1.07
C SER A 65 -2.84 -8.25 0.24
N THR A 66 -1.53 -8.28 0.41
CA THR A 66 -0.90 -7.76 1.63
C THR A 66 -0.07 -6.51 1.32
N ILE A 67 0.37 -5.84 2.37
CA ILE A 67 1.17 -4.63 2.22
C ILE A 67 2.35 -4.87 1.29
N GLN A 68 3.08 -5.95 1.53
CA GLN A 68 4.24 -6.30 0.72
C GLN A 68 3.87 -6.33 -0.76
N GLN A 69 2.76 -6.98 -1.08
CA GLN A 69 2.30 -7.08 -2.46
C GLN A 69 2.21 -5.71 -3.12
N ALA A 70 1.65 -4.75 -2.37
CA ALA A 70 1.51 -3.39 -2.88
C ALA A 70 2.85 -2.67 -2.92
N ALA A 71 3.76 -3.08 -2.03
CA ALA A 71 5.09 -2.48 -1.97
C ALA A 71 5.95 -2.91 -3.16
N ASP A 72 5.76 -4.16 -3.59
CA ASP A 72 6.51 -4.70 -4.71
C ASP A 72 6.17 -3.97 -6.00
N VAL A 73 4.88 -3.69 -6.19
CA VAL A 73 4.41 -3.00 -7.38
C VAL A 73 4.92 -1.56 -7.42
N ILE A 74 4.93 -0.92 -6.26
CA ILE A 74 5.39 0.46 -6.16
C ILE A 74 6.91 0.55 -6.33
N GLU A 75 7.64 -0.14 -5.46
CA GLU A 75 9.09 -0.14 -5.50
C GLU A 75 9.58 -0.51 -6.90
N GLY A 76 8.80 -1.33 -7.61
CA GLY A 76 9.17 -1.74 -8.94
C GLY A 76 9.28 -0.58 -9.91
N LEU A 77 8.45 0.44 -9.69
CA LEU A 77 8.46 1.62 -10.55
C LEU A 77 9.63 2.54 -10.21
N LEU A 78 9.94 2.64 -8.92
CA LEU A 78 11.04 3.48 -8.46
C LEU A 78 12.32 3.18 -9.23
N GLU A 79 12.54 1.90 -9.52
CA GLU A 79 13.73 1.48 -10.26
C GLU A 79 13.56 1.76 -11.75
N LYS A 80 12.33 1.74 -12.22
CA LYS A 80 12.03 1.99 -13.62
C LYS A 80 12.30 3.45 -13.98
N LYS A 81 11.85 4.35 -13.11
CA LYS A 81 12.04 5.78 -13.34
C LYS A 81 13.46 6.20 -12.98
N ALA A 82 13.75 7.50 -13.13
CA ALA A 82 15.06 8.03 -12.82
C ALA A 82 15.27 8.14 -11.31
N ALA A 1 10.05 -6.17 -2.68
CA ALA A 1 10.02 -4.89 -2.00
C ALA A 1 11.07 -4.84 -0.89
N LYS A 2 11.29 -3.65 -0.34
CA LYS A 2 12.26 -3.48 0.74
C LYS A 2 11.56 -3.12 2.05
N LYS A 3 12.22 -3.39 3.16
CA LYS A 3 11.67 -3.10 4.48
C LYS A 3 11.28 -1.63 4.59
N GLU A 4 12.03 -0.77 3.89
CA GLU A 4 11.76 0.66 3.91
C GLU A 4 10.41 0.98 3.28
N THR A 5 10.19 0.46 2.07
CA THR A 5 8.94 0.69 1.36
C THR A 5 7.75 0.20 2.17
N ILE A 6 7.86 -1.02 2.70
CA ILE A 6 6.79 -1.60 3.49
C ILE A 6 6.37 -0.67 4.62
N ASP A 7 7.36 -0.08 5.29
CA ASP A 7 7.09 0.84 6.39
C ASP A 7 6.34 2.07 5.90
N LYS A 8 6.67 2.52 4.68
CA LYS A 8 6.02 3.69 4.09
C LYS A 8 4.58 3.37 3.71
N VAL A 9 4.41 2.34 2.90
CA VAL A 9 3.08 1.94 2.45
C VAL A 9 2.17 1.61 3.64
N SER A 10 2.70 0.84 4.59
CA SER A 10 1.93 0.46 5.77
C SER A 10 1.53 1.69 6.57
N ASP A 11 2.44 2.66 6.65
CA ASP A 11 2.19 3.89 7.39
C ASP A 11 0.98 4.63 6.81
N ILE A 12 0.91 4.69 5.49
CA ILE A 12 -0.19 5.36 4.81
C ILE A 12 -1.48 4.54 4.90
N VAL A 13 -1.37 3.25 4.64
CA VAL A 13 -2.52 2.35 4.69
C VAL A 13 -3.16 2.36 6.08
N LYS A 14 -2.37 1.99 7.09
CA LYS A 14 -2.87 1.96 8.46
C LYS A 14 -3.50 3.29 8.84
N GLU A 15 -2.99 4.37 8.27
CA GLU A 15 -3.51 5.71 8.56
C GLU A 15 -4.88 5.90 7.92
N LYS A 16 -5.10 5.27 6.77
CA LYS A 16 -6.36 5.37 6.06
C LYS A 16 -7.39 4.41 6.64
N LEU A 17 -6.90 3.35 7.28
CA LEU A 17 -7.78 2.35 7.88
C LEU A 17 -7.99 2.63 9.37
N ALA A 18 -7.17 3.53 9.92
CA ALA A 18 -7.26 3.89 11.33
C ALA A 18 -6.26 4.99 11.68
N LEU A 19 -6.19 5.33 12.96
CA LEU A 19 -5.27 6.36 13.42
C LEU A 19 -3.85 5.82 13.51
N GLY A 20 -3.73 4.51 13.61
CA GLY A 20 -2.41 3.88 13.70
C GLY A 20 -1.91 3.79 15.13
N ALA A 21 -2.79 4.10 16.08
CA ALA A 21 -2.43 4.05 17.50
C ALA A 21 -2.73 2.67 18.09
N ASP A 22 -3.97 2.23 17.95
CA ASP A 22 -4.40 0.93 18.46
C ASP A 22 -4.47 -0.10 17.35
N VAL A 23 -3.90 0.24 16.19
CA VAL A 23 -3.90 -0.66 15.05
C VAL A 23 -2.48 -0.99 14.61
N VAL A 24 -2.19 -2.28 14.49
CA VAL A 24 -0.87 -2.73 14.08
C VAL A 24 -0.92 -3.44 12.72
N VAL A 25 -0.19 -2.91 11.75
CA VAL A 25 -0.17 -3.49 10.41
C VAL A 25 1.23 -4.01 10.07
N THR A 26 1.28 -5.09 9.30
CA THR A 26 2.55 -5.69 8.90
C THR A 26 2.47 -6.26 7.49
N ALA A 27 3.62 -6.65 6.95
CA ALA A 27 3.68 -7.21 5.60
C ALA A 27 2.79 -8.44 5.50
N ASP A 28 2.55 -9.09 6.62
CA ASP A 28 1.71 -10.30 6.66
C ASP A 28 0.24 -9.92 6.72
N SER A 29 -0.04 -8.70 7.15
CA SER A 29 -1.42 -8.22 7.26
C SER A 29 -2.01 -7.95 5.89
N GLU A 30 -3.12 -8.61 5.58
CA GLU A 30 -3.78 -8.44 4.30
C GLU A 30 -4.76 -7.26 4.34
N PHE A 31 -4.80 -6.50 3.26
CA PHE A 31 -5.69 -5.34 3.17
C PHE A 31 -7.12 -5.72 3.52
N SER A 32 -7.51 -6.94 3.16
CA SER A 32 -8.86 -7.43 3.43
C SER A 32 -9.06 -7.67 4.93
N LYS A 33 -8.03 -8.20 5.58
CA LYS A 33 -8.09 -8.46 7.01
C LYS A 33 -8.01 -7.18 7.82
N LEU A 34 -7.30 -6.19 7.27
CA LEU A 34 -7.14 -4.90 7.94
C LEU A 34 -8.46 -4.14 7.96
N GLY A 35 -9.37 -4.51 7.06
CA GLY A 35 -10.65 -3.84 6.99
C GLY A 35 -10.82 -3.00 5.75
N ALA A 36 -9.70 -2.71 5.09
CA ALA A 36 -9.73 -1.91 3.87
C ALA A 36 -10.73 -2.46 2.86
N ASP A 37 -11.81 -1.73 2.66
CA ASP A 37 -12.85 -2.15 1.71
C ASP A 37 -12.50 -1.73 0.29
N SER A 38 -13.46 -1.88 -0.62
CA SER A 38 -13.24 -1.51 -2.02
C SER A 38 -13.04 -0.01 -2.16
N LEU A 39 -13.68 0.76 -1.29
CA LEU A 39 -13.57 2.22 -1.31
C LEU A 39 -12.27 2.68 -0.66
N ASP A 40 -11.75 1.87 0.25
CA ASP A 40 -10.51 2.19 0.94
C ASP A 40 -9.29 1.83 0.09
N THR A 41 -9.26 0.58 -0.39
CA THR A 41 -8.16 0.12 -1.21
C THR A 41 -7.84 1.10 -2.33
N VAL A 42 -8.88 1.48 -3.08
CA VAL A 42 -8.72 2.43 -4.17
C VAL A 42 -8.00 3.69 -3.72
N GLU A 43 -8.27 4.10 -2.48
CA GLU A 43 -7.65 5.30 -1.92
C GLU A 43 -6.19 5.04 -1.56
N ILE A 44 -5.89 3.79 -1.22
CA ILE A 44 -4.52 3.41 -0.85
C ILE A 44 -3.56 3.66 -2.01
N VAL A 45 -4.01 3.38 -3.23
CA VAL A 45 -3.19 3.58 -4.41
C VAL A 45 -3.03 5.06 -4.74
N MET A 46 -4.08 5.83 -4.45
CA MET A 46 -4.06 7.28 -4.71
C MET A 46 -3.05 7.97 -3.80
N ASN A 47 -3.14 7.70 -2.50
CA ASN A 47 -2.24 8.32 -1.53
C ASN A 47 -0.78 7.92 -1.81
N LEU A 48 -0.57 6.64 -2.06
CA LEU A 48 0.77 6.13 -2.35
C LEU A 48 1.33 6.75 -3.62
N GLU A 49 0.51 6.79 -4.66
CA GLU A 49 0.92 7.37 -5.94
C GLU A 49 1.42 8.80 -5.75
N GLU A 50 0.75 9.55 -4.88
CA GLU A 50 1.12 10.93 -4.61
C GLU A 50 2.39 11.00 -3.75
N GLU A 51 2.58 9.96 -2.93
CA GLU A 51 3.76 9.91 -2.05
C GLU A 51 5.02 9.59 -2.86
N PHE A 52 4.96 8.55 -3.67
CA PHE A 52 6.10 8.14 -4.48
C PHE A 52 6.02 8.77 -5.87
N GLY A 53 5.09 9.70 -6.05
CA GLY A 53 4.93 10.36 -7.33
C GLY A 53 4.79 9.37 -8.47
N ILE A 54 4.26 8.20 -8.18
CA ILE A 54 4.08 7.16 -9.18
C ILE A 54 2.62 7.11 -9.65
N ASN A 55 2.33 6.16 -10.54
CA ASN A 55 0.99 6.00 -11.07
C ASN A 55 0.72 4.55 -11.45
N VAL A 56 -0.27 3.95 -10.81
CA VAL A 56 -0.63 2.56 -11.08
C VAL A 56 -2.14 2.41 -11.28
N ASP A 57 -2.52 1.45 -12.11
CA ASP A 57 -3.93 1.20 -12.40
C ASP A 57 -4.52 0.20 -11.40
N GLU A 58 -5.81 0.34 -11.13
CA GLU A 58 -6.49 -0.56 -10.19
C GLU A 58 -6.37 -2.01 -10.64
N ASP A 59 -6.54 -2.24 -11.94
CA ASP A 59 -6.45 -3.58 -12.50
C ASP A 59 -5.11 -4.22 -12.16
N LYS A 60 -4.09 -3.38 -11.98
CA LYS A 60 -2.75 -3.87 -11.67
C LYS A 60 -2.63 -4.18 -10.18
N ALA A 61 -3.45 -3.52 -9.36
CA ALA A 61 -3.44 -3.73 -7.92
C ALA A 61 -4.49 -4.75 -7.51
N GLN A 62 -4.81 -5.67 -8.42
CA GLN A 62 -5.81 -6.70 -8.15
C GLN A 62 -5.20 -7.85 -7.35
N ASP A 63 -4.14 -8.44 -7.88
CA ASP A 63 -3.46 -9.54 -7.21
C ASP A 63 -3.00 -9.14 -5.82
N ILE A 64 -2.79 -7.84 -5.62
CA ILE A 64 -2.33 -7.33 -4.34
C ILE A 64 -3.22 -7.83 -3.21
N SER A 65 -2.65 -8.61 -2.30
CA SER A 65 -3.39 -9.16 -1.17
C SER A 65 -2.83 -8.64 0.15
N THR A 66 -1.50 -8.59 0.25
CA THR A 66 -0.84 -8.11 1.45
C THR A 66 -0.06 -6.84 1.18
N ILE A 67 0.33 -6.14 2.24
CA ILE A 67 1.09 -4.91 2.13
C ILE A 67 2.32 -5.10 1.24
N GLN A 68 3.07 -6.17 1.50
CA GLN A 68 4.26 -6.46 0.72
C GLN A 68 3.96 -6.47 -0.77
N GLN A 69 2.87 -7.12 -1.15
CA GLN A 69 2.47 -7.20 -2.55
C GLN A 69 2.36 -5.81 -3.16
N ALA A 70 1.80 -4.87 -2.38
CA ALA A 70 1.63 -3.51 -2.84
C ALA A 70 2.96 -2.76 -2.86
N ALA A 71 3.86 -3.15 -1.96
CA ALA A 71 5.17 -2.53 -1.88
C ALA A 71 6.07 -2.94 -3.03
N ASP A 72 5.81 -4.12 -3.57
CA ASP A 72 6.59 -4.65 -4.70
C ASP A 72 6.20 -3.93 -5.99
N VAL A 73 4.93 -3.59 -6.12
CA VAL A 73 4.44 -2.92 -7.31
C VAL A 73 4.92 -1.46 -7.36
N ILE A 74 4.91 -0.81 -6.21
CA ILE A 74 5.35 0.57 -6.12
C ILE A 74 6.84 0.70 -6.36
N GLU A 75 7.63 0.01 -5.54
CA GLU A 75 9.09 0.04 -5.68
C GLU A 75 9.51 -0.30 -7.10
N GLY A 76 8.73 -1.15 -7.76
CA GLY A 76 9.04 -1.54 -9.12
C GLY A 76 9.17 -0.35 -10.06
N LEU A 77 8.37 0.69 -9.80
CA LEU A 77 8.39 1.89 -10.63
C LEU A 77 9.57 2.78 -10.25
N LEU A 78 9.87 2.83 -8.95
CA LEU A 78 10.98 3.65 -8.46
C LEU A 78 12.26 3.36 -9.23
N GLU A 79 12.44 2.11 -9.63
CA GLU A 79 13.62 1.71 -10.38
C GLU A 79 13.49 2.12 -11.85
N LYS A 80 12.27 2.09 -12.37
CA LYS A 80 12.01 2.45 -13.75
C LYS A 80 12.25 3.95 -13.97
N LYS A 81 11.55 4.77 -13.20
CA LYS A 81 11.68 6.22 -13.30
C LYS A 81 13.13 6.64 -13.18
N ALA A 82 13.88 5.92 -12.35
CA ALA A 82 15.30 6.22 -12.14
C ALA A 82 16.15 4.96 -12.24
N ALA A 1 10.97 -5.94 -2.77
CA ALA A 1 10.76 -4.76 -1.93
C ALA A 1 11.70 -4.75 -0.74
N LYS A 2 11.80 -3.61 -0.08
CA LYS A 2 12.67 -3.48 1.09
C LYS A 2 11.85 -3.21 2.35
N LYS A 3 12.43 -3.54 3.50
CA LYS A 3 11.75 -3.33 4.78
C LYS A 3 11.38 -1.87 4.97
N GLU A 4 12.12 -0.98 4.32
CA GLU A 4 11.87 0.45 4.42
C GLU A 4 10.58 0.82 3.68
N THR A 5 10.45 0.33 2.45
CA THR A 5 9.28 0.62 1.64
C THR A 5 8.00 0.14 2.33
N ILE A 6 8.04 -1.09 2.86
CA ILE A 6 6.89 -1.66 3.54
C ILE A 6 6.39 -0.74 4.65
N ASP A 7 7.31 -0.26 5.48
CA ASP A 7 6.97 0.63 6.58
C ASP A 7 6.29 1.90 6.06
N LYS A 8 6.71 2.35 4.88
CA LYS A 8 6.15 3.54 4.27
C LYS A 8 4.70 3.31 3.83
N VAL A 9 4.49 2.27 3.04
CA VAL A 9 3.16 1.93 2.55
C VAL A 9 2.21 1.66 3.72
N SER A 10 2.60 0.74 4.59
CA SER A 10 1.79 0.38 5.74
C SER A 10 1.45 1.61 6.57
N ASP A 11 2.39 2.54 6.66
CA ASP A 11 2.19 3.77 7.43
C ASP A 11 1.02 4.57 6.87
N ILE A 12 0.95 4.65 5.55
CA ILE A 12 -0.12 5.38 4.88
C ILE A 12 -1.43 4.59 4.91
N VAL A 13 -1.34 3.30 4.63
CA VAL A 13 -2.52 2.44 4.62
C VAL A 13 -3.18 2.41 6.00
N LYS A 14 -2.41 2.02 7.01
CA LYS A 14 -2.92 1.95 8.38
C LYS A 14 -3.54 3.27 8.79
N GLU A 15 -3.01 4.37 8.26
CA GLU A 15 -3.52 5.70 8.58
C GLU A 15 -4.90 5.90 7.98
N LYS A 16 -5.14 5.30 6.81
CA LYS A 16 -6.41 5.42 6.12
C LYS A 16 -7.43 4.45 6.70
N LEU A 17 -6.95 3.37 7.31
CA LEU A 17 -7.82 2.36 7.91
C LEU A 17 -8.02 2.64 9.40
N ALA A 18 -7.22 3.54 9.95
CA ALA A 18 -7.31 3.89 11.36
C ALA A 18 -6.33 5.01 11.71
N LEU A 19 -6.36 5.44 12.97
CA LEU A 19 -5.49 6.51 13.43
C LEU A 19 -4.05 6.01 13.53
N GLY A 20 -3.88 4.69 13.64
CA GLY A 20 -2.55 4.12 13.74
C GLY A 20 -2.07 4.02 15.17
N ALA A 21 -2.96 4.32 16.11
CA ALA A 21 -2.61 4.25 17.53
C ALA A 21 -2.83 2.86 18.09
N ASP A 22 -4.07 2.37 18.00
CA ASP A 22 -4.41 1.05 18.49
C ASP A 22 -4.46 0.03 17.35
N VAL A 23 -3.93 0.43 16.20
CA VAL A 23 -3.90 -0.43 15.03
C VAL A 23 -2.48 -0.68 14.56
N VAL A 24 -2.17 -1.94 14.22
CA VAL A 24 -0.85 -2.31 13.75
C VAL A 24 -0.92 -3.13 12.47
N VAL A 25 -0.21 -2.68 11.44
CA VAL A 25 -0.20 -3.38 10.16
C VAL A 25 1.18 -3.96 9.87
N THR A 26 1.19 -5.12 9.22
CA THR A 26 2.45 -5.79 8.88
C THR A 26 2.40 -6.34 7.46
N ALA A 27 3.57 -6.76 6.96
CA ALA A 27 3.66 -7.31 5.62
C ALA A 27 2.77 -8.53 5.46
N ASP A 28 2.48 -9.20 6.57
CA ASP A 28 1.63 -10.39 6.56
C ASP A 28 0.16 -10.01 6.62
N SER A 29 -0.11 -8.80 7.08
CA SER A 29 -1.48 -8.30 7.21
C SER A 29 -2.11 -8.10 5.83
N GLU A 30 -3.35 -8.55 5.68
CA GLU A 30 -4.06 -8.42 4.41
C GLU A 30 -4.96 -7.21 4.42
N PHE A 31 -4.95 -6.46 3.32
CA PHE A 31 -5.77 -5.25 3.21
C PHE A 31 -7.23 -5.56 3.53
N SER A 32 -7.68 -6.75 3.14
CA SER A 32 -9.05 -7.17 3.38
C SER A 32 -9.27 -7.48 4.86
N LYS A 33 -8.24 -8.02 5.51
CA LYS A 33 -8.32 -8.36 6.92
C LYS A 33 -8.22 -7.12 7.79
N LEU A 34 -7.46 -6.13 7.32
CA LEU A 34 -7.29 -4.89 8.06
C LEU A 34 -8.59 -4.10 8.12
N GLY A 35 -9.49 -4.39 7.19
CA GLY A 35 -10.78 -3.70 7.16
C GLY A 35 -10.87 -2.71 6.01
N ALA A 36 -10.02 -2.88 5.00
CA ALA A 36 -10.01 -2.00 3.84
C ALA A 36 -10.94 -2.51 2.75
N ASP A 37 -12.04 -1.80 2.54
CA ASP A 37 -13.01 -2.18 1.52
C ASP A 37 -12.57 -1.70 0.14
N SER A 38 -13.44 -1.88 -0.85
CA SER A 38 -13.13 -1.47 -2.22
C SER A 38 -12.90 0.04 -2.30
N LEU A 39 -13.62 0.78 -1.46
CA LEU A 39 -13.50 2.23 -1.43
C LEU A 39 -12.21 2.66 -0.73
N ASP A 40 -11.72 1.81 0.16
CA ASP A 40 -10.49 2.10 0.90
C ASP A 40 -9.26 1.76 0.06
N THR A 41 -9.22 0.53 -0.45
CA THR A 41 -8.10 0.08 -1.26
C THR A 41 -7.76 1.11 -2.34
N VAL A 42 -8.77 1.52 -3.10
CA VAL A 42 -8.58 2.50 -4.17
C VAL A 42 -7.86 3.74 -3.65
N GLU A 43 -8.15 4.11 -2.40
CA GLU A 43 -7.54 5.28 -1.79
C GLU A 43 -6.08 4.99 -1.41
N ILE A 44 -5.79 3.73 -1.11
CA ILE A 44 -4.45 3.33 -0.73
C ILE A 44 -3.46 3.58 -1.86
N VAL A 45 -3.89 3.27 -3.09
CA VAL A 45 -3.04 3.47 -4.26
C VAL A 45 -2.92 4.95 -4.61
N MET A 46 -4.00 5.68 -4.39
CA MET A 46 -4.02 7.12 -4.70
C MET A 46 -3.08 7.87 -3.76
N ASN A 47 -3.17 7.58 -2.48
CA ASN A 47 -2.32 8.25 -1.48
C ASN A 47 -0.87 7.83 -1.65
N LEU A 48 -0.66 6.58 -2.02
CA LEU A 48 0.69 6.04 -2.21
C LEU A 48 1.32 6.61 -3.49
N GLU A 49 0.57 6.57 -4.58
CA GLU A 49 1.05 7.08 -5.86
C GLU A 49 1.51 8.52 -5.72
N GLU A 50 0.88 9.27 -4.81
CA GLU A 50 1.23 10.67 -4.58
C GLU A 50 2.54 10.79 -3.81
N GLU A 51 2.79 9.83 -2.93
CA GLU A 51 4.00 9.81 -2.12
C GLU A 51 5.19 9.32 -2.93
N PHE A 52 5.03 8.16 -3.57
CA PHE A 52 6.09 7.59 -4.37
C PHE A 52 6.10 8.18 -5.78
N GLY A 53 5.16 9.09 -6.03
CA GLY A 53 5.08 9.72 -7.33
C GLY A 53 5.02 8.71 -8.46
N ILE A 54 4.51 7.52 -8.17
CA ILE A 54 4.41 6.46 -9.17
C ILE A 54 3.09 6.54 -9.93
N ASN A 55 2.87 5.60 -10.83
CA ASN A 55 1.64 5.57 -11.63
C ASN A 55 1.18 4.13 -11.85
N VAL A 56 0.06 3.76 -11.23
CA VAL A 56 -0.48 2.41 -11.37
C VAL A 56 -2.00 2.44 -11.29
N ASP A 57 -2.63 1.52 -12.02
CA ASP A 57 -4.09 1.43 -12.04
C ASP A 57 -4.58 0.35 -11.07
N GLU A 58 -5.79 0.52 -10.57
CA GLU A 58 -6.37 -0.44 -9.63
C GLU A 58 -6.38 -1.84 -10.23
N ASP A 59 -6.76 -1.94 -11.50
CA ASP A 59 -6.81 -3.23 -12.18
C ASP A 59 -5.46 -3.93 -12.11
N LYS A 60 -4.39 -3.16 -12.00
CA LYS A 60 -3.05 -3.72 -11.91
C LYS A 60 -2.73 -4.15 -10.49
N ALA A 61 -3.40 -3.52 -9.52
CA ALA A 61 -3.19 -3.85 -8.12
C ALA A 61 -4.24 -4.83 -7.61
N GLN A 62 -4.77 -5.63 -8.53
CA GLN A 62 -5.79 -6.62 -8.19
C GLN A 62 -5.18 -7.79 -7.43
N ASP A 63 -4.11 -8.34 -7.97
CA ASP A 63 -3.43 -9.48 -7.36
C ASP A 63 -2.96 -9.12 -5.94
N ILE A 64 -2.76 -7.83 -5.70
CA ILE A 64 -2.31 -7.37 -4.40
C ILE A 64 -3.21 -7.91 -3.29
N SER A 65 -2.58 -8.46 -2.25
CA SER A 65 -3.32 -9.01 -1.12
C SER A 65 -2.83 -8.42 0.19
N THR A 66 -1.52 -8.45 0.40
CA THR A 66 -0.92 -7.92 1.63
C THR A 66 -0.08 -6.68 1.32
N ILE A 67 0.37 -6.01 2.38
CA ILE A 67 1.19 -4.81 2.24
C ILE A 67 2.38 -5.07 1.32
N GLN A 68 3.08 -6.18 1.57
CA GLN A 68 4.24 -6.54 0.76
C GLN A 68 3.89 -6.54 -0.72
N GLN A 69 2.77 -7.17 -1.06
CA GLN A 69 2.33 -7.26 -2.45
C GLN A 69 2.28 -5.87 -3.09
N ALA A 70 1.72 -4.91 -2.36
CA ALA A 70 1.62 -3.55 -2.86
C ALA A 70 2.98 -2.85 -2.87
N ALA A 71 3.85 -3.26 -1.96
CA ALA A 71 5.18 -2.69 -1.86
C ALA A 71 6.07 -3.17 -3.00
N ASP A 72 5.81 -4.40 -3.46
CA ASP A 72 6.60 -4.98 -4.55
C ASP A 72 6.28 -4.29 -5.87
N VAL A 73 5.02 -3.88 -6.04
CA VAL A 73 4.59 -3.22 -7.25
C VAL A 73 5.08 -1.78 -7.30
N ILE A 74 4.91 -1.07 -6.19
CA ILE A 74 5.34 0.32 -6.11
C ILE A 74 6.84 0.45 -6.34
N GLU A 75 7.62 -0.25 -5.52
CA GLU A 75 9.07 -0.22 -5.63
C GLU A 75 9.51 -0.54 -7.05
N GLY A 76 8.73 -1.37 -7.74
CA GLY A 76 9.05 -1.73 -9.10
C GLY A 76 8.98 -0.57 -10.06
N LEU A 77 8.15 0.42 -9.73
CA LEU A 77 7.98 1.60 -10.58
C LEU A 77 9.13 2.58 -10.34
N LEU A 78 9.55 2.71 -9.09
CA LEU A 78 10.64 3.61 -8.73
C LEU A 78 11.85 3.39 -9.63
N GLU A 79 12.04 2.15 -10.06
CA GLU A 79 13.17 1.81 -10.93
C GLU A 79 13.00 2.46 -12.30
N LYS A 80 11.78 2.48 -12.81
CA LYS A 80 11.49 3.08 -14.10
C LYS A 80 11.85 4.57 -14.11
N LYS A 81 11.76 5.19 -12.95
CA LYS A 81 12.08 6.61 -12.82
C LYS A 81 13.55 6.88 -13.11
N ALA A 82 13.93 8.15 -13.08
CA ALA A 82 15.31 8.53 -13.34
C ALA A 82 15.75 8.11 -14.74
N ALA A 1 10.95 -5.97 -2.68
CA ALA A 1 10.77 -4.78 -1.84
C ALA A 1 11.70 -4.80 -0.64
N LYS A 2 11.80 -3.67 0.05
CA LYS A 2 12.65 -3.56 1.23
C LYS A 2 11.83 -3.23 2.47
N LYS A 3 12.37 -3.56 3.63
CA LYS A 3 11.68 -3.30 4.89
C LYS A 3 11.35 -1.82 5.03
N GLU A 4 12.16 -0.97 4.41
CA GLU A 4 11.95 0.47 4.47
C GLU A 4 10.68 0.87 3.71
N THR A 5 10.48 0.27 2.55
CA THR A 5 9.31 0.55 1.73
C THR A 5 8.03 0.10 2.42
N ILE A 6 8.05 -1.13 2.94
CA ILE A 6 6.89 -1.68 3.63
C ILE A 6 6.41 -0.74 4.73
N ASP A 7 7.36 -0.11 5.42
CA ASP A 7 7.04 0.81 6.51
C ASP A 7 6.30 2.03 5.98
N LYS A 8 6.74 2.53 4.82
CA LYS A 8 6.13 3.69 4.20
C LYS A 8 4.68 3.42 3.84
N VAL A 9 4.46 2.36 3.06
CA VAL A 9 3.11 1.98 2.64
C VAL A 9 2.23 1.69 3.85
N SER A 10 2.76 0.91 4.80
CA SER A 10 2.02 0.55 5.99
C SER A 10 1.59 1.80 6.76
N ASP A 11 2.48 2.77 6.84
CA ASP A 11 2.19 4.02 7.55
C ASP A 11 0.95 4.69 6.97
N ILE A 12 0.88 4.74 5.65
CA ILE A 12 -0.26 5.37 4.96
C ILE A 12 -1.50 4.50 5.07
N VAL A 13 -1.34 3.21 4.78
CA VAL A 13 -2.45 2.26 4.84
C VAL A 13 -3.11 2.27 6.21
N LYS A 14 -2.32 1.96 7.24
CA LYS A 14 -2.83 1.95 8.61
C LYS A 14 -3.49 3.27 8.97
N GLU A 15 -2.98 4.36 8.40
CA GLU A 15 -3.51 5.68 8.65
C GLU A 15 -4.90 5.85 8.03
N LYS A 16 -5.12 5.15 6.92
CA LYS A 16 -6.41 5.21 6.23
C LYS A 16 -7.42 4.28 6.89
N LEU A 17 -6.93 3.25 7.56
CA LEU A 17 -7.79 2.28 8.24
C LEU A 17 -7.96 2.65 9.70
N ALA A 18 -7.14 3.57 10.18
CA ALA A 18 -7.21 4.01 11.57
C ALA A 18 -6.19 5.10 11.85
N LEU A 19 -6.05 5.46 13.12
CA LEU A 19 -5.10 6.50 13.52
C LEU A 19 -3.67 5.98 13.47
N GLY A 20 -3.52 4.66 13.53
CA GLY A 20 -2.19 4.06 13.47
C GLY A 20 -1.71 3.64 14.84
N ALA A 21 -2.25 4.25 15.88
CA ALA A 21 -1.85 3.93 17.26
C ALA A 21 -2.72 2.82 17.83
N ASP A 22 -3.93 2.68 17.29
CA ASP A 22 -4.86 1.66 17.75
C ASP A 22 -4.96 0.51 16.73
N VAL A 23 -4.15 0.60 15.68
CA VAL A 23 -4.15 -0.42 14.63
C VAL A 23 -2.73 -0.88 14.32
N VAL A 24 -2.56 -2.19 14.17
CA VAL A 24 -1.25 -2.76 13.85
C VAL A 24 -1.25 -3.42 12.49
N VAL A 25 -0.45 -2.89 11.57
CA VAL A 25 -0.35 -3.44 10.22
C VAL A 25 1.03 -4.04 9.97
N THR A 26 1.05 -5.15 9.25
CA THR A 26 2.31 -5.83 8.94
C THR A 26 2.34 -6.30 7.48
N ALA A 27 3.50 -6.71 7.02
CA ALA A 27 3.66 -7.19 5.65
C ALA A 27 2.78 -8.41 5.39
N ASP A 28 2.46 -9.14 6.44
CA ASP A 28 1.62 -10.33 6.32
C ASP A 28 0.15 -9.96 6.38
N SER A 29 -0.14 -8.78 6.93
CA SER A 29 -1.52 -8.32 7.05
C SER A 29 -2.16 -8.12 5.68
N GLU A 30 -3.40 -8.56 5.54
CA GLU A 30 -4.11 -8.44 4.28
C GLU A 30 -5.08 -7.26 4.32
N PHE A 31 -5.07 -6.46 3.24
CA PHE A 31 -5.94 -5.29 3.16
C PHE A 31 -7.39 -5.68 3.44
N SER A 32 -7.75 -6.92 3.11
CA SER A 32 -9.10 -7.40 3.32
C SER A 32 -9.35 -7.70 4.79
N LYS A 33 -8.34 -8.27 5.45
CA LYS A 33 -8.44 -8.61 6.86
C LYS A 33 -8.36 -7.36 7.73
N LEU A 34 -7.57 -6.38 7.29
CA LEU A 34 -7.41 -5.13 8.02
C LEU A 34 -8.70 -4.34 8.04
N GLY A 35 -9.58 -4.62 7.09
CA GLY A 35 -10.85 -3.93 7.01
C GLY A 35 -10.97 -3.07 5.77
N ALA A 36 -9.84 -2.79 5.14
CA ALA A 36 -9.82 -1.98 3.92
C ALA A 36 -10.73 -2.57 2.85
N ASP A 37 -11.83 -1.89 2.58
CA ASP A 37 -12.78 -2.35 1.58
C ASP A 37 -12.36 -1.91 0.18
N SER A 38 -13.23 -2.13 -0.80
CA SER A 38 -12.93 -1.77 -2.18
C SER A 38 -12.75 -0.26 -2.32
N LEU A 39 -13.51 0.50 -1.55
CA LEU A 39 -13.43 1.95 -1.59
C LEU A 39 -12.18 2.45 -0.88
N ASP A 40 -11.67 1.64 0.05
CA ASP A 40 -10.47 2.01 0.78
C ASP A 40 -9.22 1.68 -0.01
N THR A 41 -9.13 0.44 -0.49
CA THR A 41 -7.98 -0.01 -1.27
C THR A 41 -7.66 0.99 -2.37
N VAL A 42 -8.66 1.34 -3.17
CA VAL A 42 -8.48 2.29 -4.26
C VAL A 42 -7.82 3.57 -3.77
N GLU A 43 -8.14 3.98 -2.54
CA GLU A 43 -7.57 5.18 -1.96
C GLU A 43 -6.13 4.96 -1.54
N ILE A 44 -5.80 3.72 -1.17
CA ILE A 44 -4.45 3.38 -0.75
C ILE A 44 -3.45 3.63 -1.87
N VAL A 45 -3.86 3.36 -3.11
CA VAL A 45 -2.99 3.57 -4.26
C VAL A 45 -2.85 5.05 -4.59
N MET A 46 -3.92 5.80 -4.35
CA MET A 46 -3.92 7.23 -4.61
C MET A 46 -2.93 7.95 -3.69
N ASN A 47 -3.03 7.68 -2.40
CA ASN A 47 -2.15 8.30 -1.41
C ASN A 47 -0.70 7.92 -1.66
N LEU A 48 -0.48 6.64 -1.97
CA LEU A 48 0.88 6.15 -2.23
C LEU A 48 1.44 6.78 -3.50
N GLU A 49 0.66 6.77 -4.57
CA GLU A 49 1.09 7.34 -5.84
C GLU A 49 1.52 8.80 -5.66
N GLU A 50 0.80 9.52 -4.82
CA GLU A 50 1.12 10.93 -4.56
C GLU A 50 2.35 11.06 -3.66
N GLU A 51 2.58 10.05 -2.83
CA GLU A 51 3.71 10.04 -1.93
C GLU A 51 5.01 9.76 -2.68
N PHE A 52 5.01 8.69 -3.46
CA PHE A 52 6.19 8.32 -4.23
C PHE A 52 6.15 8.94 -5.63
N GLY A 53 5.18 9.82 -5.84
CA GLY A 53 5.04 10.47 -7.13
C GLY A 53 5.01 9.47 -8.28
N ILE A 54 4.53 8.27 -8.00
CA ILE A 54 4.44 7.23 -9.02
C ILE A 54 3.05 7.15 -9.61
N ASN A 55 2.85 6.21 -10.53
CA ASN A 55 1.56 6.02 -11.18
C ASN A 55 1.31 4.55 -11.50
N VAL A 56 0.14 4.05 -11.09
CA VAL A 56 -0.22 2.66 -11.32
C VAL A 56 -1.72 2.50 -11.47
N ASP A 57 -2.14 1.55 -12.30
CA ASP A 57 -3.56 1.30 -12.53
C ASP A 57 -4.12 0.37 -11.46
N GLU A 58 -5.42 0.48 -11.20
CA GLU A 58 -6.07 -0.35 -10.19
C GLU A 58 -6.12 -1.80 -10.65
N ASP A 59 -6.41 -2.02 -11.93
CA ASP A 59 -6.49 -3.36 -12.48
C ASP A 59 -5.19 -4.13 -12.24
N LYS A 60 -4.09 -3.39 -12.10
CA LYS A 60 -2.79 -3.99 -11.88
C LYS A 60 -2.60 -4.32 -10.40
N ALA A 61 -3.31 -3.61 -9.53
CA ALA A 61 -3.23 -3.83 -8.10
C ALA A 61 -4.33 -4.76 -7.62
N GLN A 62 -4.78 -5.64 -8.50
CA GLN A 62 -5.83 -6.58 -8.16
C GLN A 62 -5.29 -7.75 -7.34
N ASP A 63 -4.23 -8.37 -7.84
CA ASP A 63 -3.60 -9.49 -7.16
C ASP A 63 -3.13 -9.09 -5.76
N ILE A 64 -2.91 -7.79 -5.57
CA ILE A 64 -2.46 -7.28 -4.29
C ILE A 64 -3.36 -7.77 -3.15
N SER A 65 -2.73 -8.30 -2.11
CA SER A 65 -3.48 -8.81 -0.96
C SER A 65 -2.96 -8.20 0.34
N THR A 66 -1.65 -8.31 0.54
CA THR A 66 -1.02 -7.77 1.75
C THR A 66 -0.18 -6.55 1.42
N ILE A 67 0.33 -5.89 2.46
CA ILE A 67 1.16 -4.70 2.28
C ILE A 67 2.33 -4.97 1.36
N GLN A 68 3.03 -6.08 1.61
CA GLN A 68 4.18 -6.46 0.80
C GLN A 68 3.81 -6.48 -0.68
N GLN A 69 2.68 -7.10 -1.00
CA GLN A 69 2.21 -7.19 -2.38
C GLN A 69 2.16 -5.81 -3.03
N ALA A 70 1.64 -4.84 -2.29
CA ALA A 70 1.53 -3.48 -2.79
C ALA A 70 2.90 -2.80 -2.83
N ALA A 71 3.79 -3.23 -1.95
CA ALA A 71 5.14 -2.67 -1.90
C ALA A 71 5.99 -3.15 -3.06
N ASP A 72 5.82 -4.40 -3.44
CA ASP A 72 6.57 -4.98 -4.55
C ASP A 72 6.22 -4.30 -5.85
N VAL A 73 4.97 -3.85 -5.97
CA VAL A 73 4.52 -3.17 -7.19
C VAL A 73 5.04 -1.74 -7.25
N ILE A 74 4.95 -1.04 -6.12
CA ILE A 74 5.42 0.33 -6.04
C ILE A 74 6.92 0.42 -6.26
N GLU A 75 7.67 -0.33 -5.47
CA GLU A 75 9.13 -0.34 -5.57
C GLU A 75 9.57 -0.63 -7.00
N GLY A 76 8.75 -1.40 -7.71
CA GLY A 76 9.07 -1.74 -9.09
C GLY A 76 9.06 -0.53 -10.00
N LEU A 77 8.28 0.48 -9.64
CA LEU A 77 8.19 1.70 -10.44
C LEU A 77 9.38 2.61 -10.18
N LEU A 78 9.89 2.57 -8.95
CA LEU A 78 11.02 3.40 -8.56
C LEU A 78 12.17 3.26 -9.56
N GLU A 79 12.49 2.01 -9.91
CA GLU A 79 13.57 1.74 -10.86
C GLU A 79 13.11 2.02 -12.28
N LYS A 80 11.81 1.87 -12.53
CA LYS A 80 11.25 2.10 -13.85
C LYS A 80 11.37 3.57 -14.24
N LYS A 81 10.91 4.45 -13.36
CA LYS A 81 10.97 5.89 -13.61
C LYS A 81 12.41 6.38 -13.59
N ALA A 82 12.60 7.64 -13.97
CA ALA A 82 13.94 8.24 -13.99
C ALA A 82 14.89 7.43 -14.86
N ALA A 1 10.20 -6.11 -2.62
CA ALA A 1 10.48 -4.84 -1.95
C ALA A 1 11.34 -5.06 -0.71
N LYS A 2 11.65 -3.98 0.00
CA LYS A 2 12.45 -4.05 1.21
C LYS A 2 11.61 -3.73 2.45
N LYS A 3 12.18 -4.00 3.61
CA LYS A 3 11.48 -3.75 4.87
C LYS A 3 11.20 -2.26 5.05
N GLU A 4 12.04 -1.43 4.42
CA GLU A 4 11.88 0.02 4.51
C GLU A 4 10.68 0.49 3.67
N THR A 5 10.58 -0.04 2.46
CA THR A 5 9.50 0.32 1.56
C THR A 5 8.15 -0.10 2.13
N ILE A 6 8.12 -1.25 2.79
CA ILE A 6 6.90 -1.77 3.38
C ILE A 6 6.40 -0.87 4.50
N ASP A 7 7.34 -0.32 5.26
CA ASP A 7 6.99 0.57 6.37
C ASP A 7 6.33 1.84 5.85
N LYS A 8 6.85 2.37 4.75
CA LYS A 8 6.31 3.59 4.14
C LYS A 8 4.86 3.39 3.74
N VAL A 9 4.57 2.29 3.05
CA VAL A 9 3.22 1.98 2.61
C VAL A 9 2.30 1.73 3.79
N SER A 10 2.67 0.78 4.64
CA SER A 10 1.88 0.42 5.81
C SER A 10 1.57 1.68 6.64
N ASP A 11 2.54 2.58 6.72
CA ASP A 11 2.37 3.81 7.48
C ASP A 11 1.18 4.61 6.97
N ILE A 12 1.04 4.68 5.65
CA ILE A 12 -0.06 5.41 5.04
C ILE A 12 -1.35 4.60 5.06
N VAL A 13 -1.24 3.32 4.69
CA VAL A 13 -2.40 2.43 4.69
C VAL A 13 -3.12 2.44 6.03
N LYS A 14 -2.39 2.09 7.08
CA LYS A 14 -2.96 2.06 8.43
C LYS A 14 -3.59 3.40 8.77
N GLU A 15 -3.04 4.48 8.23
CA GLU A 15 -3.57 5.82 8.48
C GLU A 15 -4.95 5.98 7.86
N LYS A 16 -5.20 5.27 6.77
CA LYS A 16 -6.47 5.34 6.07
C LYS A 16 -7.50 4.44 6.75
N LEU A 17 -7.02 3.42 7.45
CA LEU A 17 -7.90 2.49 8.14
C LEU A 17 -8.07 2.88 9.60
N ALA A 18 -7.24 3.80 10.06
CA ALA A 18 -7.30 4.26 11.44
C ALA A 18 -6.26 5.35 11.70
N LEU A 19 -6.12 5.74 12.96
CA LEU A 19 -5.15 6.78 13.35
C LEU A 19 -3.73 6.25 13.23
N GLY A 20 -3.58 4.93 13.27
CA GLY A 20 -2.26 4.32 13.17
C GLY A 20 -1.72 3.87 14.52
N ALA A 21 -2.30 4.41 15.60
CA ALA A 21 -1.88 4.05 16.94
C ALA A 21 -2.77 2.96 17.53
N ASP A 22 -4.00 2.88 17.03
CA ASP A 22 -4.95 1.88 17.52
C ASP A 22 -5.10 0.75 16.50
N VAL A 23 -4.19 0.70 15.54
CA VAL A 23 -4.22 -0.33 14.51
C VAL A 23 -2.85 -0.98 14.33
N VAL A 24 -2.84 -2.26 13.96
CA VAL A 24 -1.60 -2.99 13.76
C VAL A 24 -1.50 -3.51 12.33
N VAL A 25 -0.60 -2.91 11.55
CA VAL A 25 -0.39 -3.32 10.17
C VAL A 25 1.00 -3.90 9.96
N THR A 26 1.11 -4.87 9.06
CA THR A 26 2.39 -5.50 8.77
C THR A 26 2.40 -6.10 7.37
N ALA A 27 3.59 -6.50 6.91
CA ALA A 27 3.73 -7.09 5.58
C ALA A 27 2.88 -8.34 5.44
N ASP A 28 2.58 -8.98 6.57
CA ASP A 28 1.77 -10.19 6.57
C ASP A 28 0.29 -9.85 6.71
N SER A 29 0.00 -8.66 7.19
CA SER A 29 -1.39 -8.22 7.37
C SER A 29 -2.03 -7.89 6.03
N GLU A 30 -3.12 -8.57 5.73
CA GLU A 30 -3.83 -8.35 4.47
C GLU A 30 -4.80 -7.17 4.59
N PHE A 31 -4.87 -6.36 3.55
CA PHE A 31 -5.76 -5.20 3.53
C PHE A 31 -7.18 -5.59 3.91
N SER A 32 -7.56 -6.81 3.54
CA SER A 32 -8.90 -7.30 3.84
C SER A 32 -9.09 -7.51 5.34
N LYS A 33 -8.04 -7.99 6.00
CA LYS A 33 -8.09 -8.22 7.43
C LYS A 33 -7.95 -6.91 8.21
N LEU A 34 -7.17 -5.99 7.65
CA LEU A 34 -6.96 -4.69 8.29
C LEU A 34 -8.24 -3.88 8.31
N GLY A 35 -9.18 -4.24 7.44
CA GLY A 35 -10.45 -3.53 7.37
C GLY A 35 -10.63 -2.80 6.06
N ALA A 36 -9.57 -2.75 5.25
CA ALA A 36 -9.62 -2.08 3.96
C ALA A 36 -10.19 -3.00 2.88
N ASP A 37 -11.40 -2.69 2.42
CA ASP A 37 -12.05 -3.48 1.39
C ASP A 37 -11.67 -2.98 -0.01
N SER A 38 -12.27 -3.59 -1.02
CA SER A 38 -12.00 -3.20 -2.40
C SER A 38 -12.30 -1.73 -2.63
N LEU A 39 -13.17 -1.17 -1.79
CA LEU A 39 -13.55 0.23 -1.89
C LEU A 39 -12.50 1.12 -1.27
N ASP A 40 -11.87 0.66 -0.19
CA ASP A 40 -10.84 1.42 0.49
C ASP A 40 -9.50 1.27 -0.21
N THR A 41 -9.27 0.10 -0.80
CA THR A 41 -8.03 -0.16 -1.51
C THR A 41 -7.70 0.96 -2.49
N VAL A 42 -8.70 1.38 -3.26
CA VAL A 42 -8.51 2.45 -4.23
C VAL A 42 -7.90 3.69 -3.58
N GLU A 43 -8.27 3.93 -2.32
CA GLU A 43 -7.76 5.07 -1.59
C GLU A 43 -6.32 4.84 -1.14
N ILE A 44 -5.98 3.58 -0.92
CA ILE A 44 -4.63 3.22 -0.49
C ILE A 44 -3.62 3.46 -1.60
N VAL A 45 -4.04 3.24 -2.84
CA VAL A 45 -3.17 3.45 -3.99
C VAL A 45 -2.92 4.92 -4.25
N MET A 46 -4.00 5.67 -4.44
CA MET A 46 -3.89 7.11 -4.69
C MET A 46 -3.04 7.79 -3.63
N ASN A 47 -3.14 7.31 -2.39
CA ASN A 47 -2.37 7.87 -1.29
C ASN A 47 -0.88 7.57 -1.45
N LEU A 48 -0.58 6.38 -1.97
CA LEU A 48 0.81 5.98 -2.18
C LEU A 48 1.40 6.69 -3.39
N GLU A 49 0.63 6.78 -4.46
CA GLU A 49 1.09 7.44 -5.68
C GLU A 49 1.56 8.85 -5.39
N GLU A 50 0.87 9.52 -4.47
CA GLU A 50 1.20 10.89 -4.10
C GLU A 50 2.45 10.93 -3.23
N GLU A 51 2.65 9.87 -2.45
CA GLU A 51 3.81 9.78 -1.56
C GLU A 51 5.08 9.53 -2.36
N PHE A 52 5.04 8.52 -3.23
CA PHE A 52 6.19 8.17 -4.05
C PHE A 52 6.15 8.89 -5.39
N GLY A 53 5.20 9.81 -5.52
CA GLY A 53 5.05 10.57 -6.76
C GLY A 53 4.98 9.66 -7.98
N ILE A 54 4.39 8.49 -7.81
CA ILE A 54 4.26 7.54 -8.90
C ILE A 54 2.82 7.47 -9.41
N ASN A 55 2.59 6.65 -10.43
CA ASN A 55 1.26 6.50 -11.00
C ASN A 55 1.02 5.06 -11.45
N VAL A 56 -0.08 4.47 -10.98
CA VAL A 56 -0.43 3.10 -11.33
C VAL A 56 -1.94 2.90 -11.34
N ASP A 57 -2.40 2.01 -12.20
CA ASP A 57 -3.82 1.72 -12.31
C ASP A 57 -4.25 0.67 -11.29
N GLU A 58 -5.52 0.72 -10.90
CA GLU A 58 -6.04 -0.22 -9.92
C GLU A 58 -6.15 -1.63 -10.51
N ASP A 59 -6.48 -1.70 -11.80
CA ASP A 59 -6.62 -2.97 -12.49
C ASP A 59 -5.34 -3.80 -12.35
N LYS A 60 -4.21 -3.11 -12.22
CA LYS A 60 -2.93 -3.78 -12.09
C LYS A 60 -2.65 -4.16 -10.63
N ALA A 61 -3.32 -3.47 -9.71
CA ALA A 61 -3.17 -3.74 -8.29
C ALA A 61 -4.23 -4.69 -7.78
N GLN A 62 -4.68 -5.60 -8.66
CA GLN A 62 -5.71 -6.56 -8.30
C GLN A 62 -5.14 -7.64 -7.37
N ASP A 63 -4.04 -8.24 -7.77
CA ASP A 63 -3.40 -9.28 -6.97
C ASP A 63 -3.04 -8.76 -5.58
N ILE A 64 -2.88 -7.44 -5.48
CA ILE A 64 -2.54 -6.81 -4.21
C ILE A 64 -3.48 -7.27 -3.09
N SER A 65 -2.93 -7.97 -2.11
CA SER A 65 -3.72 -8.47 -0.99
C SER A 65 -3.12 -8.03 0.34
N THR A 66 -1.79 -8.03 0.40
CA THR A 66 -1.08 -7.63 1.61
C THR A 66 -0.23 -6.39 1.37
N ILE A 67 0.23 -5.77 2.45
CA ILE A 67 1.05 -4.57 2.36
C ILE A 67 2.23 -4.79 1.42
N GLN A 68 2.91 -5.94 1.58
CA GLN A 68 4.05 -6.27 0.75
C GLN A 68 3.68 -6.24 -0.73
N GLN A 69 2.56 -6.87 -1.07
CA GLN A 69 2.10 -6.92 -2.45
C GLN A 69 2.01 -5.52 -3.04
N ALA A 70 1.42 -4.60 -2.28
CA ALA A 70 1.27 -3.22 -2.73
C ALA A 70 2.61 -2.52 -2.80
N ALA A 71 3.55 -2.95 -1.96
CA ALA A 71 4.89 -2.37 -1.93
C ALA A 71 5.70 -2.80 -3.13
N ASP A 72 5.61 -4.08 -3.48
CA ASP A 72 6.34 -4.62 -4.61
C ASP A 72 6.01 -3.87 -5.90
N VAL A 73 4.71 -3.69 -6.15
CA VAL A 73 4.25 -2.99 -7.33
C VAL A 73 4.85 -1.59 -7.41
N ILE A 74 4.85 -0.88 -6.29
CA ILE A 74 5.41 0.47 -6.23
C ILE A 74 6.87 0.47 -6.63
N GLU A 75 7.67 -0.37 -5.97
CA GLU A 75 9.10 -0.47 -6.26
C GLU A 75 9.33 -0.68 -7.75
N GLY A 76 8.44 -1.41 -8.39
CA GLY A 76 8.56 -1.68 -9.82
C GLY A 76 8.54 -0.41 -10.65
N LEU A 77 7.85 0.62 -10.15
CA LEU A 77 7.75 1.88 -10.86
C LEU A 77 9.01 2.73 -10.65
N LEU A 78 9.53 2.70 -9.43
CA LEU A 78 10.73 3.46 -9.10
C LEU A 78 11.85 3.17 -10.09
N GLU A 79 11.98 1.90 -10.46
CA GLU A 79 13.01 1.50 -11.41
C GLU A 79 12.87 2.24 -12.73
N LYS A 80 11.63 2.50 -13.13
CA LYS A 80 11.36 3.22 -14.37
C LYS A 80 11.99 4.61 -14.35
N LYS A 81 11.61 5.40 -13.35
CA LYS A 81 12.14 6.76 -13.21
C LYS A 81 13.64 6.73 -12.95
N ALA A 82 14.09 5.71 -12.25
CA ALA A 82 15.51 5.56 -11.92
C ALA A 82 16.06 4.27 -12.51
#